data_9FFO
#
_entry.id   9FFO
#
_cell.length_a   1.00
_cell.length_b   1.00
_cell.length_c   1.00
_cell.angle_alpha   90.00
_cell.angle_beta   90.00
_cell.angle_gamma   90.00
#
_symmetry.space_group_name_H-M   'P 1'
#
loop_
_entity.id
_entity.type
_entity.pdbx_description
1 polymer 'Gamma-aminobutyric acid receptor subunit alpha-1'
2 polymer 'Gamma-aminobutyric acid receptor subunit beta-3'
3 polymer 'Megabody25,Outer membrane protein'
4 branched alpha-D-mannopyranose-(1-3)-[alpha-D-mannopyranose-(1-6)]beta-D-mannopyranose-(1-4)-2-acetamido-2-deoxy-beta-D-glucopyranose-(1-4)-2-acetamido-2-deoxy-beta-D-glucopyranose
5 branched 2-acetamido-2-deoxy-beta-D-glucopyranose-(1-4)-2-acetamido-2-deoxy-beta-D-glucopyranose
6 non-polymer '(2S)-3-(hexadecanoyloxy)-2-[(9Z)-octadec-9-enoyloxy]propyl 2-(trimethylammonio)ethyl phosphate'
7 non-polymer 'GAMMA-AMINO-BUTANOIC ACID'
8 non-polymer DECANE
#
loop_
_entity_poly.entity_id
_entity_poly.type
_entity_poly.pdbx_seq_one_letter_code
_entity_poly.pdbx_strand_id
1 'polypeptide(L)'
;MDEKTTGWRGGHVVEGLAGELEQLRARLEHHPQGQREPDYDIPTTENLYFQGTGQPSQDELKDNTTVFTRILDRLLDGYD
NRLRPGLGERVTEVKTDIFVTSFGPVSDHDMEYTIDVFFRQSWKDERLKFKGPMTVLRLNNLMASKIWTPDTFFHNGKKS
VAHNMTMPNKLLRITEDGTLLYTMRLTVRAECPMHLEDFPMDAHACPLKFGSYAYTRAEVVYEWTREPARSVVVAEDGSR
LNQYDLLGQTVDSGIVQSSTGEYVVMTTHFHLKRKIGYFVIQTYLPCIMTVILSQVSFWLNRESVPARTVFGVTTVLTMT
TLSISARNSLPKVAYATAMDWFIAVCYAFVFSALIEFATVNYFTKSQPARAAKIDRLSRIAFPLLFGIFNLVYWATYLNR
EPQLKAPTPHQ
;
D,A
2 'polypeptide(L)'
;MDEKTTGWRGGHVVEGLAGELEQLRARLEHHPQGQREPDYDIPTTENLYFQGTGQSVNDPGNMSFVKETVDKLLKGYDIR
LRPDFGGPPVCVGMNIDIASIDMVSEVNMDYTLTMYFQQYWRDKRLAYSGIPLNLTLDNRVADQLWVPDTYFLNDKKSFV
HGVTVKNRMIRLHPDGTVLYGLRITTTAACMMDLRRYPLDEQNCTLEIESYGYTTDDIEFYWRGGDKAVTGVERIELPQF
SIVEHRLVSRNVVFATGAYPRLSLSFRLKRNIGYFILQTYMPSILITILSWVSFWINYDASAARVALGITTVLTMTTINT
HLRETLPKIPYVKAIDMYLMGCFVFVFLALLEYAFVNYIFFSQPARAAAIDRWSRIVFPFTFSLFNLVYWLYYVN
;
E,B,C
3 'polypeptide(L)'
;QVQLVESGGGLVQTKTTTSVIDTTNDAQNLLTQAQTIVNTLKDYCPILIAKSSSSNGGTNNANTPSWQTAGGGKNSCATF
GAEFSAASDMINNAQKIVQETQQLSANQPKNITQPHNLNLNSPSSLTALAQKMLKNAQSQAEILKLANQVESDFNKLSSG
HLKDYIGKCDASAISSANMTMQNQKNNWGNGCAGVEETQSLLKTSAADFNNQTPQINQAQNLANTLIQELGNNTYEQLSR
LLTNDNGTNSKTSAQAINQAVNNLNERAKTLAGGTTNSPAYQATLLALRSVLGLWNSMGYAVICGGYTKSPGENNQKDFH
YTDENGNGTTINCGGSTNSNGTHSYNGTNTLKADKNVSLSIEQYEKIHEAYQILSKALKQAGLAPLNSKGEKLEAHVTTS
KYGSLRLSCAASGHTFNYPIMGWFRQAPGKEREFVGAISWSGGSTSYADSVKDRFTISRDNAKNTVYLEMNNLKPEDTAV
YYCAAKGRYSGGLYYPTNYDYWGQGTQVTVSSHHHHHHEPEA
;
F
#
loop_
_chem_comp.id
_chem_comp.type
_chem_comp.name
_chem_comp.formula
ABU non-polymer 'GAMMA-AMINO-BUTANOIC ACID' 'C4 H9 N O2'
BMA D-saccharide, beta linking beta-D-mannopyranose 'C6 H12 O6'
D10 non-polymer DECANE 'C10 H22'
MAN D-saccharide, alpha linking alpha-D-mannopyranose 'C6 H12 O6'
NAG D-saccharide, beta linking 2-acetamido-2-deoxy-beta-D-glucopyranose 'C8 H15 N O6'
POV non-polymer '(2S)-3-(hexadecanoyloxy)-2-[(9Z)-octadec-9-enoyloxy]propyl 2-(trimethylammonio)ethyl phosphate' 'C42 H82 N O8 P'
#
# COMPACT_ATOMS: atom_id res chain seq x y z
N THR A 65 3.84 18.81 -50.62
CA THR A 65 3.78 17.77 -49.62
C THR A 65 4.26 16.44 -50.17
N THR A 66 3.92 16.15 -51.43
CA THR A 66 4.33 14.90 -52.05
C THR A 66 5.85 14.83 -52.19
N VAL A 67 6.52 15.97 -52.35
CA VAL A 67 7.98 15.97 -52.42
C VAL A 67 8.58 15.46 -51.12
N PHE A 68 8.04 15.91 -49.98
CA PHE A 68 8.56 15.46 -48.70
C PHE A 68 8.26 13.98 -48.47
N THR A 69 7.10 13.51 -48.93
CA THR A 69 6.81 12.08 -48.84
C THR A 69 7.80 11.27 -49.67
N ARG A 70 8.13 11.75 -50.87
CA ARG A 70 9.15 11.07 -51.68
C ARG A 70 10.49 11.06 -50.97
N ILE A 71 10.87 12.18 -50.36
CA ILE A 71 12.16 12.27 -49.67
C ILE A 71 12.20 11.28 -48.52
N LEU A 72 11.13 11.22 -47.72
CA LEU A 72 11.10 10.30 -46.59
C LEU A 72 11.12 8.84 -47.05
N ASP A 73 10.39 8.52 -48.11
CA ASP A 73 10.40 7.16 -48.63
C ASP A 73 11.79 6.78 -49.13
N ARG A 74 12.47 7.70 -49.81
CA ARG A 74 13.83 7.43 -50.27
C ARG A 74 14.78 7.24 -49.10
N LEU A 75 14.65 8.07 -48.07
CA LEU A 75 15.54 7.94 -46.90
C LEU A 75 15.32 6.62 -46.18
N LEU A 76 14.07 6.20 -46.04
CA LEU A 76 13.75 4.97 -45.32
C LEU A 76 13.84 3.72 -46.19
N ASP A 77 14.16 3.87 -47.47
CA ASP A 77 14.31 2.72 -48.35
C ASP A 77 15.72 2.16 -48.22
N GLY A 78 15.81 0.87 -47.88
CA GLY A 78 17.10 0.25 -47.65
C GLY A 78 17.75 0.58 -46.33
N TYR A 79 17.04 1.28 -45.45
CA TYR A 79 17.59 1.63 -44.14
C TYR A 79 17.38 0.47 -43.18
N ASP A 80 18.44 0.10 -42.47
CA ASP A 80 18.40 -0.98 -41.48
C ASP A 80 18.67 -0.38 -40.11
N ASN A 81 17.61 -0.24 -39.30
CA ASN A 81 17.74 0.37 -37.98
C ASN A 81 18.48 -0.52 -37.00
N ARG A 82 18.75 -1.77 -37.35
CA ARG A 82 19.51 -2.66 -36.46
C ARG A 82 20.99 -2.32 -36.40
N LEU A 83 21.48 -1.45 -37.29
CA LEU A 83 22.89 -1.11 -37.35
C LEU A 83 23.09 0.35 -36.97
N ARG A 84 24.13 0.62 -36.20
CA ARG A 84 24.45 1.97 -35.77
C ARG A 84 25.19 2.71 -36.87
N PRO A 85 25.15 4.04 -36.86
CA PRO A 85 25.94 4.82 -37.83
C PRO A 85 27.42 4.55 -37.67
N GLY A 86 28.12 4.41 -38.79
CA GLY A 86 29.54 4.12 -38.76
C GLY A 86 29.89 2.80 -38.11
N LEU A 87 29.09 1.77 -38.33
CA LEU A 87 29.35 0.46 -37.74
C LEU A 87 30.58 -0.16 -38.37
N GLY A 88 31.57 -0.48 -37.54
CA GLY A 88 32.82 -1.05 -38.01
C GLY A 88 33.78 -0.07 -38.65
N GLU A 89 33.46 1.22 -38.65
CA GLU A 89 34.28 2.23 -39.27
C GLU A 89 34.68 3.35 -38.33
N ARG A 90 33.78 3.80 -37.46
CA ARG A 90 34.05 4.91 -36.56
C ARG A 90 33.21 4.73 -35.30
N VAL A 91 33.24 5.74 -34.44
CA VAL A 91 32.52 5.73 -33.18
C VAL A 91 31.37 6.72 -33.26
N THR A 92 30.20 6.30 -32.80
CA THR A 92 29.01 7.15 -32.80
C THR A 92 29.08 8.10 -31.62
N GLU A 93 29.22 9.39 -31.90
CA GLU A 93 29.32 10.41 -30.86
C GLU A 93 27.94 11.03 -30.66
N VAL A 94 27.42 10.92 -29.44
CA VAL A 94 26.10 11.40 -29.08
C VAL A 94 26.26 12.57 -28.12
N LYS A 95 25.87 13.76 -28.57
CA LYS A 95 25.91 14.95 -27.73
C LYS A 95 24.61 15.02 -26.93
N THR A 96 24.72 15.11 -25.61
CA THR A 96 23.59 14.98 -24.72
C THR A 96 23.45 16.23 -23.84
N ASP A 97 22.20 16.61 -23.58
CA ASP A 97 21.93 17.68 -22.64
C ASP A 97 20.62 17.40 -21.90
N ILE A 98 20.47 18.04 -20.75
CA ILE A 98 19.33 17.81 -19.86
C ILE A 98 18.78 19.16 -19.41
N PHE A 99 17.45 19.31 -19.52
CA PHE A 99 16.76 20.45 -18.96
C PHE A 99 15.82 19.96 -17.87
N VAL A 100 16.19 20.18 -16.62
CA VAL A 100 15.39 19.76 -15.48
C VAL A 100 14.24 20.75 -15.30
N THR A 101 13.01 20.27 -15.45
CA THR A 101 11.84 21.14 -15.31
C THR A 101 11.28 21.14 -13.90
N SER A 102 11.57 20.13 -13.09
CA SER A 102 11.11 20.09 -11.71
C SER A 102 11.95 19.08 -10.94
N PHE A 103 12.70 19.55 -9.96
CA PHE A 103 13.46 18.66 -9.08
C PHE A 103 12.52 18.21 -7.96
N GLY A 104 11.93 17.03 -8.13
CA GLY A 104 10.84 16.60 -7.28
C GLY A 104 11.26 16.29 -5.86
N PRO A 105 10.34 15.68 -5.10
CA PRO A 105 10.60 15.43 -3.68
C PRO A 105 11.73 14.43 -3.47
N VAL A 106 12.44 14.61 -2.36
CA VAL A 106 13.49 13.71 -1.94
C VAL A 106 12.97 12.91 -0.76
N SER A 107 12.94 11.59 -0.90
CA SER A 107 12.38 10.69 0.10
C SER A 107 13.54 10.01 0.82
N ASP A 108 13.96 10.59 1.95
CA ASP A 108 15.04 9.99 2.74
C ASP A 108 14.63 8.67 3.35
N HIS A 109 13.33 8.39 3.44
CA HIS A 109 12.87 7.11 3.95
C HIS A 109 13.30 5.97 3.03
N ASP A 110 13.16 6.16 1.73
CA ASP A 110 13.57 5.17 0.74
C ASP A 110 14.90 5.51 0.09
N MET A 111 15.51 6.64 0.44
CA MET A 111 16.77 7.08 -0.13
C MET A 111 16.67 7.17 -1.66
N GLU A 112 15.80 8.06 -2.12
CA GLU A 112 15.54 8.23 -3.54
C GLU A 112 15.00 9.63 -3.77
N TYR A 113 15.02 10.04 -5.04
CA TYR A 113 14.46 11.33 -5.40
C TYR A 113 13.89 11.26 -6.80
N THR A 114 12.95 12.16 -7.09
CA THR A 114 12.26 12.21 -8.37
C THR A 114 12.67 13.47 -9.13
N ILE A 115 12.75 13.35 -10.45
CA ILE A 115 13.18 14.47 -11.29
C ILE A 115 12.51 14.37 -12.65
N ASP A 116 12.00 15.49 -13.15
CA ASP A 116 11.40 15.58 -14.47
C ASP A 116 12.37 16.28 -15.42
N VAL A 117 12.66 15.66 -16.55
CA VAL A 117 13.72 16.12 -17.43
C VAL A 117 13.25 16.15 -18.88
N PHE A 118 13.69 17.16 -19.61
CA PHE A 118 13.76 17.13 -21.06
C PHE A 118 15.15 16.59 -21.42
N PHE A 119 15.19 15.38 -21.94
CA PHE A 119 16.43 14.68 -22.28
C PHE A 119 16.66 14.83 -23.78
N ARG A 120 17.77 15.45 -24.16
CA ARG A 120 18.05 15.77 -25.56
C ARG A 120 19.33 15.08 -26.01
N GLN A 121 19.29 14.47 -27.19
CA GLN A 121 20.44 13.82 -27.79
C GLN A 121 20.58 14.26 -29.25
N SER A 122 21.81 14.27 -29.73
CA SER A 122 22.09 14.68 -31.10
C SER A 122 23.23 13.85 -31.65
N TRP A 123 23.08 13.36 -32.89
CA TRP A 123 24.15 12.55 -33.47
C TRP A 123 24.07 12.58 -34.99
N LYS A 124 25.19 12.24 -35.62
CA LYS A 124 25.30 12.25 -37.07
C LYS A 124 24.93 10.90 -37.66
N ASP A 125 24.26 10.92 -38.80
CA ASP A 125 23.91 9.69 -39.51
C ASP A 125 23.90 10.01 -41.01
N GLU A 126 24.96 9.59 -41.70
CA GLU A 126 25.11 9.94 -43.12
C GLU A 126 24.04 9.30 -43.99
N ARG A 127 23.38 8.24 -43.52
CA ARG A 127 22.34 7.60 -44.31
C ARG A 127 21.11 8.47 -44.49
N LEU A 128 20.95 9.51 -43.66
CA LEU A 128 19.76 10.35 -43.68
C LEU A 128 20.05 11.73 -44.26
N LYS A 129 20.93 11.81 -45.25
CA LYS A 129 21.16 13.05 -45.97
C LYS A 129 20.11 13.23 -47.05
N PHE A 130 19.59 14.44 -47.18
CA PHE A 130 18.58 14.75 -48.18
C PHE A 130 18.86 16.13 -48.77
N LYS A 131 18.07 16.50 -49.77
CA LYS A 131 18.21 17.79 -50.42
C LYS A 131 16.84 18.18 -50.97
N GLY A 132 16.16 19.09 -50.27
CA GLY A 132 14.84 19.51 -50.66
C GLY A 132 14.61 20.99 -50.37
N PRO A 133 13.35 21.43 -50.49
CA PRO A 133 13.05 22.85 -50.27
C PRO A 133 13.40 23.35 -48.88
N MET A 134 13.26 22.51 -47.86
CA MET A 134 13.58 22.89 -46.49
C MET A 134 14.90 22.29 -46.06
N THR A 135 15.50 22.90 -45.04
CA THR A 135 16.77 22.43 -44.50
C THR A 135 16.60 21.49 -43.32
N VAL A 136 15.52 21.64 -42.55
CA VAL A 136 15.29 20.82 -41.36
C VAL A 136 13.89 20.24 -41.45
N LEU A 137 13.77 18.93 -41.28
CA LEU A 137 12.49 18.24 -41.21
C LEU A 137 12.15 17.97 -39.76
N ARG A 138 11.06 18.55 -39.27
CA ARG A 138 10.60 18.35 -37.90
C ARG A 138 9.49 17.32 -37.95
N LEU A 139 9.87 16.05 -37.84
CA LEU A 139 8.97 14.96 -38.19
C LEU A 139 8.15 14.50 -36.99
N ASN A 140 7.15 13.67 -37.28
CA ASN A 140 6.36 13.03 -36.25
C ASN A 140 7.22 12.07 -35.44
N ASN A 141 6.89 11.91 -34.16
CA ASN A 141 7.72 11.11 -33.27
C ASN A 141 7.75 9.64 -33.65
N LEU A 142 6.75 9.16 -34.40
CA LEU A 142 6.76 7.75 -34.82
C LEU A 142 7.94 7.43 -35.72
N MET A 143 8.51 8.44 -36.40
CA MET A 143 9.73 8.22 -37.17
C MET A 143 10.88 7.74 -36.29
N ALA A 144 10.83 8.03 -34.99
CA ALA A 144 11.86 7.52 -34.09
C ALA A 144 11.86 6.00 -34.02
N SER A 145 10.74 5.36 -34.31
CA SER A 145 10.68 3.91 -34.36
C SER A 145 11.10 3.35 -35.71
N LYS A 146 11.43 4.21 -36.67
CA LYS A 146 11.85 3.78 -37.99
C LYS A 146 13.36 3.90 -38.22
N ILE A 147 14.06 4.63 -37.35
CA ILE A 147 15.51 4.81 -37.52
C ILE A 147 16.23 4.31 -36.27
N TRP A 148 17.55 4.43 -36.26
CA TRP A 148 18.36 4.01 -35.13
C TRP A 148 18.46 5.12 -34.10
N THR A 149 18.21 4.79 -32.85
CA THR A 149 18.35 5.73 -31.73
C THR A 149 19.17 5.09 -30.63
N PRO A 150 19.92 5.90 -29.87
CA PRO A 150 20.74 5.33 -28.79
C PRO A 150 19.87 4.71 -27.70
N ASP A 151 20.39 3.65 -27.10
CA ASP A 151 19.70 2.97 -25.99
C ASP A 151 20.22 3.48 -24.64
N THR A 152 20.12 4.79 -24.46
CA THR A 152 20.57 5.40 -23.21
C THR A 152 19.67 4.99 -22.05
N PHE A 153 20.29 4.67 -20.91
CA PHE A 153 19.55 4.35 -19.70
C PHE A 153 20.27 4.97 -18.52
N PHE A 154 19.53 5.14 -17.43
CA PHE A 154 20.03 5.73 -16.21
C PHE A 154 20.48 4.63 -15.25
N HIS A 155 21.73 4.70 -14.81
CA HIS A 155 22.31 3.59 -14.05
C HIS A 155 21.68 3.44 -12.68
N ASN A 156 21.37 4.54 -12.01
CA ASN A 156 20.83 4.50 -10.66
C ASN A 156 19.31 4.68 -10.64
N GLY A 157 18.64 4.63 -11.79
CA GLY A 157 17.20 4.77 -11.79
C GLY A 157 16.52 3.57 -11.17
N LYS A 158 15.31 3.79 -10.67
CA LYS A 158 14.53 2.75 -10.01
C LYS A 158 13.28 2.38 -10.80
N LYS A 159 12.41 3.36 -11.07
CA LYS A 159 11.21 3.13 -11.86
C LYS A 159 10.91 4.42 -12.60
N SER A 160 11.35 4.51 -13.84
CA SER A 160 11.17 5.72 -14.64
C SER A 160 9.95 5.59 -15.53
N VAL A 161 9.41 6.74 -15.93
CA VAL A 161 8.22 6.81 -16.76
C VAL A 161 8.51 7.73 -17.94
N ALA A 162 8.23 7.23 -19.15
CA ALA A 162 8.26 8.05 -20.36
C ALA A 162 6.83 8.48 -20.64
N HIS A 163 6.57 9.78 -20.51
CA HIS A 163 5.20 10.28 -20.56
C HIS A 163 4.58 10.08 -21.93
N ASN A 164 3.31 9.71 -21.94
CA ASN A 164 2.61 9.30 -23.14
C ASN A 164 1.27 10.03 -23.28
N MET A 165 1.18 11.25 -22.78
CA MET A 165 -0.06 12.03 -22.80
C MET A 165 0.21 13.38 -23.43
N THR A 166 -0.56 13.74 -24.45
CA THR A 166 -1.61 12.88 -25.01
C THR A 166 -1.04 11.96 -26.09
N MET A 167 0.18 12.25 -26.50
CA MET A 167 0.93 11.49 -27.47
C MET A 167 2.33 11.28 -26.93
N PRO A 168 3.08 10.29 -27.47
CA PRO A 168 4.47 10.11 -27.03
C PRO A 168 5.26 11.41 -27.03
N ASN A 169 5.70 11.83 -25.84
CA ASN A 169 6.41 13.09 -25.71
C ASN A 169 7.81 13.00 -26.27
N LYS A 170 7.92 12.87 -27.59
CA LYS A 170 9.20 12.81 -28.28
C LYS A 170 9.17 13.73 -29.48
N LEU A 171 10.33 14.26 -29.83
CA LEU A 171 10.48 15.05 -31.04
C LEU A 171 11.73 14.60 -31.78
N LEU A 172 11.62 14.53 -33.10
CA LEU A 172 12.71 14.14 -33.99
C LEU A 172 12.87 15.20 -35.07
N ARG A 173 14.09 15.70 -35.23
CA ARG A 173 14.41 16.71 -36.24
C ARG A 173 15.63 16.25 -37.03
N ILE A 174 15.52 16.28 -38.35
CA ILE A 174 16.57 15.82 -39.25
C ILE A 174 17.08 17.02 -40.04
N THR A 175 18.36 17.33 -39.86
CA THR A 175 18.99 18.37 -40.67
C THR A 175 19.41 17.78 -42.03
N GLU A 176 19.71 18.68 -42.97
CA GLU A 176 20.00 18.23 -44.33
C GLU A 176 21.30 17.44 -44.41
N ASP A 177 22.22 17.65 -43.48
CA ASP A 177 23.51 16.98 -43.50
C ASP A 177 23.49 15.63 -42.77
N GLY A 178 22.33 15.19 -42.31
CA GLY A 178 22.20 13.92 -41.62
C GLY A 178 22.13 14.03 -40.11
N THR A 179 22.33 15.22 -39.56
CA THR A 179 22.25 15.39 -38.11
C THR A 179 20.84 15.07 -37.61
N LEU A 180 20.77 14.36 -36.50
CA LEU A 180 19.52 13.98 -35.87
C LEU A 180 19.47 14.58 -34.47
N LEU A 181 18.38 15.27 -34.17
CA LEU A 181 18.08 15.77 -32.82
C LEU A 181 16.85 15.01 -32.32
N TYR A 182 16.99 14.38 -31.17
CA TYR A 182 15.97 13.50 -30.61
C TYR A 182 15.77 13.87 -29.15
N THR A 183 14.56 14.28 -28.80
CA THR A 183 14.29 14.78 -27.45
C THR A 183 13.07 14.07 -26.87
N MET A 184 13.12 13.80 -25.57
CA MET A 184 11.99 13.16 -24.89
C MET A 184 11.80 13.78 -23.51
N ARG A 185 10.63 13.55 -22.94
CA ARG A 185 10.28 14.03 -21.61
C ARG A 185 10.14 12.84 -20.67
N LEU A 186 10.88 12.86 -19.57
CA LEU A 186 11.01 11.71 -18.69
C LEU A 186 10.82 12.10 -17.24
N THR A 187 10.35 11.14 -16.45
CA THR A 187 10.33 11.23 -14.99
C THR A 187 11.20 10.10 -14.45
N VAL A 188 12.20 10.46 -13.65
CA VAL A 188 13.22 9.52 -13.20
C VAL A 188 13.19 9.48 -11.68
N ARG A 189 13.14 8.26 -11.12
CA ARG A 189 13.29 8.03 -9.69
C ARG A 189 14.67 7.41 -9.48
N ALA A 190 15.58 8.19 -8.92
CA ALA A 190 16.98 7.80 -8.80
C ALA A 190 17.35 7.57 -7.34
N GLU A 191 18.22 6.57 -7.13
CA GLU A 191 18.70 6.25 -5.80
C GLU A 191 19.67 7.32 -5.32
N CYS A 192 19.50 7.76 -4.07
CA CYS A 192 20.39 8.73 -3.44
C CYS A 192 20.75 8.21 -2.04
N PRO A 193 21.76 7.35 -1.94
CA PRO A 193 22.19 6.88 -0.62
C PRO A 193 22.63 8.04 0.27
N MET A 194 22.30 7.94 1.56
CA MET A 194 22.46 9.05 2.48
C MET A 194 23.23 8.61 3.72
N HIS A 195 24.03 9.55 4.25
CA HIS A 195 24.77 9.36 5.49
C HIS A 195 24.15 10.28 6.54
N LEU A 196 23.25 9.73 7.33
CA LEU A 196 22.48 10.52 8.31
C LEU A 196 23.19 10.58 9.66
N GLU A 197 24.45 10.99 9.66
CA GLU A 197 25.18 11.19 10.91
C GLU A 197 24.99 12.59 11.48
N ASP A 198 24.72 13.58 10.63
CA ASP A 198 24.51 14.95 11.05
C ASP A 198 23.03 15.35 10.99
N PHE A 199 22.13 14.37 10.96
CA PHE A 199 20.71 14.67 10.88
C PHE A 199 20.28 15.47 12.10
N PRO A 200 19.45 16.51 11.91
CA PRO A 200 18.86 17.01 10.67
C PRO A 200 19.68 18.08 9.97
N MET A 201 20.94 18.29 10.36
CA MET A 201 21.78 19.32 9.76
C MET A 201 22.73 18.74 8.72
N ASP A 202 22.28 17.74 7.98
CA ASP A 202 23.11 17.02 7.04
C ASP A 202 23.01 17.62 5.64
N ALA A 203 23.96 17.23 4.79
CA ALA A 203 23.97 17.61 3.38
C ALA A 203 24.22 16.37 2.54
N HIS A 204 23.73 16.39 1.31
CA HIS A 204 23.80 15.23 0.43
C HIS A 204 24.19 15.66 -0.97
N ALA A 205 24.69 14.69 -1.74
CA ALA A 205 24.98 14.87 -3.16
C ALA A 205 24.28 13.73 -3.89
N CYS A 206 23.08 13.99 -4.38
CA CYS A 206 22.32 12.95 -5.06
C CYS A 206 22.79 12.79 -6.50
N PRO A 207 23.16 11.59 -6.92
CA PRO A 207 23.71 11.41 -8.27
C PRO A 207 22.66 11.03 -9.30
N LEU A 208 23.02 11.28 -10.56
CA LEU A 208 22.25 10.83 -11.71
C LEU A 208 23.25 10.45 -12.79
N LYS A 209 23.42 9.15 -13.02
CA LYS A 209 24.38 8.63 -13.97
C LYS A 209 23.63 7.93 -15.11
N PHE A 210 24.00 8.26 -16.35
CA PHE A 210 23.37 7.62 -17.49
C PHE A 210 24.42 7.26 -18.52
N GLY A 211 24.03 6.41 -19.46
CA GLY A 211 24.93 5.98 -20.51
C GLY A 211 24.31 4.88 -21.33
N SER A 212 25.09 4.39 -22.29
CA SER A 212 24.62 3.33 -23.16
C SER A 212 24.55 2.01 -22.41
N TYR A 213 23.62 1.16 -22.82
CA TYR A 213 23.42 -0.13 -22.17
C TYR A 213 24.09 -1.28 -22.91
N ALA A 214 24.15 -1.23 -24.24
CA ALA A 214 24.68 -2.32 -25.04
C ALA A 214 25.93 -1.98 -25.82
N TYR A 215 26.22 -0.70 -26.04
CA TYR A 215 27.34 -0.27 -26.87
C TYR A 215 28.50 0.14 -25.98
N THR A 216 29.66 -0.47 -26.19
CA THR A 216 30.84 -0.18 -25.40
C THR A 216 31.49 1.12 -25.87
N ARG A 217 32.57 1.53 -25.19
CA ARG A 217 33.23 2.78 -25.51
C ARG A 217 33.89 2.77 -26.87
N ALA A 218 34.08 1.61 -27.49
CA ALA A 218 34.62 1.53 -28.83
C ALA A 218 33.56 1.64 -29.91
N GLU A 219 32.29 1.76 -29.52
CA GLU A 219 31.18 1.87 -30.47
C GLU A 219 30.40 3.17 -30.31
N VAL A 220 30.02 3.54 -29.10
CA VAL A 220 29.26 4.74 -28.84
C VAL A 220 29.89 5.49 -27.68
N VAL A 221 30.15 6.78 -27.87
CA VAL A 221 30.63 7.66 -26.81
C VAL A 221 29.61 8.77 -26.60
N TYR A 222 29.65 9.35 -25.42
CA TYR A 222 28.73 10.42 -25.04
C TYR A 222 29.52 11.67 -24.68
N GLU A 223 29.06 12.81 -25.19
CA GLU A 223 29.65 14.10 -24.89
C GLU A 223 28.56 15.08 -24.51
N TRP A 224 28.90 16.05 -23.66
CA TRP A 224 27.98 17.11 -23.35
C TRP A 224 27.90 18.08 -24.52
N THR A 225 26.69 18.63 -24.74
CA THR A 225 26.48 19.49 -25.90
C THR A 225 27.36 20.73 -25.83
N ARG A 226 27.42 21.37 -24.67
CA ARG A 226 28.23 22.56 -24.46
C ARG A 226 29.14 22.33 -23.26
N GLU A 227 29.74 23.40 -22.74
CA GLU A 227 30.58 23.28 -21.56
C GLU A 227 29.86 22.48 -20.48
N PRO A 228 30.56 21.61 -19.74
CA PRO A 228 29.86 20.67 -18.85
C PRO A 228 28.98 21.33 -17.82
N ALA A 229 29.35 22.50 -17.32
CA ALA A 229 28.53 23.19 -16.33
C ALA A 229 27.27 23.78 -16.94
N ARG A 230 27.24 23.99 -18.26
CA ARG A 230 26.10 24.61 -18.93
C ARG A 230 25.21 23.59 -19.63
N SER A 231 25.49 22.30 -19.49
CA SER A 231 24.73 21.29 -20.22
C SER A 231 23.50 20.79 -19.47
N VAL A 232 23.52 20.83 -18.15
CA VAL A 232 22.35 20.48 -17.33
C VAL A 232 21.81 21.79 -16.77
N VAL A 233 20.61 22.16 -17.20
CA VAL A 233 20.03 23.46 -16.86
C VAL A 233 18.74 23.23 -16.07
N VAL A 234 18.62 23.88 -14.92
CA VAL A 234 17.47 23.73 -14.03
C VAL A 234 16.57 24.95 -14.16
N ALA A 235 15.28 24.70 -14.39
CA ALA A 235 14.32 25.79 -14.53
C ALA A 235 14.19 26.57 -13.24
N GLU A 236 13.96 27.88 -13.37
CA GLU A 236 13.88 28.76 -12.21
C GLU A 236 12.71 28.40 -11.30
N ASP A 237 11.54 28.14 -11.89
CA ASP A 237 10.35 27.85 -11.10
C ASP A 237 10.17 26.38 -10.79
N GLY A 238 11.00 25.50 -11.34
CA GLY A 238 10.84 24.08 -11.15
C GLY A 238 11.56 23.51 -9.95
N SER A 239 11.06 23.77 -8.75
CA SER A 239 11.66 23.24 -7.52
C SER A 239 10.54 22.75 -6.62
N ARG A 240 10.39 21.43 -6.53
CA ARG A 240 9.38 20.81 -5.68
C ARG A 240 9.97 20.28 -4.38
N LEU A 241 11.00 20.94 -3.86
CA LEU A 241 11.68 20.51 -2.64
C LEU A 241 10.99 21.15 -1.45
N ASN A 242 10.19 20.35 -0.73
CA ASN A 242 9.56 20.84 0.49
C ASN A 242 10.57 20.96 1.63
N GLN A 243 11.45 19.96 1.75
CA GLN A 243 12.29 19.83 2.94
C GLN A 243 13.74 20.21 2.71
N TYR A 244 14.27 20.02 1.50
CA TYR A 244 15.67 20.28 1.22
C TYR A 244 15.83 21.58 0.45
N ASP A 245 17.08 21.87 0.08
CA ASP A 245 17.43 23.09 -0.64
C ASP A 245 18.50 22.74 -1.67
N LEU A 246 18.25 23.07 -2.92
CA LEU A 246 19.17 22.74 -4.01
C LEU A 246 20.22 23.85 -4.13
N LEU A 247 21.49 23.48 -3.94
CA LEU A 247 22.58 24.44 -3.93
C LEU A 247 23.37 24.47 -5.23
N GLY A 248 23.03 23.62 -6.19
CA GLY A 248 23.73 23.57 -7.46
C GLY A 248 24.00 22.14 -7.85
N GLN A 249 24.76 22.00 -8.93
CA GLN A 249 25.09 20.67 -9.45
C GLN A 249 26.48 20.68 -10.07
N THR A 250 27.10 19.51 -10.05
CA THR A 250 28.41 19.27 -10.65
C THR A 250 28.28 18.20 -11.73
N VAL A 251 28.87 18.45 -12.89
CA VAL A 251 28.68 17.62 -14.07
C VAL A 251 30.04 17.08 -14.50
N ASP A 252 30.10 15.77 -14.74
CA ASP A 252 31.35 15.12 -15.13
C ASP A 252 31.03 13.88 -15.96
N SER A 253 32.08 13.27 -16.50
CA SER A 253 31.95 12.05 -17.29
C SER A 253 33.14 11.15 -17.01
N GLY A 254 32.96 9.86 -17.30
CA GLY A 254 34.01 8.90 -17.03
C GLY A 254 33.72 7.57 -17.69
N ILE A 255 34.50 6.57 -17.28
CA ILE A 255 34.42 5.22 -17.83
C ILE A 255 34.06 4.26 -16.71
N VAL A 256 33.15 3.33 -17.00
CA VAL A 256 32.77 2.28 -16.07
C VAL A 256 33.09 0.94 -16.71
N GLN A 257 33.26 -0.07 -15.86
CA GLN A 257 33.67 -1.41 -16.29
C GLN A 257 32.66 -2.44 -15.79
N SER A 258 32.46 -3.49 -16.59
CA SER A 258 31.60 -4.59 -16.20
C SER A 258 32.00 -5.81 -17.00
N SER A 259 31.37 -6.94 -16.68
CA SER A 259 31.69 -8.19 -17.34
C SER A 259 31.46 -8.12 -18.84
N THR A 260 30.62 -7.19 -19.31
CA THR A 260 30.35 -7.04 -20.72
C THR A 260 31.27 -6.04 -21.42
N GLY A 261 32.08 -5.30 -20.67
CA GLY A 261 33.04 -4.41 -21.30
C GLY A 261 33.10 -3.07 -20.59
N GLU A 262 33.60 -2.07 -21.33
CA GLU A 262 33.80 -0.73 -20.80
C GLU A 262 32.80 0.22 -21.46
N TYR A 263 32.17 1.07 -20.66
CA TYR A 263 31.13 1.97 -21.12
C TYR A 263 31.42 3.39 -20.65
N VAL A 264 30.85 4.36 -21.37
CA VAL A 264 30.99 5.77 -21.05
C VAL A 264 29.80 6.20 -20.22
N VAL A 265 30.06 6.86 -19.09
CA VAL A 265 29.02 7.25 -18.14
C VAL A 265 29.06 8.76 -17.96
N MET A 266 27.90 9.40 -18.03
CA MET A 266 27.76 10.82 -17.75
C MET A 266 27.05 10.97 -16.41
N THR A 267 27.65 11.74 -15.50
CA THR A 267 27.19 11.84 -14.12
C THR A 267 26.93 13.29 -13.75
N THR A 268 25.81 13.51 -13.06
CA THR A 268 25.45 14.82 -12.53
C THR A 268 25.11 14.65 -11.06
N HIS A 269 25.78 15.41 -10.19
CA HIS A 269 25.54 15.38 -8.76
C HIS A 269 24.81 16.67 -8.36
N PHE A 270 23.65 16.52 -7.73
CA PHE A 270 22.89 17.66 -7.24
C PHE A 270 23.13 17.80 -5.74
N HIS A 271 23.54 18.99 -5.31
CA HIS A 271 23.88 19.22 -3.91
C HIS A 271 22.66 19.73 -3.16
N LEU A 272 22.33 19.05 -2.05
CA LEU A 272 21.17 19.39 -1.25
C LEU A 272 21.59 19.63 0.19
N LYS A 273 20.98 20.62 0.82
CA LYS A 273 21.16 20.87 2.25
C LYS A 273 19.79 20.95 2.90
N ARG A 274 19.57 20.12 3.91
CA ARG A 274 18.25 20.02 4.54
C ARG A 274 17.93 21.28 5.32
N LYS A 275 16.66 21.67 5.29
CA LYS A 275 16.17 22.78 6.10
C LYS A 275 15.75 22.26 7.47
N ILE A 276 16.24 22.94 8.53
CA ILE A 276 16.12 22.43 9.89
C ILE A 276 14.87 22.92 10.62
N GLY A 277 14.10 23.83 10.00
CA GLY A 277 13.02 24.48 10.74
C GLY A 277 11.98 23.51 11.26
N TYR A 278 11.58 22.54 10.43
CA TYR A 278 10.53 21.61 10.83
C TYR A 278 10.93 20.82 12.07
N PHE A 279 12.16 20.31 12.09
CA PHE A 279 12.63 19.55 13.23
C PHE A 279 12.87 20.45 14.44
N VAL A 280 13.23 21.71 14.21
CA VAL A 280 13.41 22.66 15.31
C VAL A 280 12.09 22.87 16.03
N ILE A 281 11.00 23.05 15.28
CA ILE A 281 9.69 23.29 15.89
C ILE A 281 8.89 21.99 16.00
N GLN A 282 9.53 20.84 15.83
CA GLN A 282 8.88 19.55 15.98
C GLN A 282 9.45 18.71 17.10
N THR A 283 10.76 18.65 17.25
CA THR A 283 11.40 17.81 18.25
C THR A 283 12.27 18.58 19.24
N TYR A 284 13.00 19.59 18.77
CA TYR A 284 13.89 20.31 19.67
C TYR A 284 13.11 21.13 20.69
N LEU A 285 12.10 21.87 20.24
CA LEU A 285 11.31 22.68 21.16
C LEU A 285 10.59 21.87 22.22
N PRO A 286 9.91 20.76 21.90
CA PRO A 286 9.33 19.95 22.98
C PRO A 286 10.35 19.46 24.00
N CYS A 287 11.54 19.06 23.55
CA CYS A 287 12.55 18.60 24.50
C CYS A 287 13.05 19.74 25.38
N ILE A 288 13.28 20.91 24.79
CA ILE A 288 13.72 22.06 25.59
C ILE A 288 12.66 22.44 26.60
N MET A 289 11.39 22.45 26.19
CA MET A 289 10.32 22.80 27.11
C MET A 289 10.16 21.76 28.20
N THR A 290 10.34 20.47 27.89
CA THR A 290 10.31 19.44 28.93
C THR A 290 11.45 19.60 29.93
N VAL A 291 12.64 19.94 29.46
CA VAL A 291 13.76 20.19 30.38
C VAL A 291 13.46 21.38 31.28
N ILE A 292 12.94 22.46 30.70
CA ILE A 292 12.59 23.63 31.50
C ILE A 292 11.50 23.28 32.52
N LEU A 293 10.53 22.48 32.10
CA LEU A 293 9.46 22.06 33.00
C LEU A 293 10.01 21.24 34.16
N SER A 294 10.97 20.35 33.89
CA SER A 294 11.60 19.59 34.95
C SER A 294 12.36 20.50 35.91
N GLN A 295 13.07 21.50 35.37
CA GLN A 295 13.79 22.43 36.23
C GLN A 295 12.87 23.36 36.99
N VAL A 296 11.61 23.48 36.59
CA VAL A 296 10.65 24.31 37.32
C VAL A 296 10.47 23.78 38.74
N SER A 297 10.52 22.46 38.91
CA SER A 297 10.20 21.85 40.20
C SER A 297 11.19 22.21 41.30
N PHE A 298 12.34 22.80 40.97
CA PHE A 298 13.29 23.21 42.00
C PHE A 298 12.79 24.40 42.81
N TRP A 299 11.74 25.08 42.36
CA TRP A 299 11.23 26.26 43.06
C TRP A 299 10.08 25.96 44.00
N LEU A 300 9.41 24.81 43.84
CA LEU A 300 8.36 24.43 44.78
C LEU A 300 8.95 24.19 46.16
N ASN A 301 8.21 24.59 47.19
CA ASN A 301 8.68 24.41 48.55
C ASN A 301 8.79 22.94 48.89
N ARG A 302 9.71 22.62 49.80
CA ARG A 302 10.02 21.22 50.11
C ARG A 302 8.86 20.48 50.76
N GLU A 303 7.83 21.18 51.23
CA GLU A 303 6.64 20.49 51.73
C GLU A 303 5.78 19.91 50.62
N SER A 304 5.92 20.41 49.39
CA SER A 304 5.13 19.91 48.27
C SER A 304 5.83 18.70 47.63
N VAL A 305 6.00 17.66 48.45
CA VAL A 305 6.65 16.45 47.97
C VAL A 305 5.86 15.78 46.85
N PRO A 306 4.54 15.56 46.97
CA PRO A 306 3.82 14.94 45.83
C PRO A 306 3.90 15.75 44.55
N ALA A 307 3.88 17.08 44.64
CA ALA A 307 3.92 17.91 43.44
C ALA A 307 5.25 17.75 42.71
N ARG A 308 6.36 17.81 43.45
CA ARG A 308 7.66 17.65 42.83
C ARG A 308 7.88 16.22 42.32
N THR A 309 7.34 15.23 43.03
CA THR A 309 7.42 13.86 42.55
C THR A 309 6.67 13.70 41.23
N VAL A 310 5.48 14.30 41.13
CA VAL A 310 4.73 14.26 39.88
C VAL A 310 5.50 14.96 38.77
N PHE A 311 6.09 16.13 39.08
CA PHE A 311 6.93 16.82 38.11
C PHE A 311 8.01 15.90 37.57
N GLY A 312 8.76 15.26 38.47
CA GLY A 312 9.87 14.43 38.04
C GLY A 312 9.44 13.25 37.20
N VAL A 313 8.42 12.51 37.68
CA VAL A 313 8.02 11.30 36.96
C VAL A 313 7.38 11.65 35.62
N THR A 314 6.58 12.71 35.57
CA THR A 314 5.97 13.10 34.30
C THR A 314 7.01 13.58 33.30
N THR A 315 8.00 14.35 33.76
CA THR A 315 9.04 14.79 32.83
C THR A 315 9.86 13.61 32.32
N VAL A 316 10.17 12.64 33.20
CA VAL A 316 10.93 11.48 32.75
C VAL A 316 10.15 10.67 31.74
N LEU A 317 8.85 10.44 32.00
CA LEU A 317 8.04 9.66 31.08
C LEU A 317 7.87 10.38 29.74
N THR A 318 7.67 11.70 29.77
CA THR A 318 7.56 12.47 28.54
C THR A 318 8.86 12.41 27.74
N MET A 319 10.00 12.50 28.43
CA MET A 319 11.29 12.43 27.76
C MET A 319 11.49 11.07 27.10
N THR A 320 11.09 9.99 27.81
CA THR A 320 11.19 8.66 27.22
C THR A 320 10.31 8.53 25.99
N THR A 321 9.08 9.04 26.07
CA THR A 321 8.18 9.00 24.93
C THR A 321 8.74 9.77 23.74
N LEU A 322 9.30 10.96 23.99
CA LEU A 322 9.89 11.74 22.92
C LEU A 322 11.10 11.04 22.31
N SER A 323 11.92 10.40 23.13
CA SER A 323 13.06 9.66 22.61
C SER A 323 12.61 8.48 21.73
N ILE A 324 11.57 7.77 22.17
CA ILE A 324 11.11 6.61 21.42
C ILE A 324 10.44 7.03 20.12
N SER A 325 9.65 8.10 20.15
CA SER A 325 8.86 8.51 18.98
C SER A 325 9.66 9.30 17.96
N ALA A 326 10.90 9.68 18.27
CA ALA A 326 11.70 10.46 17.33
C ALA A 326 12.39 9.60 16.28
N ARG A 327 12.32 8.27 16.40
CA ARG A 327 12.96 7.37 15.44
C ARG A 327 12.03 6.91 14.33
N ASN A 328 10.75 7.26 14.39
CA ASN A 328 9.82 6.81 13.35
C ASN A 328 10.03 7.58 12.04
N SER A 329 10.37 8.86 12.11
CA SER A 329 10.62 9.63 10.90
C SER A 329 11.82 9.10 10.15
N LEU A 330 12.90 8.79 10.85
CA LEU A 330 14.12 8.34 10.22
C LEU A 330 13.97 6.92 9.66
N PRO A 331 14.74 6.58 8.63
CA PRO A 331 14.86 5.17 8.26
C PRO A 331 15.64 4.41 9.31
N LYS A 332 15.50 3.08 9.27
CA LYS A 332 16.06 2.25 10.33
C LYS A 332 17.58 2.16 10.24
N VAL A 333 18.27 3.27 10.49
CA VAL A 333 19.72 3.29 10.51
C VAL A 333 20.20 2.71 11.84
N ALA A 334 21.50 2.42 11.92
CA ALA A 334 22.09 1.86 13.14
C ALA A 334 22.85 2.90 13.96
N TYR A 335 23.46 3.89 13.30
CA TYR A 335 24.22 4.91 14.00
C TYR A 335 23.29 5.89 14.71
N ALA A 336 23.87 6.91 15.33
CA ALA A 336 23.12 7.92 16.06
C ALA A 336 23.31 9.28 15.41
N THR A 337 22.21 9.99 15.19
CA THR A 337 22.24 11.30 14.57
C THR A 337 22.48 12.37 15.63
N ALA A 338 22.49 13.63 15.19
CA ALA A 338 22.65 14.73 16.13
C ALA A 338 21.43 14.89 17.02
N MET A 339 20.23 14.66 16.45
CA MET A 339 19.01 14.76 17.23
C MET A 339 19.01 13.72 18.34
N ASP A 340 19.54 12.53 18.08
CA ASP A 340 19.64 11.51 19.12
C ASP A 340 20.54 11.97 20.26
N TRP A 341 21.66 12.60 19.94
CA TRP A 341 22.55 13.11 20.98
C TRP A 341 21.88 14.21 21.79
N PHE A 342 21.15 15.10 21.12
CA PHE A 342 20.42 16.16 21.84
C PHE A 342 19.40 15.55 22.79
N ILE A 343 18.65 14.56 22.31
CA ILE A 343 17.65 13.91 23.14
C ILE A 343 18.31 13.18 24.31
N ALA A 344 19.46 12.56 24.08
CA ALA A 344 20.17 11.89 25.16
C ALA A 344 20.62 12.86 26.22
N VAL A 345 21.14 14.01 25.82
CA VAL A 345 21.58 15.00 26.81
C VAL A 345 20.39 15.56 27.58
N CYS A 346 19.27 15.78 26.89
CA CYS A 346 18.09 16.25 27.59
C CYS A 346 17.57 15.21 28.59
N TYR A 347 17.63 13.93 28.21
CA TYR A 347 17.25 12.86 29.12
C TYR A 347 18.17 12.84 30.33
N ALA A 348 19.47 13.03 30.12
CA ALA A 348 20.41 13.12 31.23
C ALA A 348 20.06 14.28 32.16
N PHE A 349 19.69 15.43 31.59
CA PHE A 349 19.30 16.57 32.40
C PHE A 349 18.05 16.28 33.23
N VAL A 350 17.05 15.65 32.63
CA VAL A 350 15.83 15.33 33.36
C VAL A 350 16.11 14.35 34.49
N PHE A 351 16.90 13.32 34.22
CA PHE A 351 17.24 12.36 35.25
C PHE A 351 18.06 13.00 36.36
N SER A 352 18.97 13.90 36.01
CA SER A 352 19.73 14.61 37.02
C SER A 352 18.83 15.46 37.91
N ALA A 353 17.80 16.08 37.30
CA ALA A 353 16.84 16.83 38.10
C ALA A 353 16.09 15.92 39.07
N LEU A 354 15.67 14.74 38.59
CA LEU A 354 14.97 13.81 39.47
C LEU A 354 15.87 13.35 40.62
N ILE A 355 17.13 13.05 40.32
CA ILE A 355 18.07 12.63 41.37
C ILE A 355 18.33 13.76 42.35
N GLU A 356 18.41 15.00 41.87
CA GLU A 356 18.58 16.13 42.76
C GLU A 356 17.39 16.27 43.70
N PHE A 357 16.18 16.09 43.17
CA PHE A 357 15.01 16.14 44.04
C PHE A 357 15.04 15.04 45.09
N ALA A 358 15.43 13.83 44.69
CA ALA A 358 15.54 12.74 45.65
C ALA A 358 16.56 13.06 46.73
N THR A 359 17.70 13.62 46.34
CA THR A 359 18.73 13.98 47.32
C THR A 359 18.22 15.05 48.28
N VAL A 360 17.51 16.06 47.77
CA VAL A 360 16.96 17.10 48.63
C VAL A 360 15.94 16.50 49.60
N ASN A 361 15.11 15.58 49.12
CA ASN A 361 14.14 14.93 49.98
C ASN A 361 14.83 14.13 51.08
N TYR A 362 15.95 13.48 50.75
CA TYR A 362 16.64 12.65 51.73
C TYR A 362 17.17 13.45 52.90
N PHE A 363 17.62 14.68 52.66
CA PHE A 363 18.24 15.51 53.68
C PHE A 363 17.26 16.47 54.36
N THR A 364 15.95 16.29 54.13
CA THR A 364 14.98 17.24 54.64
C THR A 364 14.95 17.26 56.16
N LYS A 365 14.91 16.08 56.79
CA LYS A 365 14.72 15.99 58.23
C LYS A 365 16.01 16.01 59.02
N SER A 366 17.18 15.94 58.36
CA SER A 366 18.45 15.91 59.07
C SER A 366 19.13 17.27 59.08
N GLN A 367 19.41 17.84 57.90
CA GLN A 367 20.07 19.13 57.77
C GLN A 367 19.27 20.00 56.80
N PRO A 368 18.20 20.62 57.28
CA PRO A 368 17.37 21.44 56.37
C PRO A 368 18.12 22.58 55.71
N ALA A 369 19.10 23.18 56.41
CA ALA A 369 19.90 24.23 55.80
C ALA A 369 20.69 23.71 54.61
N ARG A 370 21.25 22.51 54.73
CA ARG A 370 21.99 21.92 53.61
C ARG A 370 21.07 21.64 52.43
N ALA A 371 19.86 21.14 52.69
CA ALA A 371 18.92 20.89 51.60
C ALA A 371 18.50 22.20 50.92
N ALA A 372 18.27 23.24 51.70
CA ALA A 372 17.94 24.54 51.12
C ALA A 372 19.09 25.07 50.27
N LYS A 373 20.32 24.92 50.75
CA LYS A 373 21.47 25.35 49.96
C LYS A 373 21.62 24.54 48.69
N ILE A 374 21.33 23.24 48.75
CA ILE A 374 21.37 22.41 47.56
C ILE A 374 20.35 22.90 46.53
N ASP A 375 19.13 23.19 46.98
CA ASP A 375 18.12 23.70 46.06
C ASP A 375 18.53 25.04 45.47
N ARG A 376 19.08 25.94 46.30
CA ARG A 376 19.51 27.24 45.80
C ARG A 376 20.61 27.09 44.75
N LEU A 377 21.57 26.20 45.00
CA LEU A 377 22.63 25.97 44.02
C LEU A 377 22.07 25.38 42.74
N SER A 378 21.15 24.42 42.86
CA SER A 378 20.59 23.76 41.68
C SER A 378 19.83 24.74 40.80
N ARG A 379 19.05 25.63 41.43
CA ARG A 379 18.24 26.57 40.67
C ARG A 379 19.06 27.45 39.74
N ILE A 380 20.36 27.61 40.01
CA ILE A 380 21.22 28.42 39.17
C ILE A 380 22.07 27.51 38.28
N ALA A 381 22.44 26.34 38.81
CA ALA A 381 23.34 25.45 38.08
C ALA A 381 22.65 24.82 36.89
N PHE A 382 21.45 24.29 37.07
CA PHE A 382 20.78 23.57 35.99
C PHE A 382 20.48 24.46 34.79
N PRO A 383 19.84 25.62 34.92
CA PRO A 383 19.61 26.45 33.72
C PRO A 383 20.89 26.92 33.06
N LEU A 384 21.91 27.29 33.85
CA LEU A 384 23.16 27.76 33.27
C LEU A 384 23.85 26.65 32.50
N LEU A 385 23.90 25.44 33.08
CA LEU A 385 24.51 24.32 32.37
C LEU A 385 23.74 23.98 31.09
N PHE A 386 22.42 23.97 31.16
CA PHE A 386 21.64 23.65 29.96
C PHE A 386 21.83 24.71 28.87
N GLY A 387 21.88 25.99 29.25
CA GLY A 387 22.13 27.03 28.28
C GLY A 387 23.51 26.93 27.64
N ILE A 388 24.53 26.64 28.46
CA ILE A 388 25.88 26.48 27.93
C ILE A 388 25.93 25.29 26.97
N PHE A 389 25.28 24.19 27.34
CA PHE A 389 25.25 23.03 26.45
C PHE A 389 24.55 23.36 25.13
N ASN A 390 23.42 24.08 25.20
CA ASN A 390 22.73 24.45 23.97
C ASN A 390 23.61 25.31 23.08
N LEU A 391 24.28 26.29 23.67
CA LEU A 391 25.16 27.16 22.89
C LEU A 391 26.27 26.35 22.23
N VAL A 392 26.90 25.45 22.98
CA VAL A 392 27.99 24.65 22.43
C VAL A 392 27.48 23.75 21.31
N TYR A 393 26.33 23.10 21.53
CA TYR A 393 25.79 22.17 20.53
C TYR A 393 25.46 22.88 19.23
N TRP A 394 24.75 24.01 19.33
CA TRP A 394 24.36 24.73 18.11
C TRP A 394 25.56 25.38 17.43
N ALA A 395 26.54 25.87 18.20
CA ALA A 395 27.75 26.40 17.58
C ALA A 395 28.52 25.31 16.85
N THR A 396 28.57 24.11 17.43
CA THR A 396 29.28 23.01 16.78
C THR A 396 28.59 22.57 15.50
N TYR A 397 27.26 22.43 15.53
CA TYR A 397 26.58 21.83 14.39
C TYR A 397 26.18 22.83 13.31
N LEU A 398 25.98 24.10 13.65
CA LEU A 398 25.60 25.08 12.63
C LEU A 398 26.78 25.74 11.94
N ASN A 399 28.01 25.48 12.40
CA ASN A 399 29.20 26.02 11.77
C ASN A 399 30.04 24.94 11.09
N ARG A 400 29.52 23.71 10.98
CA ARG A 400 30.24 22.63 10.32
C ARG A 400 29.93 22.61 8.83
N ASN B 62 -26.79 4.47 -48.67
CA ASN B 62 -25.79 3.59 -49.27
C ASN B 62 -24.44 3.77 -48.59
N MET B 63 -24.00 2.73 -47.87
CA MET B 63 -22.74 2.79 -47.14
C MET B 63 -21.53 2.55 -48.03
N SER B 64 -21.72 2.00 -49.23
CA SER B 64 -20.59 1.75 -50.12
C SER B 64 -19.93 3.04 -50.56
N PHE B 65 -20.73 4.07 -50.86
CA PHE B 65 -20.17 5.35 -51.26
C PHE B 65 -19.37 5.97 -50.13
N VAL B 66 -19.88 5.89 -48.90
CA VAL B 66 -19.15 6.42 -47.75
C VAL B 66 -17.85 5.65 -47.53
N LYS B 67 -17.90 4.33 -47.67
CA LYS B 67 -16.68 3.54 -47.51
C LYS B 67 -15.64 3.90 -48.57
N GLU B 68 -16.09 4.07 -49.82
CA GLU B 68 -15.16 4.47 -50.88
C GLU B 68 -14.56 5.85 -50.61
N THR B 69 -15.39 6.78 -50.14
CA THR B 69 -14.89 8.12 -49.81
C THR B 69 -13.83 8.06 -48.72
N VAL B 70 -14.10 7.29 -47.66
CA VAL B 70 -13.15 7.20 -46.55
C VAL B 70 -11.87 6.50 -47.00
N ASP B 71 -11.99 5.48 -47.85
CA ASP B 71 -10.80 4.82 -48.38
C ASP B 71 -9.98 5.77 -49.24
N LYS B 72 -10.65 6.61 -50.03
CA LYS B 72 -9.93 7.62 -50.80
C LYS B 72 -9.22 8.60 -49.90
N LEU B 73 -9.85 8.99 -48.79
CA LEU B 73 -9.23 9.96 -47.89
C LEU B 73 -7.94 9.44 -47.30
N LEU B 74 -7.89 8.16 -46.93
CA LEU B 74 -6.75 7.58 -46.23
C LEU B 74 -5.82 6.80 -47.15
N LYS B 75 -6.04 6.87 -48.47
CA LYS B 75 -5.20 6.09 -49.39
C LYS B 75 -3.80 6.68 -49.50
N GLY B 76 -3.70 7.92 -50.00
CA GLY B 76 -2.44 8.61 -50.12
C GLY B 76 -2.04 9.43 -48.91
N TYR B 77 -2.79 9.32 -47.81
CA TYR B 77 -2.52 10.13 -46.64
C TYR B 77 -1.17 9.77 -46.03
N ASP B 78 -0.40 10.79 -45.65
CA ASP B 78 0.91 10.61 -45.05
C ASP B 78 0.83 11.06 -43.58
N ILE B 79 0.94 10.09 -42.67
CA ILE B 79 0.77 10.38 -41.24
C ILE B 79 1.99 11.06 -40.63
N ARG B 80 3.13 11.04 -41.30
CA ARG B 80 4.35 11.62 -40.75
C ARG B 80 4.45 13.12 -40.95
N LEU B 81 3.53 13.73 -41.70
CA LEU B 81 3.58 15.15 -42.02
C LEU B 81 2.34 15.84 -41.47
N ARG B 82 2.54 16.97 -40.81
CA ARG B 82 1.42 17.77 -40.35
C ARG B 82 0.73 18.44 -41.54
N PRO B 83 -0.53 18.83 -41.39
CA PRO B 83 -1.21 19.57 -42.46
C PRO B 83 -0.47 20.88 -42.75
N ASP B 84 -0.41 21.22 -44.03
CA ASP B 84 0.37 22.37 -44.51
C ASP B 84 1.83 22.25 -44.09
N PHE B 85 2.39 21.05 -44.23
CA PHE B 85 3.81 20.84 -43.94
C PHE B 85 4.67 21.68 -44.87
N GLY B 86 5.64 22.38 -44.30
CA GLY B 86 6.47 23.28 -45.07
C GLY B 86 5.82 24.60 -45.43
N GLY B 87 4.63 24.88 -44.91
CA GLY B 87 3.94 26.11 -45.21
C GLY B 87 3.57 26.88 -43.96
N PRO B 88 2.41 27.56 -44.00
CA PRO B 88 1.98 28.31 -42.83
C PRO B 88 1.62 27.38 -41.68
N PRO B 89 1.73 27.84 -40.44
CA PRO B 89 1.40 26.98 -39.31
C PRO B 89 -0.09 26.63 -39.26
N VAL B 90 -0.37 25.46 -38.69
CA VAL B 90 -1.74 24.98 -38.54
C VAL B 90 -2.28 25.45 -37.19
N CYS B 91 -3.48 26.02 -37.21
CA CYS B 91 -4.09 26.57 -36.00
C CYS B 91 -5.00 25.54 -35.36
N VAL B 92 -4.83 25.35 -34.05
CA VAL B 92 -5.61 24.39 -33.29
C VAL B 92 -6.36 25.11 -32.19
N GLY B 93 -7.67 24.91 -32.14
CA GLY B 93 -8.49 25.46 -31.07
C GLY B 93 -8.80 24.38 -30.04
N MET B 94 -8.95 24.80 -28.79
CA MET B 94 -9.10 23.85 -27.70
C MET B 94 -10.28 24.21 -26.81
N ASN B 95 -10.99 23.18 -26.36
CA ASN B 95 -12.08 23.30 -25.40
C ASN B 95 -11.88 22.30 -24.28
N ILE B 96 -12.26 22.69 -23.07
CA ILE B 96 -12.19 21.83 -21.90
C ILE B 96 -13.54 21.86 -21.20
N ASP B 97 -14.08 20.69 -20.91
CA ASP B 97 -15.27 20.55 -20.09
C ASP B 97 -14.87 19.78 -18.83
N ILE B 98 -14.79 20.48 -17.70
CA ILE B 98 -14.24 19.89 -16.48
C ILE B 98 -15.33 19.08 -15.79
N ALA B 99 -15.16 17.76 -15.75
CA ALA B 99 -16.17 16.91 -15.12
C ALA B 99 -16.11 17.01 -13.60
N SER B 100 -14.90 17.02 -13.03
CA SER B 100 -14.74 17.07 -11.59
C SER B 100 -13.27 17.29 -11.26
N ILE B 101 -13.03 17.87 -10.08
CA ILE B 101 -11.71 17.96 -9.48
C ILE B 101 -11.71 17.02 -8.29
N ASP B 102 -11.13 15.83 -8.48
CA ASP B 102 -11.36 14.73 -7.55
C ASP B 102 -10.81 15.04 -6.16
N MET B 103 -9.54 15.43 -6.07
CA MET B 103 -8.94 15.66 -4.77
C MET B 103 -7.88 16.74 -4.87
N VAL B 104 -7.63 17.40 -3.74
CA VAL B 104 -6.59 18.41 -3.62
C VAL B 104 -5.75 18.04 -2.40
N SER B 105 -4.47 17.77 -2.61
CA SER B 105 -3.60 17.21 -1.58
C SER B 105 -2.46 18.18 -1.27
N GLU B 106 -2.25 18.44 0.01
CA GLU B 106 -1.08 19.21 0.44
C GLU B 106 0.15 18.35 0.65
N VAL B 107 -0.05 17.10 1.06
CA VAL B 107 1.09 16.20 1.28
C VAL B 107 1.83 15.96 -0.03
N ASN B 108 1.10 15.62 -1.08
CA ASN B 108 1.69 15.34 -2.38
C ASN B 108 1.82 16.58 -3.25
N MET B 109 1.22 17.70 -2.86
CA MET B 109 1.27 18.95 -3.62
C MET B 109 0.75 18.77 -5.05
N ASP B 110 -0.42 18.14 -5.17
CA ASP B 110 -1.01 17.92 -6.48
C ASP B 110 -2.52 17.82 -6.35
N TYR B 111 -3.20 17.92 -7.49
CA TYR B 111 -4.64 17.79 -7.56
C TYR B 111 -5.02 16.94 -8.78
N THR B 112 -6.09 16.18 -8.65
CA THR B 112 -6.60 15.34 -9.72
C THR B 112 -7.70 16.09 -10.47
N LEU B 113 -7.78 15.88 -11.78
CA LEU B 113 -8.67 16.65 -12.64
C LEU B 113 -9.14 15.77 -13.78
N THR B 114 -10.46 15.59 -13.90
CA THR B 114 -11.04 14.87 -15.02
C THR B 114 -11.69 15.86 -15.98
N MET B 115 -11.37 15.71 -17.27
CA MET B 115 -11.82 16.69 -18.25
C MET B 115 -12.19 15.98 -19.56
N TYR B 116 -13.12 16.59 -20.28
CA TYR B 116 -13.33 16.33 -21.70
C TYR B 116 -12.52 17.35 -22.46
N PHE B 117 -11.47 16.90 -23.14
CA PHE B 117 -10.51 17.76 -23.82
C PHE B 117 -10.72 17.62 -25.33
N GLN B 118 -11.15 18.70 -25.98
CA GLN B 118 -11.46 18.69 -27.40
C GLN B 118 -10.50 19.61 -28.14
N GLN B 119 -10.06 19.16 -29.31
CA GLN B 119 -9.20 19.93 -30.19
C GLN B 119 -9.84 20.02 -31.58
N TYR B 120 -9.61 21.16 -32.22
CA TYR B 120 -10.27 21.50 -33.47
CA TYR B 120 -10.28 21.51 -33.47
C TYR B 120 -9.22 22.00 -34.44
N TRP B 121 -9.12 21.37 -35.61
CA TRP B 121 -8.18 21.85 -36.61
C TRP B 121 -8.72 21.55 -38.00
N ARG B 122 -7.98 21.98 -39.02
CA ARG B 122 -8.38 21.79 -40.41
C ARG B 122 -7.25 21.11 -41.16
N ASP B 123 -7.55 19.95 -41.76
CA ASP B 123 -6.61 19.20 -42.58
C ASP B 123 -7.22 19.06 -43.96
N LYS B 124 -6.69 19.81 -44.93
CA LYS B 124 -7.28 19.84 -46.26
C LYS B 124 -7.16 18.51 -46.99
N ARG B 125 -6.30 17.61 -46.52
CA ARG B 125 -6.20 16.28 -47.13
C ARG B 125 -7.38 15.40 -46.79
N LEU B 126 -8.22 15.80 -45.83
CA LEU B 126 -9.38 15.02 -45.41
C LEU B 126 -10.69 15.61 -45.90
N ALA B 127 -10.66 16.64 -46.74
CA ALA B 127 -11.88 17.23 -47.27
C ALA B 127 -12.53 16.29 -48.26
N TYR B 128 -13.84 16.10 -48.13
CA TYR B 128 -14.59 15.21 -49.00
C TYR B 128 -15.86 15.89 -49.48
N SER B 129 -16.34 15.45 -50.64
CA SER B 129 -17.51 16.03 -51.29
C SER B 129 -18.49 14.93 -51.64
N GLY B 130 -19.75 15.33 -51.83
CA GLY B 130 -20.81 14.41 -52.15
C GLY B 130 -21.56 13.85 -50.97
N ILE B 131 -21.11 14.14 -49.75
CA ILE B 131 -21.77 13.72 -48.52
C ILE B 131 -22.08 14.97 -47.70
N PRO B 132 -23.35 15.28 -47.45
CA PRO B 132 -23.70 16.48 -46.67
C PRO B 132 -23.65 16.30 -45.17
N LEU B 133 -23.05 15.23 -44.67
CA LEU B 133 -23.05 14.91 -43.26
C LEU B 133 -21.66 15.11 -42.65
N ASN B 134 -21.63 15.25 -41.33
CA ASN B 134 -20.39 15.20 -40.57
C ASN B 134 -20.14 13.76 -40.15
N LEU B 135 -19.01 13.21 -40.59
CA LEU B 135 -18.75 11.79 -40.38
C LEU B 135 -18.12 11.59 -39.00
N THR B 136 -18.90 11.05 -38.07
CA THR B 136 -18.38 10.67 -36.76
C THR B 136 -17.86 9.25 -36.87
N LEU B 137 -16.54 9.09 -36.90
CA LEU B 137 -15.94 7.80 -37.19
C LEU B 137 -15.51 7.11 -35.91
N ASP B 138 -15.11 5.85 -36.05
CA ASP B 138 -14.61 5.08 -34.92
C ASP B 138 -13.35 5.72 -34.37
N ASN B 139 -13.13 5.55 -33.07
CA ASN B 139 -11.96 6.17 -32.44
C ASN B 139 -10.66 5.59 -32.97
N ARG B 140 -10.67 4.33 -33.41
CA ARG B 140 -9.45 3.72 -33.94
C ARG B 140 -8.95 4.42 -35.19
N VAL B 141 -9.83 5.11 -35.92
CA VAL B 141 -9.40 5.89 -37.08
C VAL B 141 -8.40 6.96 -36.68
N ALA B 142 -8.42 7.38 -35.41
CA ALA B 142 -7.45 8.37 -34.94
C ALA B 142 -6.02 7.85 -34.99
N ASP B 143 -5.84 6.53 -35.13
CA ASP B 143 -4.48 6.01 -35.25
C ASP B 143 -3.90 6.26 -36.63
N GLN B 144 -4.75 6.40 -37.65
CA GLN B 144 -4.29 6.60 -39.02
C GLN B 144 -4.21 8.07 -39.41
N LEU B 145 -4.64 8.98 -38.55
CA LEU B 145 -4.65 10.41 -38.83
C LEU B 145 -3.55 11.11 -38.05
N TRP B 146 -3.23 12.33 -38.49
CA TRP B 146 -2.31 13.18 -37.76
C TRP B 146 -3.06 13.91 -36.65
N VAL B 147 -2.52 13.87 -35.45
CA VAL B 147 -3.10 14.58 -34.32
C VAL B 147 -2.00 15.41 -33.66
N PRO B 148 -2.32 16.54 -33.04
CA PRO B 148 -1.29 17.34 -32.38
C PRO B 148 -0.65 16.59 -31.21
N ASP B 149 0.63 16.88 -30.98
CA ASP B 149 1.37 16.28 -29.87
C ASP B 149 1.22 17.11 -28.60
N THR B 150 -0.02 17.36 -28.22
CA THR B 150 -0.30 18.21 -27.06
C THR B 150 -0.02 17.44 -25.77
N TYR B 151 0.69 18.10 -24.85
CA TYR B 151 1.00 17.51 -23.56
C TYR B 151 0.78 18.54 -22.47
N PHE B 152 0.72 18.05 -21.23
CA PHE B 152 0.57 18.89 -20.05
C PHE B 152 1.90 18.93 -19.32
N LEU B 153 2.46 20.14 -19.16
CA LEU B 153 3.81 20.27 -18.63
C LEU B 153 3.91 19.77 -17.20
N ASN B 154 2.93 20.11 -16.36
CA ASN B 154 3.03 19.87 -14.93
C ASN B 154 2.16 18.69 -14.48
N ASP B 155 2.03 17.65 -15.29
CA ASP B 155 1.27 16.47 -14.89
C ASP B 155 2.22 15.37 -14.45
N LYS B 156 1.82 14.65 -13.40
CA LYS B 156 2.61 13.57 -12.84
C LYS B 156 2.11 12.19 -13.25
N LYS B 157 0.81 12.06 -13.50
CA LYS B 157 0.24 10.78 -13.90
C LYS B 157 -1.07 11.05 -14.61
N SER B 158 -1.17 10.66 -15.88
CA SER B 158 -2.35 10.91 -16.68
C SER B 158 -2.72 9.64 -17.45
N PHE B 159 -4.01 9.52 -17.76
CA PHE B 159 -4.47 8.36 -18.52
C PHE B 159 -5.79 8.71 -19.20
N VAL B 160 -6.00 8.10 -20.36
CA VAL B 160 -7.28 8.18 -21.07
C VAL B 160 -8.12 6.98 -20.67
N HIS B 161 -9.38 7.24 -20.31
CA HIS B 161 -10.25 6.16 -19.88
C HIS B 161 -10.51 5.19 -21.02
N GLY B 162 -10.55 3.89 -20.69
CA GLY B 162 -10.63 2.88 -21.72
C GLY B 162 -11.69 1.82 -21.48
N VAL B 163 -12.80 2.20 -20.86
CA VAL B 163 -13.95 1.32 -20.64
C VAL B 163 -15.20 2.03 -21.14
N THR B 164 -15.99 1.37 -21.97
CA THR B 164 -15.74 0.00 -22.42
C THR B 164 -14.73 -0.05 -23.56
N VAL B 165 -14.59 1.08 -24.26
CA VAL B 165 -13.55 1.28 -25.26
C VAL B 165 -12.80 2.55 -24.89
N LYS B 166 -11.71 2.81 -25.60
CA LYS B 166 -10.94 4.02 -25.35
C LYS B 166 -11.81 5.25 -25.59
N ASN B 167 -11.85 6.13 -24.59
CA ASN B 167 -12.72 7.31 -24.67
C ASN B 167 -12.12 8.32 -25.63
N ARG B 168 -12.44 8.18 -26.91
CA ARG B 168 -11.86 9.02 -27.95
C ARG B 168 -12.91 9.24 -29.03
N MET B 169 -12.93 10.45 -29.57
CA MET B 169 -13.92 10.85 -30.58
C MET B 169 -13.21 11.50 -31.76
N ILE B 170 -13.54 11.03 -32.96
CA ILE B 170 -13.07 11.63 -34.20
C ILE B 170 -14.28 12.00 -35.03
N ARG B 171 -14.38 13.28 -35.40
CA ARG B 171 -15.49 13.78 -36.20
C ARG B 171 -14.94 14.61 -37.34
N LEU B 172 -15.17 14.16 -38.57
CA LEU B 172 -14.74 14.86 -39.77
C LEU B 172 -15.88 15.68 -40.35
N HIS B 173 -15.53 16.75 -41.05
CA HIS B 173 -16.47 17.68 -41.66
C HIS B 173 -16.15 17.79 -43.14
N PRO B 174 -17.13 18.19 -43.95
CA PRO B 174 -16.90 18.23 -45.41
C PRO B 174 -15.72 19.11 -45.82
N ASP B 175 -15.47 20.22 -45.13
CA ASP B 175 -14.38 21.11 -45.52
C ASP B 175 -13.04 20.68 -44.95
N GLY B 176 -12.91 19.42 -44.53
CA GLY B 176 -11.67 18.90 -43.99
C GLY B 176 -11.44 19.16 -42.52
N THR B 177 -12.39 19.78 -41.84
CA THR B 177 -12.24 20.06 -40.41
C THR B 177 -12.28 18.75 -39.62
N VAL B 178 -11.44 18.68 -38.57
CA VAL B 178 -11.37 17.53 -37.70
C VAL B 178 -11.57 17.99 -36.27
N LEU B 179 -12.48 17.31 -35.56
CA LEU B 179 -12.70 17.46 -34.14
C LEU B 179 -12.26 16.19 -33.44
N TYR B 180 -11.39 16.34 -32.44
CA TYR B 180 -10.74 15.22 -31.77
C TYR B 180 -10.92 15.38 -30.27
N GLY B 181 -11.62 14.45 -29.64
CA GLY B 181 -11.98 14.55 -28.23
C GLY B 181 -11.44 13.39 -27.42
N LEU B 182 -11.01 13.69 -26.19
CA LEU B 182 -10.51 12.70 -25.25
C LEU B 182 -11.11 12.96 -23.88
N ARG B 183 -11.15 11.92 -23.05
CA ARG B 183 -11.56 12.05 -21.66
C ARG B 183 -10.35 11.71 -20.80
N ILE B 184 -9.74 12.73 -20.20
CA ILE B 184 -8.45 12.60 -19.54
C ILE B 184 -8.62 12.85 -18.05
N THR B 185 -8.15 11.90 -17.25
CA THR B 185 -8.02 12.08 -15.81
C THR B 185 -6.54 12.22 -15.49
N THR B 186 -6.13 13.41 -15.08
CA THR B 186 -4.72 13.74 -14.91
C THR B 186 -4.49 14.29 -13.52
N THR B 187 -3.40 13.85 -12.88
CA THR B 187 -2.92 14.46 -11.65
C THR B 187 -1.87 15.49 -12.00
N ALA B 188 -2.04 16.70 -11.51
CA ALA B 188 -1.16 17.81 -11.85
C ALA B 188 -0.56 18.41 -10.58
N ALA B 189 0.72 18.76 -10.67
CA ALA B 189 1.43 19.33 -9.53
C ALA B 189 0.96 20.76 -9.29
N CYS B 190 0.72 21.09 -8.02
CA CYS B 190 0.36 22.45 -7.61
C CYS B 190 1.10 22.74 -6.32
N MET B 191 2.21 23.48 -6.42
CA MET B 191 2.94 23.88 -5.23
C MET B 191 2.13 24.90 -4.44
N MET B 192 1.98 24.65 -3.14
CA MET B 192 1.11 25.43 -2.28
C MET B 192 1.92 26.18 -1.24
N ASP B 193 1.57 27.45 -1.02
CA ASP B 193 2.17 28.26 0.03
C ASP B 193 1.29 28.15 1.27
N LEU B 194 1.69 27.27 2.19
CA LEU B 194 0.90 26.98 3.38
C LEU B 194 1.26 27.87 4.57
N ARG B 195 1.79 29.07 4.31
CA ARG B 195 2.13 29.96 5.43
C ARG B 195 0.89 30.48 6.13
N ARG B 196 -0.26 30.52 5.45
CA ARG B 196 -1.51 30.96 6.04
C ARG B 196 -2.49 29.81 6.26
N TYR B 197 -1.99 28.58 6.23
CA TYR B 197 -2.84 27.42 6.46
C TYR B 197 -3.42 27.48 7.87
N PRO B 198 -4.69 27.08 8.07
CA PRO B 198 -5.68 26.62 7.08
C PRO B 198 -6.56 27.73 6.55
N LEU B 199 -6.07 28.97 6.57
CA LEU B 199 -6.80 30.13 6.05
C LEU B 199 -6.15 30.63 4.77
N ASP B 200 -5.67 29.71 3.95
CA ASP B 200 -4.87 30.04 2.78
C ASP B 200 -5.71 30.09 1.52
N GLU B 201 -5.08 30.54 0.44
CA GLU B 201 -5.71 30.60 -0.88
C GLU B 201 -4.66 30.19 -1.91
N GLN B 202 -4.98 29.18 -2.70
CA GLN B 202 -4.03 28.60 -3.64
C GLN B 202 -4.41 28.95 -5.07
N ASN B 203 -3.41 28.89 -5.94
CA ASN B 203 -3.57 29.16 -7.37
C ASN B 203 -3.01 27.95 -8.12
N CYS B 204 -3.89 27.04 -8.51
CA CYS B 204 -3.47 25.80 -9.17
C CYS B 204 -3.72 25.89 -10.66
N THR B 205 -2.69 25.65 -11.44
CA THR B 205 -2.74 25.82 -12.89
C THR B 205 -2.62 24.48 -13.60
N LEU B 206 -2.98 24.49 -14.87
CA LEU B 206 -2.80 23.36 -15.78
C LEU B 206 -2.22 23.90 -17.07
N GLU B 207 -1.07 23.38 -17.47
CA GLU B 207 -0.35 23.85 -18.64
C GLU B 207 -0.62 22.94 -19.83
N ILE B 208 -0.73 23.53 -21.01
CA ILE B 208 -0.96 22.82 -22.25
C ILE B 208 0.04 23.34 -23.26
N GLU B 209 0.76 22.43 -23.92
CA GLU B 209 1.81 22.85 -24.83
C GLU B 209 1.98 21.82 -25.94
N SER B 210 2.55 22.27 -27.04
CA SER B 210 2.93 21.38 -28.13
C SER B 210 4.39 21.00 -27.96
N TYR B 211 4.68 19.70 -28.04
CA TYR B 211 6.02 19.24 -27.72
C TYR B 211 6.99 19.46 -28.88
N GLY B 212 6.71 18.86 -30.03
CA GLY B 212 7.66 18.86 -31.12
C GLY B 212 7.53 19.98 -32.12
N TYR B 213 6.42 20.70 -32.12
CA TYR B 213 6.15 21.74 -33.12
C TYR B 213 6.26 23.12 -32.48
N THR B 214 7.09 23.97 -33.08
CA THR B 214 7.28 25.32 -32.60
C THR B 214 6.17 26.23 -33.13
N THR B 215 6.27 27.52 -32.83
CA THR B 215 5.29 28.49 -33.31
C THR B 215 5.34 28.66 -34.82
N ASP B 216 6.40 28.18 -35.48
CA ASP B 216 6.46 28.17 -36.94
C ASP B 216 5.65 27.03 -37.55
N ASP B 217 5.22 26.06 -36.75
CA ASP B 217 4.50 24.89 -37.25
C ASP B 217 3.07 24.80 -36.74
N ILE B 218 2.81 25.15 -35.49
CA ILE B 218 1.50 25.00 -34.89
C ILE B 218 1.16 26.25 -34.09
N GLU B 219 -0.13 26.46 -33.87
CA GLU B 219 -0.62 27.58 -33.08
C GLU B 219 -1.78 27.12 -32.22
N PHE B 220 -1.80 27.58 -30.97
CA PHE B 220 -2.84 27.23 -30.01
C PHE B 220 -3.67 28.47 -29.69
N TYR B 221 -4.98 28.28 -29.59
CA TYR B 221 -5.86 29.33 -29.10
C TYR B 221 -7.05 28.67 -28.40
N TRP B 222 -7.64 29.40 -27.46
CA TRP B 222 -8.84 28.94 -26.78
C TRP B 222 -10.04 29.16 -27.70
N ARG B 223 -10.65 28.07 -28.15
CA ARG B 223 -11.77 28.15 -29.08
C ARG B 223 -13.02 28.50 -28.29
N GLY B 224 -13.54 29.70 -28.51
CA GLY B 224 -14.67 30.21 -27.76
C GLY B 224 -14.36 31.38 -26.86
N GLY B 225 -13.16 31.94 -26.92
CA GLY B 225 -12.82 33.07 -26.07
C GLY B 225 -12.72 32.64 -24.62
N ASP B 226 -13.39 33.38 -23.75
CA ASP B 226 -13.40 33.08 -22.32
C ASP B 226 -14.42 32.03 -21.93
N LYS B 227 -15.21 31.53 -22.88
CA LYS B 227 -16.18 30.48 -22.63
C LYS B 227 -15.69 29.11 -23.06
N ALA B 228 -14.38 28.99 -23.35
CA ALA B 228 -13.83 27.73 -23.83
C ALA B 228 -13.75 26.66 -22.75
N VAL B 229 -13.95 27.02 -21.49
CA VAL B 229 -13.92 26.07 -20.38
C VAL B 229 -15.25 26.12 -19.66
N THR B 230 -15.87 24.95 -19.47
CA THR B 230 -17.16 24.82 -18.83
C THR B 230 -17.07 23.86 -17.66
N GLY B 231 -18.12 23.84 -16.85
CA GLY B 231 -18.23 22.94 -15.73
C GLY B 231 -17.57 23.39 -14.45
N VAL B 232 -16.90 24.55 -14.47
CA VAL B 232 -16.22 25.02 -13.27
C VAL B 232 -17.22 25.39 -12.18
N GLU B 233 -18.36 25.97 -12.57
CA GLU B 233 -19.34 26.42 -11.59
C GLU B 233 -19.99 25.24 -10.86
N ARG B 234 -20.07 24.08 -11.50
CA ARG B 234 -20.73 22.92 -10.91
C ARG B 234 -19.80 22.06 -10.07
N ILE B 235 -18.54 22.45 -9.92
CA ILE B 235 -17.59 21.70 -9.10
C ILE B 235 -17.85 22.01 -7.63
N GLU B 236 -17.95 20.96 -6.81
CA GLU B 236 -18.20 21.10 -5.38
C GLU B 236 -17.07 20.42 -4.62
N LEU B 237 -16.02 21.18 -4.33
CA LEU B 237 -14.93 20.66 -3.50
C LEU B 237 -15.34 20.71 -2.04
N PRO B 238 -15.24 19.60 -1.31
CA PRO B 238 -15.65 19.62 0.10
C PRO B 238 -14.90 20.62 0.95
N GLN B 239 -13.62 20.86 0.66
CA GLN B 239 -12.79 21.70 1.49
C GLN B 239 -12.40 23.02 0.84
N PHE B 240 -12.70 23.21 -0.45
CA PHE B 240 -12.32 24.41 -1.17
C PHE B 240 -13.51 24.98 -1.92
N SER B 241 -13.44 26.26 -2.21
CA SER B 241 -14.41 26.94 -3.07
C SER B 241 -13.66 27.62 -4.20
N ILE B 242 -14.05 27.31 -5.44
CA ILE B 242 -13.35 27.82 -6.62
C ILE B 242 -13.75 29.29 -6.79
N VAL B 243 -12.87 30.19 -6.38
CA VAL B 243 -13.17 31.62 -6.46
C VAL B 243 -13.26 32.07 -7.91
N GLU B 244 -12.31 31.66 -8.73
CA GLU B 244 -12.22 32.15 -10.10
C GLU B 244 -11.41 31.16 -10.93
N HIS B 245 -11.64 31.19 -12.24
CA HIS B 245 -10.80 30.47 -13.19
C HIS B 245 -10.42 31.40 -14.32
N ARG B 246 -9.21 31.23 -14.83
CA ARG B 246 -8.62 32.15 -15.79
C ARG B 246 -7.95 31.37 -16.92
N LEU B 247 -8.00 31.95 -18.12
CA LEU B 247 -7.42 31.38 -19.32
C LEU B 247 -6.32 32.30 -19.84
N VAL B 248 -5.16 31.73 -20.12
CA VAL B 248 -4.00 32.50 -20.59
C VAL B 248 -3.43 31.82 -21.83
N SER B 249 -2.97 32.63 -22.78
CA SER B 249 -2.30 32.13 -23.98
C SER B 249 -1.04 32.93 -24.21
N ARG B 250 0.09 32.24 -24.40
CA ARG B 250 1.38 32.90 -24.52
C ARG B 250 2.35 31.99 -25.26
N ASN B 251 3.63 32.36 -25.23
CA ASN B 251 4.70 31.59 -25.86
C ASN B 251 5.79 31.31 -24.84
N VAL B 252 6.31 30.08 -24.86
CA VAL B 252 7.39 29.67 -23.97
C VAL B 252 8.60 29.32 -24.82
N VAL B 253 9.74 29.92 -24.49
CA VAL B 253 10.96 29.78 -25.27
C VAL B 253 11.92 28.87 -24.52
N PHE B 254 12.18 27.69 -25.08
CA PHE B 254 13.24 26.81 -24.63
C PHE B 254 14.41 26.92 -25.59
N ALA B 255 15.50 26.22 -25.25
CA ALA B 255 16.69 26.25 -26.08
C ALA B 255 16.45 25.64 -27.46
N THR B 256 15.36 24.90 -27.63
CA THR B 256 15.00 24.33 -28.93
C THR B 256 13.99 25.18 -29.70
N GLY B 257 13.62 26.36 -29.21
CA GLY B 257 12.74 27.24 -29.92
C GLY B 257 11.58 27.69 -29.08
N ALA B 258 10.61 28.36 -29.71
CA ALA B 258 9.45 28.91 -29.04
C ALA B 258 8.22 28.06 -29.35
N TYR B 259 7.44 27.74 -28.32
CA TYR B 259 6.27 26.90 -28.46
C TYR B 259 5.05 27.61 -27.90
N PRO B 260 3.88 27.38 -28.48
CA PRO B 260 2.65 27.96 -27.92
C PRO B 260 2.30 27.32 -26.58
N ARG B 261 1.65 28.11 -25.72
CA ARG B 261 1.34 27.68 -24.37
C ARG B 261 -0.04 28.18 -23.98
N LEU B 262 -0.86 27.28 -23.44
CA LEU B 262 -2.15 27.63 -22.87
C LEU B 262 -2.16 27.29 -21.39
N SER B 263 -2.77 28.14 -20.59
CA SER B 263 -2.81 27.95 -19.14
C SER B 263 -4.24 28.08 -18.66
N LEU B 264 -4.70 27.08 -17.90
CA LEU B 264 -6.00 27.11 -17.25
C LEU B 264 -5.76 27.11 -15.75
N SER B 265 -6.07 28.22 -15.09
CA SER B 265 -5.77 28.37 -13.68
C SER B 265 -7.04 28.50 -12.87
N PHE B 266 -7.01 27.96 -11.65
CA PHE B 266 -8.09 28.11 -10.69
C PHE B 266 -7.54 28.75 -9.42
N ARG B 267 -8.34 29.60 -8.79
CA ARG B 267 -8.00 30.15 -7.49
C ARG B 267 -8.94 29.52 -6.46
N LEU B 268 -8.37 28.70 -5.59
CA LEU B 268 -9.13 27.92 -4.62
C LEU B 268 -8.96 28.54 -3.24
N LYS B 269 -10.09 28.79 -2.56
CA LYS B 269 -10.08 29.29 -1.19
C LYS B 269 -10.53 28.19 -0.25
N ARG B 270 -9.74 27.94 0.79
CA ARG B 270 -10.02 26.85 1.70
C ARG B 270 -11.06 27.27 2.74
N ASN B 271 -12.11 26.48 2.86
CA ASN B 271 -13.11 26.73 3.90
C ASN B 271 -12.50 26.43 5.26
N ILE B 272 -12.64 27.37 6.19
CA ILE B 272 -12.09 27.18 7.53
C ILE B 272 -12.79 26.01 8.23
N GLY B 273 -14.10 26.14 8.47
CA GLY B 273 -14.97 25.00 8.70
C GLY B 273 -14.46 23.92 9.62
N TYR B 274 -14.22 22.75 9.04
CA TYR B 274 -13.68 21.57 9.70
C TYR B 274 -12.56 21.88 10.69
N PHE B 275 -11.70 22.84 10.35
CA PHE B 275 -10.59 23.18 11.23
C PHE B 275 -11.03 23.84 12.53
N ILE B 276 -12.20 24.48 12.55
CA ILE B 276 -12.72 25.01 13.81
C ILE B 276 -13.08 23.87 14.76
N LEU B 277 -13.80 22.87 14.25
CA LEU B 277 -14.19 21.75 15.09
C LEU B 277 -13.06 20.76 15.32
N GLN B 278 -11.97 20.87 14.58
CA GLN B 278 -10.89 19.90 14.67
C GLN B 278 -9.75 20.35 15.58
N THR B 279 -9.24 21.56 15.40
CA THR B 279 -8.03 21.99 16.10
C THR B 279 -8.26 23.19 17.00
N TYR B 280 -8.88 24.26 16.50
CA TYR B 280 -9.01 25.47 17.29
C TYR B 280 -9.86 25.24 18.54
N MET B 281 -10.98 24.54 18.40
CA MET B 281 -11.86 24.33 19.54
C MET B 281 -11.22 23.49 20.65
N PRO B 282 -10.55 22.37 20.37
CA PRO B 282 -9.85 21.67 21.46
C PRO B 282 -8.81 22.53 22.16
N SER B 283 -8.06 23.35 21.40
CA SER B 283 -7.06 24.21 22.02
C SER B 283 -7.71 25.24 22.92
N ILE B 284 -8.81 25.84 22.47
CA ILE B 284 -9.53 26.81 23.31
C ILE B 284 -10.05 26.13 24.57
N LEU B 285 -10.62 24.93 24.43
CA LEU B 285 -11.17 24.24 25.59
C LEU B 285 -10.08 23.87 26.59
N ILE B 286 -8.92 23.44 26.11
CA ILE B 286 -7.83 23.11 27.01
C ILE B 286 -7.28 24.36 27.70
N THR B 287 -7.18 25.47 26.96
CA THR B 287 -6.75 26.72 27.60
C THR B 287 -7.74 27.14 28.68
N ILE B 288 -9.04 27.00 28.42
CA ILE B 288 -10.04 27.32 29.43
C ILE B 288 -9.91 26.38 30.63
N LEU B 289 -9.66 25.10 30.37
CA LEU B 289 -9.48 24.13 31.44
C LEU B 289 -8.29 24.51 32.33
N SER B 290 -7.21 24.99 31.72
CA SER B 290 -6.04 25.37 32.51
C SER B 290 -6.33 26.47 33.51
N TRP B 291 -7.39 27.25 33.30
CA TRP B 291 -7.72 28.36 34.20
C TRP B 291 -8.47 27.90 35.44
N VAL B 292 -8.91 26.64 35.50
CA VAL B 292 -9.58 26.14 36.70
C VAL B 292 -8.62 26.13 37.89
N SER B 293 -7.31 26.14 37.65
CA SER B 293 -6.34 26.14 38.73
C SER B 293 -6.51 27.36 39.63
N PHE B 294 -6.80 28.52 39.03
CA PHE B 294 -6.92 29.74 39.82
C PHE B 294 -8.11 29.71 40.78
N TRP B 295 -9.05 28.80 40.58
CA TRP B 295 -10.23 28.69 41.43
C TRP B 295 -10.12 27.56 42.44
N ILE B 296 -8.93 27.00 42.61
CA ILE B 296 -8.67 25.96 43.60
C ILE B 296 -7.77 26.55 44.67
N ASN B 297 -8.05 26.21 45.93
CA ASN B 297 -7.29 26.76 47.05
C ASN B 297 -5.81 26.47 46.89
N TYR B 298 -4.98 27.46 47.24
CA TYR B 298 -3.56 27.40 46.96
C TYR B 298 -2.81 26.34 47.76
N ASP B 299 -3.43 25.75 48.78
CA ASP B 299 -2.79 24.70 49.55
C ASP B 299 -2.98 23.32 48.95
N ALA B 300 -3.72 23.21 47.85
CA ALA B 300 -3.92 21.92 47.17
C ALA B 300 -2.91 21.79 46.05
N SER B 301 -1.66 21.53 46.46
CA SER B 301 -0.54 21.53 45.50
C SER B 301 -0.67 20.40 44.49
N ALA B 302 -1.02 19.20 44.95
CA ALA B 302 -1.03 18.04 44.06
C ALA B 302 -2.01 18.22 42.91
N ALA B 303 -3.24 18.65 43.22
CA ALA B 303 -4.26 18.79 42.19
C ALA B 303 -3.88 19.84 41.16
N ARG B 304 -3.43 21.01 41.62
CA ARG B 304 -3.08 22.08 40.69
C ARG B 304 -1.88 21.72 39.84
N VAL B 305 -0.87 21.08 40.43
CA VAL B 305 0.29 20.66 39.65
C VAL B 305 -0.10 19.62 38.62
N ALA B 306 -0.94 18.66 39.00
CA ALA B 306 -1.40 17.66 38.05
C ALA B 306 -2.17 18.31 36.90
N LEU B 307 -3.05 19.27 37.21
CA LEU B 307 -3.80 19.95 36.17
C LEU B 307 -2.88 20.70 35.21
N GLY B 308 -1.92 21.44 35.75
CA GLY B 308 -1.02 22.19 34.88
C GLY B 308 -0.19 21.30 34.00
N ILE B 309 0.40 20.25 34.59
CA ILE B 309 1.22 19.32 33.81
C ILE B 309 0.39 18.66 32.72
N THR B 310 -0.83 18.22 33.06
CA THR B 310 -1.68 17.56 32.08
C THR B 310 -2.04 18.50 30.94
N THR B 311 -2.38 19.75 31.25
CA THR B 311 -2.71 20.69 30.19
C THR B 311 -1.53 20.94 29.27
N VAL B 312 -0.33 21.13 29.84
CA VAL B 312 0.84 21.40 29.02
C VAL B 312 1.14 20.21 28.11
N LEU B 313 1.15 19.00 28.67
CA LEU B 313 1.45 17.83 27.87
C LEU B 313 0.40 17.59 26.80
N THR B 314 -0.88 17.82 27.13
CA THR B 314 -1.93 17.63 26.14
C THR B 314 -1.79 18.62 25.00
N MET B 315 -1.45 19.88 25.30
CA MET B 315 -1.25 20.86 24.24
C MET B 315 -0.09 20.46 23.33
N THR B 316 1.03 20.01 23.92
CA THR B 316 2.17 19.57 23.12
C THR B 316 1.79 18.39 22.23
N THR B 317 1.08 17.41 22.80
CA THR B 317 0.67 16.24 22.02
C THR B 317 -0.26 16.63 20.89
N ILE B 318 -1.19 17.55 21.15
CA ILE B 318 -2.11 18.00 20.11
C ILE B 318 -1.34 18.62 18.95
N ASN B 319 -0.42 19.54 19.28
CA ASN B 319 0.33 20.21 18.22
C ASN B 319 1.15 19.21 17.41
N THR B 320 1.84 18.29 18.09
CA THR B 320 2.69 17.33 17.39
C THR B 320 1.87 16.40 16.49
N HIS B 321 0.80 15.81 17.04
CA HIS B 321 0.00 14.89 16.25
C HIS B 321 -0.72 15.60 15.11
N LEU B 322 -1.05 16.87 15.27
CA LEU B 322 -1.62 17.62 14.15
C LEU B 322 -0.59 17.84 13.06
N ARG B 323 0.61 18.29 13.42
CA ARG B 323 1.62 18.57 12.41
C ARG B 323 2.15 17.31 11.75
N GLU B 324 1.97 16.15 12.35
CA GLU B 324 2.47 14.93 11.71
C GLU B 324 1.68 14.52 10.45
N THR B 325 0.73 15.28 9.91
CA THR B 325 -0.03 14.87 8.74
C THR B 325 0.05 15.91 7.63
N LEU B 326 1.22 16.50 7.44
CA LEU B 326 1.44 17.56 6.47
C LEU B 326 2.85 17.42 5.91
N PRO B 327 3.12 17.99 4.74
CA PRO B 327 4.49 17.98 4.23
C PRO B 327 5.44 18.71 5.19
N LYS B 328 6.66 18.21 5.29
CA LYS B 328 7.60 18.73 6.26
C LYS B 328 8.15 20.08 5.81
N ILE B 329 7.29 21.10 5.84
CA ILE B 329 7.66 22.46 5.49
C ILE B 329 8.55 23.03 6.58
N PRO B 330 9.47 23.94 6.27
CA PRO B 330 10.36 24.51 7.27
C PRO B 330 9.86 25.77 7.97
N TYR B 331 8.69 26.29 7.61
CA TYR B 331 8.20 27.55 8.15
C TYR B 331 7.03 27.30 9.10
N VAL B 332 6.46 28.40 9.60
CA VAL B 332 5.41 28.37 10.61
C VAL B 332 4.10 28.78 9.95
N LYS B 333 3.06 27.98 10.15
CA LYS B 333 1.74 28.26 9.64
C LYS B 333 0.91 29.05 10.66
N ALA B 334 -0.27 29.47 10.24
CA ALA B 334 -1.16 30.21 11.14
C ALA B 334 -1.62 29.33 12.30
N ILE B 335 -1.98 28.08 12.00
CA ILE B 335 -2.42 27.17 13.04
C ILE B 335 -1.29 26.89 14.02
N ASP B 336 -0.06 26.84 13.52
CA ASP B 336 1.10 26.68 14.40
C ASP B 336 1.25 27.89 15.32
N MET B 337 1.03 29.10 14.78
CA MET B 337 1.09 30.29 15.63
C MET B 337 0.03 30.23 16.73
N TYR B 338 -1.18 29.82 16.37
CA TYR B 338 -2.24 29.72 17.38
C TYR B 338 -1.89 28.69 18.45
N LEU B 339 -1.39 27.53 18.04
CA LEU B 339 -1.05 26.49 19.00
C LEU B 339 0.11 26.93 19.90
N MET B 340 1.10 27.62 19.35
CA MET B 340 2.19 28.12 20.17
C MET B 340 1.70 29.16 21.17
N GLY B 341 0.78 30.03 20.74
CA GLY B 341 0.21 30.99 21.69
C GLY B 341 -0.54 30.30 22.82
N CYS B 342 -1.33 29.28 22.49
CA CYS B 342 -2.05 28.55 23.53
C CYS B 342 -1.08 27.85 24.48
N PHE B 343 -0.01 27.26 23.95
CA PHE B 343 0.99 26.63 24.79
C PHE B 343 1.66 27.65 25.70
N VAL B 344 1.97 28.83 25.18
CA VAL B 344 2.56 29.87 26.02
C VAL B 344 1.61 30.24 27.15
N PHE B 345 0.31 30.37 26.85
CA PHE B 345 -0.65 30.71 27.89
C PHE B 345 -0.72 29.64 28.98
N VAL B 346 -0.79 28.37 28.59
CA VAL B 346 -0.91 27.32 29.62
C VAL B 346 0.39 27.20 30.43
N PHE B 347 1.53 27.37 29.77
CA PHE B 347 2.80 27.34 30.49
C PHE B 347 2.90 28.51 31.45
N LEU B 348 2.40 29.69 31.05
CA LEU B 348 2.39 30.82 31.96
C LEU B 348 1.47 30.58 33.14
N ALA B 349 0.35 29.90 32.91
CA ALA B 349 -0.52 29.55 34.04
C ALA B 349 0.21 28.66 35.04
N LEU B 350 0.92 27.64 34.53
CA LEU B 350 1.67 26.77 35.42
C LEU B 350 2.77 27.52 36.16
N LEU B 351 3.47 28.42 35.45
CA LEU B 351 4.51 29.23 36.08
C LEU B 351 3.92 30.13 37.16
N GLU B 352 2.74 30.70 36.90
CA GLU B 352 2.08 31.53 37.90
C GLU B 352 1.74 30.72 39.13
N TYR B 353 1.25 29.49 38.96
CA TYR B 353 0.99 28.66 40.12
C TYR B 353 2.28 28.36 40.88
N ALA B 354 3.37 28.09 40.16
CA ALA B 354 4.62 27.81 40.84
C ALA B 354 5.08 29.01 41.66
N PHE B 355 4.92 30.22 41.10
CA PHE B 355 5.28 31.42 41.85
C PHE B 355 4.39 31.58 43.08
N VAL B 356 3.10 31.29 42.96
CA VAL B 356 2.20 31.37 44.11
C VAL B 356 2.62 30.38 45.18
N ASN B 357 2.91 29.14 44.77
CA ASN B 357 3.35 28.11 45.70
C ASN B 357 4.70 28.43 46.34
N TYR B 358 5.50 29.26 45.69
CA TYR B 358 6.82 29.59 46.23
C TYR B 358 6.73 30.52 47.43
N ILE B 359 5.68 31.34 47.51
CA ILE B 359 5.61 32.35 48.57
C ILE B 359 4.31 32.27 49.35
N PHE B 360 3.54 31.19 49.18
CA PHE B 360 2.26 31.13 49.89
C PHE B 360 2.44 30.85 51.38
N PHE B 361 3.64 30.48 51.82
CA PHE B 361 3.87 30.28 53.25
C PHE B 361 4.17 31.59 53.95
N SER B 362 5.20 32.30 53.51
CA SER B 362 5.60 33.53 54.19
C SER B 362 4.62 34.67 53.93
N GLN B 363 4.04 34.72 52.73
CA GLN B 363 3.13 35.80 52.33
C GLN B 363 1.85 35.21 51.73
N PRO B 364 0.99 34.62 52.56
CA PRO B 364 -0.27 34.07 52.02
C PRO B 364 -1.15 35.12 51.36
N ALA B 365 -1.16 36.35 51.90
CA ALA B 365 -2.01 37.39 51.33
C ALA B 365 -1.58 37.75 49.92
N ARG B 366 -0.28 37.85 49.68
CA ARG B 366 0.21 38.16 48.34
C ARG B 366 -0.16 37.04 47.36
N ALA B 367 -0.04 35.78 47.80
CA ALA B 367 -0.42 34.67 46.94
C ALA B 367 -1.90 34.71 46.61
N ALA B 368 -2.75 35.01 47.60
CA ALA B 368 -4.18 35.10 47.34
C ALA B 368 -4.49 36.24 46.39
N ALA B 369 -3.83 37.38 46.55
CA ALA B 369 -4.04 38.50 45.64
C ALA B 369 -3.61 38.15 44.22
N ILE B 370 -2.49 37.43 44.08
CA ILE B 370 -2.05 37.02 42.75
C ILE B 370 -3.04 36.06 42.13
N ASP B 371 -3.59 35.14 42.92
CA ASP B 371 -4.62 34.24 42.39
C ASP B 371 -5.85 35.03 41.93
N ARG B 372 -6.29 36.00 42.73
CA ARG B 372 -7.45 36.79 42.35
C ARG B 372 -7.19 37.57 41.06
N TRP B 373 -6.01 38.17 40.94
CA TRP B 373 -5.69 38.94 39.74
C TRP B 373 -5.57 38.04 38.51
N SER B 374 -5.01 36.84 38.68
CA SER B 374 -4.90 35.90 37.57
C SER B 374 -6.24 35.32 37.18
N ARG B 375 -7.23 35.35 38.07
CA ARG B 375 -8.58 34.94 37.69
C ARG B 375 -9.17 35.85 36.61
N ILE B 376 -8.63 37.05 36.44
CA ILE B 376 -9.16 38.04 35.51
C ILE B 376 -8.20 38.30 34.36
N VAL B 377 -6.91 38.42 34.65
CA VAL B 377 -5.96 38.84 33.63
C VAL B 377 -5.83 37.81 32.51
N PHE B 378 -5.79 36.53 32.88
CA PHE B 378 -5.60 35.49 31.88
C PHE B 378 -6.73 35.42 30.86
N PRO B 379 -8.02 35.37 31.24
CA PRO B 379 -9.07 35.36 30.21
C PRO B 379 -9.06 36.61 29.34
N PHE B 380 -8.79 37.77 29.93
CA PHE B 380 -8.75 39.01 29.15
C PHE B 380 -7.60 38.98 28.14
N THR B 381 -6.42 38.53 28.58
CA THR B 381 -5.28 38.45 27.67
C THR B 381 -5.52 37.44 26.56
N PHE B 382 -6.15 36.31 26.87
CA PHE B 382 -6.46 35.33 25.85
C PHE B 382 -7.48 35.87 24.86
N SER B 383 -8.46 36.63 25.35
CA SER B 383 -9.42 37.26 24.44
C SER B 383 -8.73 38.25 23.52
N LEU B 384 -7.80 39.06 24.04
CA LEU B 384 -7.06 39.97 23.19
C LEU B 384 -6.23 39.22 22.16
N PHE B 385 -5.60 38.12 22.57
CA PHE B 385 -4.81 37.32 21.64
C PHE B 385 -5.67 36.78 20.51
N ASN B 386 -6.85 36.24 20.85
CA ASN B 386 -7.75 35.72 19.83
C ASN B 386 -8.21 36.84 18.90
N LEU B 387 -8.53 38.01 19.46
CA LEU B 387 -8.98 39.12 18.64
C LEU B 387 -7.91 39.52 17.64
N VAL B 388 -6.67 39.67 18.11
CA VAL B 388 -5.58 40.06 17.20
C VAL B 388 -5.36 38.98 16.15
N TYR B 389 -5.37 37.70 16.56
CA TYR B 389 -5.11 36.63 15.61
C TYR B 389 -6.17 36.59 14.52
N TRP B 390 -7.45 36.68 14.89
CA TRP B 390 -8.51 36.57 13.91
C TRP B 390 -8.70 37.85 13.11
N LEU B 391 -8.22 38.99 13.59
CA LEU B 391 -8.22 40.19 12.77
C LEU B 391 -6.94 40.32 11.94
N TYR B 392 -5.95 39.47 12.18
CA TYR B 392 -4.76 39.44 11.34
C TYR B 392 -4.83 38.39 10.26
N TYR B 393 -5.55 37.28 10.49
CA TYR B 393 -5.63 36.21 9.52
C TYR B 393 -6.99 36.07 8.85
N VAL B 394 -8.02 36.78 9.32
CA VAL B 394 -9.32 36.74 8.68
C VAL B 394 -9.84 38.15 8.47
N ASN C 62 14.89 -33.87 -38.27
CA ASN C 62 15.46 -32.65 -38.83
C ASN C 62 14.62 -31.43 -38.45
N MET C 63 15.29 -30.30 -38.23
CA MET C 63 14.58 -29.09 -37.83
C MET C 63 13.68 -28.58 -38.96
N SER C 64 14.15 -28.66 -40.20
CA SER C 64 13.34 -28.20 -41.33
C SER C 64 12.06 -29.01 -41.47
N PHE C 65 12.15 -30.33 -41.27
CA PHE C 65 10.97 -31.18 -41.36
C PHE C 65 9.94 -30.80 -40.31
N VAL C 66 10.39 -30.56 -39.07
CA VAL C 66 9.46 -30.16 -38.01
C VAL C 66 8.87 -28.79 -38.29
N LYS C 67 9.67 -27.88 -38.83
CA LYS C 67 9.16 -26.57 -39.21
C LYS C 67 8.07 -26.69 -40.27
N GLU C 68 8.30 -27.56 -41.27
CA GLU C 68 7.29 -27.79 -42.30
C GLU C 68 6.02 -28.39 -41.70
N THR C 69 6.17 -29.33 -40.77
CA THR C 69 5.01 -29.94 -40.13
C THR C 69 4.20 -28.91 -39.37
N VAL C 70 4.88 -28.05 -38.60
CA VAL C 70 4.17 -27.03 -37.82
C VAL C 70 3.50 -26.02 -38.75
N ASP C 71 4.17 -25.63 -39.83
CA ASP C 71 3.57 -24.70 -40.78
C ASP C 71 2.34 -25.30 -41.44
N LYS C 72 2.39 -26.60 -41.77
CA LYS C 72 1.21 -27.26 -42.31
C LYS C 72 0.08 -27.31 -41.29
N LEU C 73 0.42 -27.52 -40.02
CA LEU C 73 -0.59 -27.53 -38.96
C LEU C 73 -1.27 -26.18 -38.85
N LEU C 74 -0.49 -25.09 -38.88
CA LEU C 74 -1.06 -23.77 -38.70
C LEU C 74 -1.66 -23.22 -39.99
N LYS C 75 -1.36 -23.86 -41.12
CA LYS C 75 -1.93 -23.42 -42.39
C LYS C 75 -3.41 -23.79 -42.46
N GLY C 76 -4.22 -22.83 -42.89
CA GLY C 76 -5.66 -23.06 -42.96
C GLY C 76 -6.30 -23.32 -41.62
N TYR C 77 -5.83 -22.67 -40.56
CA TYR C 77 -6.34 -22.86 -39.22
C TYR C 77 -7.16 -21.64 -38.82
N ASP C 78 -8.38 -21.88 -38.34
CA ASP C 78 -9.29 -20.81 -37.97
C ASP C 78 -9.31 -20.69 -36.45
N ILE C 79 -8.59 -19.69 -35.93
CA ILE C 79 -8.53 -19.49 -34.49
C ILE C 79 -9.88 -19.08 -33.93
N ARG C 80 -10.72 -18.42 -34.73
CA ARG C 80 -11.99 -17.92 -34.26
C ARG C 80 -12.98 -19.03 -33.90
N LEU C 81 -12.75 -20.24 -34.39
CA LEU C 81 -13.67 -21.36 -34.18
C LEU C 81 -13.08 -22.33 -33.17
N ARG C 82 -13.88 -22.73 -32.19
CA ARG C 82 -13.46 -23.72 -31.23
C ARG C 82 -13.38 -25.10 -31.88
N PRO C 83 -12.63 -26.02 -31.28
CA PRO C 83 -12.62 -27.39 -31.80
C PRO C 83 -14.02 -28.00 -31.77
N ASP C 84 -14.32 -28.79 -32.80
CA ASP C 84 -15.63 -29.40 -32.97
C ASP C 84 -16.74 -28.35 -32.98
N PHE C 85 -16.50 -27.25 -33.68
CA PHE C 85 -17.49 -26.19 -33.78
C PHE C 85 -18.75 -26.70 -34.47
N GLY C 86 -19.90 -26.44 -33.88
CA GLY C 86 -21.15 -26.94 -34.39
C GLY C 86 -21.45 -28.38 -34.03
N GLY C 87 -20.58 -29.03 -33.27
CA GLY C 87 -20.78 -30.41 -32.89
C GLY C 87 -20.77 -30.60 -31.39
N PRO C 88 -20.17 -31.70 -30.93
CA PRO C 88 -20.17 -31.98 -29.49
C PRO C 88 -19.29 -30.98 -28.75
N PRO C 89 -19.56 -30.75 -27.47
CA PRO C 89 -18.72 -29.82 -26.70
C PRO C 89 -17.32 -30.36 -26.48
N VAL C 90 -16.38 -29.45 -26.25
CA VAL C 90 -15.00 -29.80 -26.01
C VAL C 90 -14.77 -29.95 -24.51
N CYS C 91 -14.18 -31.07 -24.11
CA CYS C 91 -13.92 -31.34 -22.70
C CYS C 91 -12.55 -30.78 -22.32
N VAL C 92 -12.52 -29.95 -21.29
CA VAL C 92 -11.31 -29.30 -20.81
C VAL C 92 -11.03 -29.78 -19.40
N GLY C 93 -9.86 -30.39 -19.20
CA GLY C 93 -9.41 -30.79 -17.88
C GLY C 93 -8.48 -29.75 -17.30
N MET C 94 -8.50 -29.61 -15.98
CA MET C 94 -7.76 -28.55 -15.32
C MET C 94 -6.95 -29.06 -14.15
N ASN C 95 -5.75 -28.53 -13.99
CA ASN C 95 -4.91 -28.77 -12.83
C ASN C 95 -4.41 -27.44 -12.30
N ILE C 96 -4.24 -27.38 -10.98
CA ILE C 96 -3.73 -26.18 -10.31
C ILE C 96 -2.62 -26.61 -9.36
N ASP C 97 -1.47 -25.96 -9.47
CA ASP C 97 -0.35 -26.17 -8.56
C ASP C 97 -0.10 -24.87 -7.80
N ILE C 98 -0.45 -24.86 -6.52
CA ILE C 98 -0.47 -23.62 -5.75
C ILE C 98 0.94 -23.30 -5.28
N ALA C 99 1.51 -22.21 -5.80
CA ALA C 99 2.84 -21.81 -5.36
C ALA C 99 2.83 -21.34 -3.91
N SER C 100 1.90 -20.44 -3.58
CA SER C 100 1.80 -19.88 -2.24
C SER C 100 0.52 -19.05 -2.16
N ILE C 101 0.27 -18.51 -0.98
CA ILE C 101 -0.77 -17.50 -0.75
C ILE C 101 -0.07 -16.32 -0.10
N ASP C 102 0.09 -15.24 -0.85
CA ASP C 102 0.93 -14.13 -0.38
C ASP C 102 0.36 -13.50 0.88
N MET C 103 -0.93 -13.18 0.88
CA MET C 103 -1.54 -12.54 2.03
C MET C 103 -3.04 -12.80 2.02
N VAL C 104 -3.64 -12.65 3.20
CA VAL C 104 -5.08 -12.74 3.40
C VAL C 104 -5.48 -11.48 4.16
N SER C 105 -6.12 -10.54 3.47
CA SER C 105 -6.40 -9.22 4.03
C SER C 105 -7.86 -9.10 4.42
N GLU C 106 -8.10 -8.67 5.66
CA GLU C 106 -9.44 -8.43 6.17
C GLU C 106 -9.94 -7.01 5.89
N VAL C 107 -9.02 -6.04 5.73
CA VAL C 107 -9.43 -4.68 5.42
C VAL C 107 -10.15 -4.64 4.07
N ASN C 108 -9.52 -5.22 3.05
CA ASN C 108 -10.10 -5.26 1.72
C ASN C 108 -10.88 -6.54 1.45
N MET C 109 -10.87 -7.48 2.40
CA MET C 109 -11.60 -8.74 2.28
C MET C 109 -11.20 -9.49 1.01
N ASP C 110 -9.92 -9.85 0.93
CA ASP C 110 -9.42 -10.58 -0.23
C ASP C 110 -8.24 -11.45 0.18
N TYR C 111 -7.71 -12.18 -0.79
CA TYR C 111 -6.50 -12.97 -0.58
C TYR C 111 -5.75 -13.09 -1.90
N THR C 112 -4.43 -13.03 -1.83
CA THR C 112 -3.57 -13.14 -2.99
C THR C 112 -3.07 -14.56 -3.15
N LEU C 113 -3.15 -15.08 -4.38
CA LEU C 113 -2.85 -16.47 -4.67
C LEU C 113 -2.01 -16.56 -5.94
N THR C 114 -0.87 -17.24 -5.85
CA THR C 114 -0.01 -17.49 -7.00
C THR C 114 -0.10 -18.97 -7.35
N MET C 115 -0.26 -19.26 -8.64
CA MET C 115 -0.52 -20.64 -9.02
C MET C 115 0.01 -20.92 -10.42
N TYR C 116 0.20 -22.20 -10.70
CA TYR C 116 0.36 -22.72 -12.05
C TYR C 116 -0.97 -23.34 -12.47
N PHE C 117 -1.58 -22.77 -13.50
CA PHE C 117 -2.88 -23.21 -13.99
C PHE C 117 -2.66 -23.92 -15.33
N GLN C 118 -2.98 -25.21 -15.37
CA GLN C 118 -2.79 -26.04 -16.55
C GLN C 118 -4.14 -26.49 -17.10
N GLN C 119 -4.31 -26.34 -18.41
CA GLN C 119 -5.52 -26.78 -19.10
C GLN C 119 -5.15 -27.82 -20.15
N TYR C 120 -6.06 -28.78 -20.33
CA TYR C 120 -5.82 -29.93 -21.19
CA TYR C 120 -5.82 -29.94 -21.18
C TYR C 120 -7.05 -30.13 -22.07
N TRP C 121 -6.85 -30.11 -23.38
CA TRP C 121 -7.96 -30.35 -24.29
C TRP C 121 -7.44 -31.03 -25.54
N ARG C 122 -8.35 -31.34 -26.46
CA ARG C 122 -7.98 -31.99 -27.71
C ARG C 122 -8.49 -31.18 -28.89
N ASP C 123 -7.61 -30.94 -29.85
CA ASP C 123 -7.95 -30.19 -31.07
C ASP C 123 -7.47 -31.02 -32.25
N LYS C 124 -8.41 -31.68 -32.95
CA LYS C 124 -8.04 -32.56 -34.05
C LYS C 124 -7.42 -31.82 -35.22
N ARG C 125 -7.62 -30.51 -35.33
CA ARG C 125 -7.01 -29.75 -36.41
C ARG C 125 -5.50 -29.63 -36.24
N LEU C 126 -4.98 -29.81 -35.02
CA LEU C 126 -3.56 -29.72 -34.75
C LEU C 126 -2.87 -31.08 -34.73
N ALA C 127 -3.59 -32.16 -35.06
CA ALA C 127 -2.99 -33.48 -35.08
C ALA C 127 -1.95 -33.58 -36.17
N TYR C 128 -0.80 -34.16 -35.83
CA TYR C 128 0.31 -34.34 -36.77
C TYR C 128 0.82 -35.76 -36.69
N SER C 129 1.33 -36.25 -37.83
CA SER C 129 1.86 -37.60 -37.92
C SER C 129 3.29 -37.54 -38.47
N GLY C 130 4.00 -38.64 -38.31
CA GLY C 130 5.37 -38.75 -38.76
C GLY C 130 6.42 -38.35 -37.75
N ILE C 131 6.01 -37.81 -36.59
CA ILE C 131 6.95 -37.44 -35.54
C ILE C 131 6.54 -38.13 -34.24
N PRO C 132 7.33 -39.07 -33.72
CA PRO C 132 7.02 -39.74 -32.45
C PRO C 132 7.46 -38.94 -31.23
N LEU C 133 7.17 -37.65 -31.23
CA LEU C 133 7.62 -36.75 -30.17
C LEU C 133 6.50 -35.83 -29.76
N ASN C 134 6.60 -35.32 -28.54
CA ASN C 134 5.68 -34.31 -28.02
C ASN C 134 6.34 -32.94 -28.21
N LEU C 135 5.68 -32.08 -28.97
CA LEU C 135 6.27 -30.79 -29.36
C LEU C 135 6.02 -29.78 -28.25
N THR C 136 7.05 -29.49 -27.46
CA THR C 136 6.99 -28.42 -26.48
C THR C 136 7.42 -27.14 -27.20
N LEU C 137 6.45 -26.31 -27.56
CA LEU C 137 6.71 -25.17 -28.42
C LEU C 137 6.92 -23.90 -27.59
N ASP C 138 7.33 -22.84 -28.28
CA ASP C 138 7.56 -21.57 -27.64
C ASP C 138 6.23 -21.00 -27.13
N ASN C 139 6.34 -20.08 -26.16
CA ASN C 139 5.14 -19.47 -25.59
C ASN C 139 4.39 -18.64 -26.63
N ARG C 140 5.13 -17.95 -27.50
CA ARG C 140 4.49 -17.06 -28.48
C ARG C 140 3.60 -17.85 -29.45
N VAL C 141 3.88 -19.14 -29.65
CA VAL C 141 3.05 -19.97 -30.51
C VAL C 141 1.62 -20.01 -29.98
N ALA C 142 1.44 -19.86 -28.68
CA ALA C 142 0.09 -19.85 -28.10
C ALA C 142 -0.77 -18.73 -28.67
N ASP C 143 -0.16 -17.68 -29.21
CA ASP C 143 -0.93 -16.59 -29.80
C ASP C 143 -1.60 -17.00 -31.11
N GLN C 144 -1.28 -18.17 -31.66
CA GLN C 144 -1.83 -18.60 -32.94
C GLN C 144 -2.71 -19.83 -32.81
N LEU C 145 -3.15 -20.16 -31.60
CA LEU C 145 -4.01 -21.31 -31.36
C LEU C 145 -5.28 -20.87 -30.65
N TRP C 146 -6.25 -21.78 -30.62
CA TRP C 146 -7.49 -21.58 -29.88
C TRP C 146 -7.29 -22.01 -28.44
N VAL C 147 -7.58 -21.11 -27.51
CA VAL C 147 -7.47 -21.42 -26.09
C VAL C 147 -8.81 -21.12 -25.43
N PRO C 148 -9.17 -21.80 -24.35
CA PRO C 148 -10.46 -21.51 -23.69
C PRO C 148 -10.45 -20.12 -23.08
N ASP C 149 -11.67 -19.60 -22.88
CA ASP C 149 -11.88 -18.28 -22.30
C ASP C 149 -12.08 -18.36 -20.79
N THR C 150 -11.42 -19.31 -20.13
CA THR C 150 -11.56 -19.50 -18.70
C THR C 150 -11.24 -18.22 -17.94
N TYR C 151 -12.09 -17.88 -16.97
CA TYR C 151 -11.87 -16.72 -16.12
C TYR C 151 -12.27 -17.04 -14.70
N PHE C 152 -11.85 -16.19 -13.78
CA PHE C 152 -12.16 -16.34 -12.36
C PHE C 152 -13.21 -15.31 -11.99
N LEU C 153 -14.36 -15.79 -11.51
CA LEU C 153 -15.50 -14.90 -11.30
C LEU C 153 -15.28 -13.93 -10.15
N ASN C 154 -14.46 -14.31 -9.17
CA ASN C 154 -14.32 -13.53 -7.94
C ASN C 154 -12.91 -12.97 -7.78
N ASP C 155 -12.25 -12.61 -8.89
CA ASP C 155 -10.93 -12.01 -8.82
C ASP C 155 -11.02 -10.52 -9.11
N LYS C 156 -10.09 -9.76 -8.53
CA LYS C 156 -10.09 -8.31 -8.64
C LYS C 156 -8.90 -7.75 -9.39
N LYS C 157 -7.75 -8.41 -9.31
CA LYS C 157 -6.57 -7.99 -10.07
C LYS C 157 -5.74 -9.24 -10.32
N SER C 158 -5.68 -9.68 -11.58
CA SER C 158 -4.92 -10.85 -11.97
C SER C 158 -3.97 -10.50 -13.09
N PHE C 159 -2.79 -11.13 -13.07
CA PHE C 159 -1.81 -10.93 -14.14
C PHE C 159 -0.99 -12.18 -14.30
N VAL C 160 -0.40 -12.32 -15.48
CA VAL C 160 0.54 -13.39 -15.79
C VAL C 160 1.94 -12.83 -15.71
N HIS C 161 2.82 -13.49 -14.95
CA HIS C 161 4.19 -13.03 -14.80
C HIS C 161 4.90 -12.99 -16.15
N GLY C 162 5.68 -11.95 -16.37
CA GLY C 162 6.31 -11.75 -17.67
C GLY C 162 7.79 -11.45 -17.63
N VAL C 163 8.49 -12.03 -16.66
CA VAL C 163 9.94 -11.92 -16.55
C VAL C 163 10.52 -13.33 -16.43
N THR C 164 11.49 -13.66 -17.28
CA THR C 164 12.03 -12.78 -18.30
C THR C 164 11.17 -12.81 -19.56
N VAL C 165 10.30 -13.80 -19.64
CA VAL C 165 9.31 -13.93 -20.70
C VAL C 165 7.97 -14.23 -20.07
N LYS C 166 6.91 -14.16 -20.87
CA LYS C 166 5.59 -14.53 -20.38
C LYS C 166 5.59 -15.99 -19.96
N ASN C 167 5.27 -16.24 -18.69
CA ASN C 167 5.34 -17.59 -18.13
C ASN C 167 4.16 -18.37 -18.70
N ARG C 168 4.34 -18.82 -19.94
CA ARG C 168 3.31 -19.53 -20.69
C ARG C 168 3.94 -20.72 -21.39
N MET C 169 3.24 -21.84 -21.39
CA MET C 169 3.76 -23.08 -21.95
C MET C 169 2.71 -23.72 -22.85
N ILE C 170 3.13 -24.14 -24.05
CA ILE C 170 2.27 -24.86 -24.97
C ILE C 170 2.96 -26.17 -25.34
N ARG C 171 2.23 -27.28 -25.24
CA ARG C 171 2.75 -28.59 -25.58
C ARG C 171 1.72 -29.33 -26.42
N LEU C 172 2.09 -29.64 -27.65
CA LEU C 172 1.25 -30.40 -28.57
C LEU C 172 1.67 -31.87 -28.56
N HIS C 173 0.72 -32.73 -28.86
CA HIS C 173 0.91 -34.18 -28.85
C HIS C 173 0.49 -34.74 -30.20
N PRO C 174 1.02 -35.90 -30.58
CA PRO C 174 0.68 -36.46 -31.90
C PRO C 174 -0.80 -36.76 -32.08
N ASP C 175 -1.54 -36.91 -31.00
CA ASP C 175 -2.98 -37.16 -31.08
C ASP C 175 -3.79 -35.87 -31.25
N GLY C 176 -3.12 -34.73 -31.40
CA GLY C 176 -3.82 -33.46 -31.43
C GLY C 176 -4.26 -32.98 -30.07
N THR C 177 -3.52 -33.32 -29.02
CA THR C 177 -3.87 -32.96 -27.65
C THR C 177 -3.00 -31.82 -27.18
N VAL C 178 -3.63 -30.76 -26.70
CA VAL C 178 -2.96 -29.52 -26.33
C VAL C 178 -2.95 -29.39 -24.82
N LEU C 179 -1.76 -29.10 -24.27
CA LEU C 179 -1.57 -28.76 -22.87
C LEU C 179 -1.08 -27.31 -22.80
N TYR C 180 -1.75 -26.50 -22.00
CA TYR C 180 -1.52 -25.06 -21.95
C TYR C 180 -1.36 -24.64 -20.50
N GLY C 181 -0.19 -24.12 -20.16
CA GLY C 181 0.14 -23.78 -18.77
C GLY C 181 0.43 -22.31 -18.60
N LEU C 182 -0.07 -21.74 -17.51
CA LEU C 182 0.13 -20.33 -17.19
C LEU C 182 0.56 -20.19 -15.73
N ARG C 183 1.29 -19.13 -15.43
CA ARG C 183 1.65 -18.79 -14.06
C ARG C 183 0.95 -17.49 -13.69
N ILE C 184 -0.04 -17.58 -12.80
CA ILE C 184 -1.02 -16.52 -12.59
C ILE C 184 -0.99 -16.10 -11.12
N THR C 185 -0.94 -14.80 -10.88
CA THR C 185 -1.11 -14.22 -9.55
C THR C 185 -2.43 -13.46 -9.54
N THR C 186 -3.36 -13.90 -8.69
CA THR C 186 -4.71 -13.35 -8.66
C THR C 186 -5.06 -12.93 -7.25
N THR C 187 -5.69 -11.75 -7.13
CA THR C 187 -6.21 -11.26 -5.86
C THR C 187 -7.70 -11.57 -5.84
N ALA C 188 -8.06 -12.72 -5.26
CA ALA C 188 -9.45 -13.14 -5.25
C ALA C 188 -10.18 -12.51 -4.06
N ALA C 189 -11.47 -12.29 -4.24
CA ALA C 189 -12.30 -11.65 -3.23
C ALA C 189 -12.92 -12.71 -2.33
N CYS C 190 -12.62 -12.63 -1.04
CA CYS C 190 -13.17 -13.53 -0.04
C CYS C 190 -13.84 -12.69 1.04
N MET C 191 -15.13 -12.93 1.25
CA MET C 191 -15.89 -12.20 2.26
C MET C 191 -15.83 -12.95 3.59
N MET C 192 -15.50 -12.24 4.65
CA MET C 192 -15.18 -12.84 5.94
C MET C 192 -16.22 -12.46 6.99
N ASP C 193 -16.55 -13.42 7.85
CA ASP C 193 -17.46 -13.20 8.98
C ASP C 193 -16.61 -13.08 10.23
N LEU C 194 -16.41 -11.85 10.70
CA LEU C 194 -15.56 -11.57 11.85
C LEU C 194 -16.32 -11.53 13.17
N ARG C 195 -17.42 -12.26 13.28
CA ARG C 195 -18.19 -12.26 14.53
C ARG C 195 -17.46 -12.98 15.65
N ARG C 196 -16.69 -14.02 15.31
CA ARG C 196 -15.96 -14.80 16.31
C ARG C 196 -14.47 -14.47 16.32
N TYR C 197 -14.08 -13.35 15.74
CA TYR C 197 -12.69 -12.93 15.74
C TYR C 197 -12.20 -12.74 17.17
N PRO C 198 -11.00 -13.22 17.52
CA PRO C 198 -10.05 -13.96 16.71
C PRO C 198 -10.13 -15.48 16.89
N LEU C 199 -11.32 -16.04 16.98
CA LEU C 199 -11.51 -17.49 17.11
C LEU C 199 -12.36 -18.01 15.95
N ASP C 200 -12.07 -17.55 14.74
CA ASP C 200 -12.92 -17.76 13.58
C ASP C 200 -12.22 -18.59 12.52
N GLU C 201 -13.02 -19.33 11.76
CA GLU C 201 -12.57 -20.04 10.57
C GLU C 201 -13.13 -19.35 9.33
N GLN C 202 -12.28 -19.22 8.31
CA GLN C 202 -12.64 -18.53 7.08
C GLN C 202 -12.61 -19.49 5.90
N ASN C 203 -13.70 -19.53 5.14
CA ASN C 203 -13.81 -20.37 3.95
C ASN C 203 -13.68 -19.48 2.73
N CYS C 204 -12.55 -19.60 2.03
CA CYS C 204 -12.27 -18.77 0.87
C CYS C 204 -12.22 -19.62 -0.40
N THR C 205 -12.90 -19.17 -1.44
CA THR C 205 -13.08 -19.96 -2.65
C THR C 205 -12.53 -19.22 -3.87
N LEU C 206 -12.17 -20.01 -4.88
CA LEU C 206 -11.83 -19.50 -6.20
C LEU C 206 -12.73 -20.19 -7.21
N GLU C 207 -13.44 -19.39 -8.01
CA GLU C 207 -14.39 -19.89 -8.98
C GLU C 207 -13.79 -19.80 -10.38
N ILE C 208 -13.97 -20.86 -11.15
CA ILE C 208 -13.39 -21.00 -12.48
C ILE C 208 -14.54 -21.28 -13.44
N GLU C 209 -14.74 -20.38 -14.42
CA GLU C 209 -15.88 -20.51 -15.31
C GLU C 209 -15.50 -20.13 -16.73
N SER C 210 -16.20 -20.73 -17.69
CA SER C 210 -16.06 -20.36 -19.09
C SER C 210 -16.99 -19.19 -19.38
N TYR C 211 -16.43 -18.13 -19.98
CA TYR C 211 -17.22 -16.91 -20.16
C TYR C 211 -18.17 -17.02 -21.35
N GLY C 212 -17.63 -17.21 -22.55
CA GLY C 212 -18.44 -17.12 -23.75
C GLY C 212 -19.12 -18.40 -24.19
N TYR C 213 -18.64 -19.55 -23.71
CA TYR C 213 -19.11 -20.85 -24.18
C TYR C 213 -20.00 -21.50 -23.13
N THR C 214 -21.19 -21.93 -23.55
CA THR C 214 -22.16 -22.54 -22.66
C THR C 214 -21.84 -24.02 -22.49
N THR C 215 -22.71 -24.74 -21.77
CA THR C 215 -22.51 -26.18 -21.57
C THR C 215 -22.67 -26.97 -22.85
N ASP C 216 -23.27 -26.39 -23.89
CA ASP C 216 -23.35 -27.04 -25.20
C ASP C 216 -22.06 -26.90 -25.99
N ASP C 217 -21.14 -26.03 -25.57
CA ASP C 217 -19.89 -25.81 -26.29
C ASP C 217 -18.67 -26.31 -25.54
N ILE C 218 -18.66 -26.25 -24.21
CA ILE C 218 -17.48 -26.60 -23.43
C ILE C 218 -17.93 -27.33 -22.16
N GLU C 219 -17.03 -28.14 -21.61
CA GLU C 219 -17.26 -28.82 -20.35
C GLU C 219 -15.98 -28.77 -19.53
N PHE C 220 -16.13 -28.58 -18.22
CA PHE C 220 -15.00 -28.49 -17.31
C PHE C 220 -15.00 -29.69 -16.37
N TYR C 221 -13.80 -30.12 -16.00
CA TYR C 221 -13.63 -31.17 -15.01
C TYR C 221 -12.23 -31.08 -14.44
N TRP C 222 -12.04 -31.70 -13.27
CA TRP C 222 -10.74 -31.77 -12.64
C TRP C 222 -10.01 -33.00 -13.16
N ARG C 223 -8.82 -32.80 -13.72
CA ARG C 223 -8.07 -33.90 -14.32
C ARG C 223 -7.34 -34.66 -13.22
N GLY C 224 -7.74 -35.90 -13.00
CA GLY C 224 -7.21 -36.72 -11.93
C GLY C 224 -8.11 -36.86 -10.72
N GLY C 225 -9.13 -36.03 -10.60
CA GLY C 225 -10.08 -36.14 -9.51
C GLY C 225 -9.68 -35.27 -8.33
N ASP C 226 -9.64 -35.86 -7.14
CA ASP C 226 -9.29 -35.13 -5.93
C ASP C 226 -7.81 -34.77 -5.86
N LYS C 227 -6.99 -35.31 -6.74
CA LYS C 227 -5.56 -35.02 -6.77
C LYS C 227 -5.21 -33.97 -7.81
N ALA C 228 -6.20 -33.29 -8.39
CA ALA C 228 -5.94 -32.31 -9.43
C ALA C 228 -5.31 -31.03 -8.90
N VAL C 229 -5.42 -30.77 -7.61
CA VAL C 229 -4.85 -29.58 -6.99
C VAL C 229 -3.77 -30.04 -6.02
N THR C 230 -2.54 -29.58 -6.26
CA THR C 230 -1.39 -29.92 -5.44
C THR C 230 -0.77 -28.65 -4.87
N GLY C 231 0.32 -28.83 -4.12
CA GLY C 231 0.99 -27.70 -3.52
C GLY C 231 0.28 -27.08 -2.34
N VAL C 232 -0.74 -27.77 -1.80
CA VAL C 232 -1.48 -27.22 -0.66
C VAL C 232 -0.57 -27.08 0.56
N GLU C 233 0.36 -28.02 0.73
CA GLU C 233 1.26 -27.96 1.87
C GLU C 233 2.27 -26.83 1.75
N ARG C 234 2.48 -26.28 0.56
CA ARG C 234 3.43 -25.18 0.39
C ARG C 234 2.92 -23.87 0.96
N ILE C 235 1.65 -23.80 1.34
CA ILE C 235 1.06 -22.54 1.78
C ILE C 235 1.45 -22.29 3.24
N GLU C 236 2.04 -21.14 3.51
CA GLU C 236 2.46 -20.75 4.86
C GLU C 236 2.01 -19.33 5.12
N LEU C 237 1.10 -19.16 6.08
CA LEU C 237 0.60 -17.86 6.48
C LEU C 237 0.94 -17.62 7.94
N PRO C 238 1.50 -16.45 8.28
CA PRO C 238 1.87 -16.20 9.68
C PRO C 238 0.70 -16.25 10.65
N GLN C 239 -0.49 -15.84 10.24
CA GLN C 239 -1.63 -15.78 11.15
C GLN C 239 -2.73 -16.78 10.81
N PHE C 240 -2.53 -17.65 9.82
CA PHE C 240 -3.54 -18.62 9.45
C PHE C 240 -2.90 -19.99 9.26
N SER C 241 -3.71 -21.03 9.44
CA SER C 241 -3.28 -22.40 9.16
C SER C 241 -4.40 -23.11 8.43
N ILE C 242 -4.08 -23.68 7.26
CA ILE C 242 -5.09 -24.32 6.43
C ILE C 242 -5.54 -25.62 7.07
N VAL C 243 -6.85 -25.81 7.14
CA VAL C 243 -7.44 -27.03 7.70
C VAL C 243 -7.81 -28.02 6.60
N GLU C 244 -8.48 -27.54 5.56
CA GLU C 244 -8.96 -28.43 4.50
C GLU C 244 -9.09 -27.65 3.20
N HIS C 245 -9.05 -28.39 2.09
CA HIS C 245 -9.35 -27.84 0.78
C HIS C 245 -10.27 -28.80 0.05
N ARG C 246 -11.09 -28.26 -0.85
CA ARG C 246 -12.14 -29.02 -1.50
C ARG C 246 -12.30 -28.59 -2.95
N LEU C 247 -12.75 -29.53 -3.78
CA LEU C 247 -13.00 -29.32 -5.20
C LEU C 247 -14.47 -29.55 -5.50
N VAL C 248 -15.08 -28.62 -6.21
CA VAL C 248 -16.50 -28.67 -6.55
C VAL C 248 -16.66 -28.48 -8.05
N SER C 249 -17.62 -29.18 -8.64
CA SER C 249 -17.95 -29.03 -10.06
C SER C 249 -19.46 -28.96 -10.21
N ARG C 250 -19.94 -28.00 -10.98
CA ARG C 250 -21.38 -27.75 -11.09
C ARG C 250 -21.65 -26.92 -12.33
N ASN C 251 -22.89 -26.46 -12.47
CA ASN C 251 -23.31 -25.59 -13.56
C ASN C 251 -23.99 -24.35 -12.98
N VAL C 252 -23.77 -23.22 -13.63
CA VAL C 252 -24.33 -21.94 -13.19
C VAL C 252 -25.12 -21.34 -14.34
N VAL C 253 -26.35 -20.91 -14.06
CA VAL C 253 -27.25 -20.41 -15.09
C VAL C 253 -27.36 -18.91 -14.95
N PHE C 254 -27.04 -18.19 -16.02
CA PHE C 254 -27.28 -16.77 -16.15
C PHE C 254 -28.30 -16.53 -17.26
N ALA C 255 -28.68 -15.25 -17.43
CA ALA C 255 -29.68 -14.91 -18.42
C ALA C 255 -29.25 -15.29 -19.83
N THR C 256 -27.95 -15.47 -20.07
CA THR C 256 -27.45 -15.85 -21.38
C THR C 256 -27.28 -17.36 -21.56
N GLY C 257 -27.49 -18.16 -20.53
CA GLY C 257 -27.42 -19.60 -20.67
C GLY C 257 -26.71 -20.22 -19.48
N ALA C 258 -26.41 -21.51 -19.60
CA ALA C 258 -25.78 -22.28 -18.54
C ALA C 258 -24.31 -22.52 -18.86
N TYR C 259 -23.45 -22.39 -17.85
CA TYR C 259 -22.02 -22.53 -18.02
C TYR C 259 -21.45 -23.51 -17.00
N PRO C 260 -20.39 -24.22 -17.35
CA PRO C 260 -19.70 -25.07 -16.35
C PRO C 260 -19.00 -24.21 -15.32
N ARG C 261 -18.81 -24.80 -14.14
CA ARG C 261 -18.20 -24.08 -13.03
C ARG C 261 -17.40 -25.04 -12.17
N LEU C 262 -16.16 -24.65 -11.87
CA LEU C 262 -15.30 -25.37 -10.95
C LEU C 262 -14.99 -24.46 -9.77
N SER C 263 -14.77 -25.06 -8.61
CA SER C 263 -14.57 -24.28 -7.39
C SER C 263 -13.49 -24.93 -6.54
N LEU C 264 -12.51 -24.13 -6.14
CA LEU C 264 -11.43 -24.56 -5.26
C LEU C 264 -11.57 -23.82 -3.94
N SER C 265 -11.84 -24.56 -2.88
CA SER C 265 -12.18 -23.97 -1.59
C SER C 265 -11.11 -24.31 -0.55
N PHE C 266 -10.78 -23.34 0.30
CA PHE C 266 -9.88 -23.54 1.42
C PHE C 266 -10.58 -23.11 2.71
N ARG C 267 -10.23 -23.77 3.81
CA ARG C 267 -10.76 -23.45 5.14
C ARG C 267 -9.59 -23.13 6.06
N LEU C 268 -9.37 -21.84 6.30
CA LEU C 268 -8.28 -21.36 7.13
C LEU C 268 -8.75 -21.18 8.57
N LYS C 269 -7.83 -21.40 9.50
CA LYS C 269 -8.07 -21.18 10.92
C LYS C 269 -7.05 -20.19 11.46
N ARG C 270 -7.51 -19.27 12.30
CA ARG C 270 -6.66 -18.18 12.78
C ARG C 270 -5.88 -18.61 14.01
N ASN C 271 -4.61 -18.20 14.06
CA ASN C 271 -3.77 -18.51 15.20
C ASN C 271 -4.17 -17.63 16.39
N ILE C 272 -4.32 -18.25 17.56
CA ILE C 272 -4.81 -17.55 18.74
C ILE C 272 -3.70 -17.18 19.72
N GLY C 273 -2.48 -17.69 19.53
CA GLY C 273 -1.43 -17.45 20.49
C GLY C 273 -1.10 -15.98 20.68
N TYR C 274 -1.02 -15.24 19.58
CA TYR C 274 -0.68 -13.82 19.67
C TYR C 274 -1.74 -13.05 20.44
N PHE C 275 -3.02 -13.34 20.20
CA PHE C 275 -4.09 -12.63 20.88
C PHE C 275 -4.12 -12.97 22.37
N ILE C 276 -3.88 -14.23 22.73
CA ILE C 276 -3.80 -14.60 24.14
C ILE C 276 -2.64 -13.87 24.81
N LEU C 277 -1.49 -13.81 24.13
CA LEU C 277 -0.34 -13.14 24.72
C LEU C 277 -0.58 -11.65 24.90
N GLN C 278 -1.21 -11.01 23.91
CA GLN C 278 -1.25 -9.55 23.86
C GLN C 278 -2.55 -8.95 24.40
N THR C 279 -3.66 -9.68 24.36
CA THR C 279 -4.96 -9.12 24.73
C THR C 279 -5.56 -9.76 25.96
N TYR C 280 -5.70 -11.08 25.99
CA TYR C 280 -6.45 -11.72 27.08
C TYR C 280 -5.69 -11.68 28.39
N MET C 281 -4.39 -12.00 28.36
CA MET C 281 -3.61 -12.01 29.61
C MET C 281 -3.53 -10.64 30.27
N PRO C 282 -3.19 -9.55 29.57
CA PRO C 282 -3.18 -8.25 30.26
C PRO C 282 -4.53 -7.86 30.84
N SER C 283 -5.62 -8.14 30.11
CA SER C 283 -6.95 -7.79 30.62
C SER C 283 -7.29 -8.60 31.86
N ILE C 284 -6.96 -9.89 31.86
CA ILE C 284 -7.21 -10.71 33.05
C ILE C 284 -6.38 -10.21 34.23
N LEU C 285 -5.12 -9.86 33.98
CA LEU C 285 -4.27 -9.38 35.07
C LEU C 285 -4.80 -8.06 35.63
N ILE C 286 -5.26 -7.16 34.78
CA ILE C 286 -5.80 -5.88 35.26
C ILE C 286 -7.11 -6.11 36.03
N THR C 287 -7.95 -7.03 35.54
CA THR C 287 -9.17 -7.33 36.27
C THR C 287 -8.88 -7.91 37.64
N ILE C 288 -7.87 -8.78 37.74
CA ILE C 288 -7.47 -9.32 39.04
C ILE C 288 -6.93 -8.22 39.93
N LEU C 289 -6.12 -7.31 39.36
CA LEU C 289 -5.57 -6.21 40.13
C LEU C 289 -6.66 -5.29 40.66
N SER C 290 -7.77 -5.15 39.92
CA SER C 290 -8.85 -4.28 40.37
C SER C 290 -9.47 -4.77 41.68
N TRP C 291 -9.39 -6.05 41.99
CA TRP C 291 -9.99 -6.60 43.20
C TRP C 291 -9.15 -6.33 44.45
N VAL C 292 -7.96 -5.75 44.30
CA VAL C 292 -7.10 -5.50 45.46
C VAL C 292 -7.76 -4.51 46.40
N SER C 293 -8.50 -3.54 45.88
CA SER C 293 -9.09 -2.50 46.71
C SER C 293 -10.09 -3.05 47.72
N PHE C 294 -10.64 -4.23 47.47
CA PHE C 294 -11.60 -4.80 48.41
C PHE C 294 -10.95 -5.23 49.71
N TRP C 295 -9.64 -5.43 49.73
CA TRP C 295 -8.91 -5.85 50.91
C TRP C 295 -8.19 -4.70 51.61
N ILE C 296 -8.55 -3.46 51.27
CA ILE C 296 -7.91 -2.27 51.81
C ILE C 296 -8.87 -1.59 52.76
N ASN C 297 -8.34 -1.16 53.91
CA ASN C 297 -9.16 -0.53 54.94
C ASN C 297 -9.61 0.87 54.49
N TYR C 298 -10.61 1.39 55.21
CA TYR C 298 -11.17 2.69 54.85
C TYR C 298 -10.19 3.83 55.09
N ASP C 299 -9.28 3.67 56.04
CA ASP C 299 -8.29 4.72 56.30
C ASP C 299 -7.44 5.01 55.09
N ALA C 300 -7.19 3.99 54.26
CA ALA C 300 -6.47 4.16 53.00
C ALA C 300 -7.45 4.31 51.84
N SER C 301 -8.23 5.39 51.89
CA SER C 301 -9.19 5.65 50.82
C SER C 301 -8.49 6.15 49.56
N ALA C 302 -7.43 6.97 49.73
CA ALA C 302 -6.69 7.46 48.57
C ALA C 302 -6.07 6.31 47.79
N ALA C 303 -5.62 5.27 48.49
CA ALA C 303 -5.09 4.10 47.81
C ALA C 303 -6.15 3.44 46.95
N ARG C 304 -7.38 3.33 47.46
CA ARG C 304 -8.45 2.72 46.67
C ARG C 304 -8.81 3.57 45.46
N VAL C 305 -8.86 4.89 45.63
CA VAL C 305 -9.13 5.77 44.48
C VAL C 305 -8.05 5.59 43.42
N ALA C 306 -6.78 5.60 43.84
CA ALA C 306 -5.68 5.47 42.90
C ALA C 306 -5.73 4.13 42.20
N LEU C 307 -6.03 3.06 42.93
CA LEU C 307 -6.09 1.73 42.33
C LEU C 307 -7.20 1.64 41.30
N GLY C 308 -8.38 2.17 41.63
CA GLY C 308 -9.48 2.14 40.68
C GLY C 308 -9.18 2.93 39.42
N ILE C 309 -8.63 4.14 39.59
CA ILE C 309 -8.30 4.97 38.43
C ILE C 309 -7.23 4.28 37.58
N THR C 310 -6.21 3.71 38.22
CA THR C 310 -5.16 3.02 37.48
C THR C 310 -5.72 1.85 36.68
N THR C 311 -6.58 1.05 37.30
CA THR C 311 -7.15 -0.09 36.59
C THR C 311 -8.00 0.36 35.41
N VAL C 312 -8.82 1.40 35.59
CA VAL C 312 -9.65 1.87 34.48
C VAL C 312 -8.77 2.37 33.34
N LEU C 313 -7.74 3.17 33.66
CA LEU C 313 -6.89 3.72 32.62
C LEU C 313 -6.12 2.64 31.88
N THR C 314 -5.59 1.65 32.59
CA THR C 314 -4.86 0.57 31.94
C THR C 314 -5.79 -0.27 31.07
N MET C 315 -7.02 -0.51 31.54
CA MET C 315 -7.98 -1.24 30.72
C MET C 315 -8.30 -0.49 29.44
N THR C 316 -8.41 0.84 29.52
CA THR C 316 -8.60 1.62 28.31
C THR C 316 -7.39 1.53 27.39
N THR C 317 -6.18 1.50 27.97
CA THR C 317 -4.97 1.46 27.17
C THR C 317 -4.80 0.12 26.44
N ILE C 318 -5.27 -0.97 27.05
CA ILE C 318 -5.09 -2.30 26.46
C ILE C 318 -5.72 -2.38 25.07
N ASN C 319 -5.10 -3.17 24.19
CA ASN C 319 -5.62 -3.60 22.88
C ASN C 319 -5.50 -2.55 21.79
N THR C 320 -4.58 -1.60 21.90
CA THR C 320 -4.28 -0.69 20.80
C THR C 320 -3.00 -1.13 20.09
N HIS C 321 -3.13 -2.21 19.31
CA HIS C 321 -1.97 -2.71 18.57
C HIS C 321 -2.24 -2.97 17.10
N LEU C 322 -3.43 -3.45 16.75
CA LEU C 322 -3.76 -3.81 15.37
C LEU C 322 -5.09 -3.21 14.96
N ARG C 323 -5.30 -1.93 15.27
CA ARG C 323 -6.55 -1.27 14.91
C ARG C 323 -6.67 -1.08 13.40
N GLU C 324 -5.56 -0.75 12.74
CA GLU C 324 -5.63 -0.35 11.34
C GLU C 324 -5.86 -1.51 10.38
N THR C 325 -5.63 -2.75 10.82
CA THR C 325 -5.72 -3.91 9.94
C THR C 325 -7.08 -4.59 10.00
N LEU C 326 -8.14 -3.85 10.28
CA LEU C 326 -9.49 -4.39 10.27
C LEU C 326 -10.42 -3.41 9.58
N PRO C 327 -11.50 -3.90 8.98
CA PRO C 327 -12.47 -3.03 8.33
C PRO C 327 -13.39 -2.40 9.37
N LYS C 328 -14.30 -1.56 8.89
CA LYS C 328 -15.28 -0.89 9.76
C LYS C 328 -16.58 -1.68 9.75
N ILE C 329 -16.52 -2.86 10.36
CA ILE C 329 -17.67 -3.75 10.48
C ILE C 329 -18.67 -3.17 11.48
N PRO C 330 -19.97 -3.40 11.30
CA PRO C 330 -20.96 -2.81 12.21
C PRO C 330 -21.20 -3.64 13.47
N TYR C 331 -21.00 -4.95 13.38
CA TYR C 331 -21.30 -5.84 14.50
C TYR C 331 -20.17 -5.82 15.52
N VAL C 332 -20.29 -6.66 16.54
CA VAL C 332 -19.35 -6.71 17.65
C VAL C 332 -18.63 -8.06 17.62
N LYS C 333 -17.30 -8.02 17.72
CA LYS C 333 -16.47 -9.22 17.68
C LYS C 333 -16.32 -9.81 19.08
N ALA C 334 -15.77 -11.03 19.13
CA ALA C 334 -15.55 -11.70 20.41
C ALA C 334 -14.55 -10.95 21.27
N ILE C 335 -13.48 -10.45 20.67
CA ILE C 335 -12.47 -9.72 21.44
C ILE C 335 -13.06 -8.42 22.00
N ASP C 336 -13.93 -7.77 21.23
CA ASP C 336 -14.63 -6.60 21.74
C ASP C 336 -15.52 -6.96 22.92
N MET C 337 -16.20 -8.11 22.83
CA MET C 337 -17.04 -8.56 23.94
C MET C 337 -16.22 -8.79 25.20
N TYR C 338 -15.05 -9.43 25.06
CA TYR C 338 -14.21 -9.67 26.22
C TYR C 338 -13.71 -8.37 26.83
N LEU C 339 -13.26 -7.44 25.99
CA LEU C 339 -12.79 -6.15 26.51
C LEU C 339 -13.90 -5.39 27.21
N MET C 340 -15.10 -5.41 26.63
CA MET C 340 -16.23 -4.73 27.26
C MET C 340 -16.59 -5.36 28.59
N GLY C 341 -16.56 -6.70 28.68
CA GLY C 341 -16.82 -7.34 29.95
C GLY C 341 -15.79 -6.99 31.01
N CYS C 342 -14.51 -6.99 30.64
CA CYS C 342 -13.47 -6.62 31.59
C CYS C 342 -13.64 -5.17 32.05
N PHE C 343 -13.93 -4.26 31.12
CA PHE C 343 -14.15 -2.87 31.50
C PHE C 343 -15.35 -2.73 32.42
N VAL C 344 -16.41 -3.49 32.16
CA VAL C 344 -17.59 -3.45 33.02
C VAL C 344 -17.22 -3.91 34.43
N PHE C 345 -16.43 -4.97 34.55
CA PHE C 345 -16.02 -5.43 35.88
C PHE C 345 -15.19 -4.38 36.60
N VAL C 346 -14.23 -3.75 35.91
CA VAL C 346 -13.40 -2.75 36.56
C VAL C 346 -14.23 -1.53 36.97
N PHE C 347 -15.14 -1.09 36.10
CA PHE C 347 -16.01 0.03 36.41
C PHE C 347 -16.92 -0.28 37.59
N LEU C 348 -17.43 -1.51 37.65
CA LEU C 348 -18.26 -1.92 38.79
C LEU C 348 -17.46 -1.91 40.08
N ALA C 349 -16.19 -2.32 40.02
CA ALA C 349 -15.35 -2.26 41.22
C ALA C 349 -15.18 -0.82 41.69
N LEU C 350 -14.91 0.10 40.75
CA LEU C 350 -14.76 1.50 41.12
C LEU C 350 -16.06 2.07 41.69
N LEU C 351 -17.19 1.72 41.09
CA LEU C 351 -18.48 2.19 41.59
C LEU C 351 -18.78 1.62 42.97
N GLU C 352 -18.41 0.37 43.22
CA GLU C 352 -18.56 -0.21 44.55
C GLU C 352 -17.74 0.55 45.56
N TYR C 353 -16.50 0.91 45.21
CA TYR C 353 -15.70 1.71 46.12
C TYR C 353 -16.38 3.04 46.42
N ALA C 354 -16.91 3.69 45.38
CA ALA C 354 -17.58 4.98 45.59
C ALA C 354 -18.76 4.83 46.54
N PHE C 355 -19.58 3.80 46.33
CA PHE C 355 -20.73 3.58 47.20
C PHE C 355 -20.31 3.31 48.64
N VAL C 356 -19.29 2.46 48.83
CA VAL C 356 -18.84 2.14 50.18
C VAL C 356 -18.29 3.38 50.87
N ASN C 357 -17.48 4.16 50.17
CA ASN C 357 -16.93 5.38 50.76
C ASN C 357 -18.04 6.37 51.10
N TYR C 358 -19.07 6.46 50.26
CA TYR C 358 -20.19 7.36 50.56
C TYR C 358 -20.94 6.90 51.80
N ILE C 359 -21.15 5.58 51.95
CA ILE C 359 -22.04 5.09 53.00
C ILE C 359 -21.32 4.68 54.29
N PHE C 360 -19.99 4.62 54.30
CA PHE C 360 -19.29 4.05 55.44
C PHE C 360 -19.27 4.96 56.66
N PHE C 361 -19.56 6.25 56.49
CA PHE C 361 -19.48 7.17 57.62
C PHE C 361 -20.56 6.85 58.66
N SER C 362 -21.80 6.68 58.22
CA SER C 362 -22.91 6.47 59.15
C SER C 362 -23.20 5.00 59.40
N GLN C 363 -22.82 4.10 58.49
CA GLN C 363 -23.09 2.67 58.61
C GLN C 363 -21.81 1.88 58.38
N PRO C 364 -20.88 1.92 59.34
CA PRO C 364 -19.62 1.16 59.14
C PRO C 364 -19.83 -0.33 58.98
N ALA C 365 -20.78 -0.91 59.73
CA ALA C 365 -21.01 -2.35 59.65
C ALA C 365 -21.52 -2.75 58.28
N ARG C 366 -22.43 -1.97 57.70
CA ARG C 366 -22.94 -2.30 56.38
C ARG C 366 -21.85 -2.19 55.33
N ALA C 367 -20.97 -1.18 55.44
CA ALA C 367 -19.86 -1.06 54.52
C ALA C 367 -18.91 -2.25 54.64
N ALA C 368 -18.62 -2.69 55.87
CA ALA C 368 -17.77 -3.85 56.07
C ALA C 368 -18.40 -5.10 55.45
N ALA C 369 -19.70 -5.27 55.64
CA ALA C 369 -20.39 -6.41 55.04
C ALA C 369 -20.33 -6.35 53.52
N ILE C 370 -20.51 -5.15 52.95
CA ILE C 370 -20.46 -5.00 51.49
C ILE C 370 -19.07 -5.37 50.98
N ASP C 371 -18.02 -4.90 51.65
CA ASP C 371 -16.66 -5.25 51.22
C ASP C 371 -16.41 -6.74 51.31
N ARG C 372 -16.82 -7.37 52.42
CA ARG C 372 -16.57 -8.79 52.60
C ARG C 372 -17.38 -9.63 51.63
N TRP C 373 -18.55 -9.15 51.21
CA TRP C 373 -19.29 -9.86 50.18
C TRP C 373 -18.67 -9.66 48.80
N SER C 374 -18.22 -8.43 48.51
CA SER C 374 -17.66 -8.14 47.19
C SER C 374 -16.38 -8.92 46.94
N ARG C 375 -15.51 -9.04 47.97
CA ARG C 375 -14.24 -9.73 47.78
C ARG C 375 -14.42 -11.20 47.42
N ILE C 376 -15.61 -11.76 47.63
CA ILE C 376 -15.92 -13.11 47.22
C ILE C 376 -16.76 -13.13 45.94
N VAL C 377 -17.66 -12.16 45.78
CA VAL C 377 -18.57 -12.16 44.63
C VAL C 377 -17.82 -11.83 43.35
N PHE C 378 -16.94 -10.84 43.38
CA PHE C 378 -16.28 -10.39 42.15
C PHE C 378 -15.44 -11.48 41.49
N PRO C 379 -14.53 -12.18 42.19
CA PRO C 379 -13.81 -13.29 41.52
C PRO C 379 -14.73 -14.37 40.99
N PHE C 380 -15.78 -14.72 41.73
CA PHE C 380 -16.71 -15.75 41.26
C PHE C 380 -17.45 -15.29 40.01
N THR C 381 -17.91 -14.04 40.00
CA THR C 381 -18.62 -13.52 38.83
C THR C 381 -17.70 -13.47 37.61
N PHE C 382 -16.45 -13.05 37.81
CA PHE C 382 -15.52 -13.01 36.69
C PHE C 382 -15.21 -14.41 36.17
N SER C 383 -15.08 -15.38 37.07
CA SER C 383 -14.87 -16.76 36.64
C SER C 383 -16.06 -17.28 35.85
N LEU C 384 -17.27 -16.97 36.30
CA LEU C 384 -18.46 -17.40 35.56
C LEU C 384 -18.52 -16.74 34.19
N PHE C 385 -18.17 -15.46 34.11
CA PHE C 385 -18.14 -14.76 32.83
C PHE C 385 -17.12 -15.38 31.88
N ASN C 386 -15.94 -15.71 32.39
CA ASN C 386 -14.93 -16.37 31.56
C ASN C 386 -15.42 -17.75 31.10
N LEU C 387 -16.07 -18.49 31.98
CA LEU C 387 -16.60 -19.80 31.62
C LEU C 387 -17.61 -19.67 30.48
N VAL C 388 -18.54 -18.72 30.60
CA VAL C 388 -19.54 -18.53 29.55
C VAL C 388 -18.88 -18.11 28.23
N TYR C 389 -17.92 -17.18 28.31
CA TYR C 389 -17.26 -16.70 27.10
C TYR C 389 -16.54 -17.84 26.38
N TRP C 390 -15.70 -18.58 27.09
CA TRP C 390 -14.92 -19.64 26.47
C TRP C 390 -15.73 -20.89 26.19
N LEU C 391 -16.95 -21.00 26.73
CA LEU C 391 -17.83 -22.09 26.36
C LEU C 391 -18.70 -21.74 25.16
N TYR C 392 -18.94 -20.45 24.92
CA TYR C 392 -19.72 -20.04 23.75
C TYR C 392 -18.83 -19.91 22.52
N TYR C 393 -17.75 -19.14 22.61
CA TYR C 393 -16.95 -18.88 21.42
C TYR C 393 -16.06 -20.05 21.05
N VAL C 394 -15.57 -20.80 22.02
CA VAL C 394 -14.74 -21.97 21.72
C VAL C 394 -15.54 -23.25 21.90
N THR D 65 -17.29 -28.08 -41.23
CA THR D 65 -16.05 -27.55 -40.66
C THR D 65 -15.64 -26.26 -41.37
N THR D 66 -15.40 -26.36 -42.68
CA THR D 66 -15.05 -25.19 -43.47
C THR D 66 -16.24 -24.34 -43.87
N VAL D 67 -17.47 -24.85 -43.69
CA VAL D 67 -18.66 -24.08 -44.03
C VAL D 67 -18.72 -22.81 -43.19
N PHE D 68 -18.47 -22.94 -41.88
CA PHE D 68 -18.50 -21.77 -41.00
C PHE D 68 -17.35 -20.82 -41.32
N THR D 69 -16.19 -21.35 -41.70
CA THR D 69 -15.09 -20.48 -42.09
C THR D 69 -15.45 -19.66 -43.33
N ARG D 70 -16.08 -20.30 -44.32
CA ARG D 70 -16.51 -19.58 -45.51
C ARG D 70 -17.58 -18.55 -45.16
N ILE D 71 -18.50 -18.89 -44.26
CA ILE D 71 -19.52 -17.94 -43.84
C ILE D 71 -18.88 -16.71 -43.20
N LEU D 72 -17.93 -16.94 -42.29
CA LEU D 72 -17.28 -15.83 -41.60
C LEU D 72 -16.47 -14.97 -42.56
N ASP D 73 -15.79 -15.61 -43.53
CA ASP D 73 -15.04 -14.84 -44.52
C ASP D 73 -15.96 -14.02 -45.41
N ARG D 74 -17.14 -14.55 -45.75
CA ARG D 74 -18.08 -13.78 -46.56
C ARG D 74 -18.68 -12.63 -45.76
N LEU D 75 -18.89 -12.82 -44.45
CA LEU D 75 -19.43 -11.76 -43.62
C LEU D 75 -18.48 -10.56 -43.56
N LEU D 76 -17.19 -10.81 -43.41
CA LEU D 76 -16.20 -9.75 -43.28
C LEU D 76 -15.62 -9.29 -44.61
N ASP D 77 -16.09 -9.84 -45.73
CA ASP D 77 -15.59 -9.46 -47.04
C ASP D 77 -16.11 -8.08 -47.40
N GLY D 78 -15.24 -7.07 -47.35
CA GLY D 78 -15.64 -5.71 -47.62
C GLY D 78 -16.25 -4.97 -46.46
N TYR D 79 -16.33 -5.59 -45.28
CA TYR D 79 -16.89 -4.93 -44.12
C TYR D 79 -16.00 -3.79 -43.67
N ASP D 80 -16.62 -2.71 -43.20
CA ASP D 80 -15.90 -1.53 -42.72
C ASP D 80 -16.40 -1.22 -41.31
N ASN D 81 -15.54 -1.41 -40.31
CA ASN D 81 -15.94 -1.21 -38.93
C ASN D 81 -15.89 0.25 -38.50
N ARG D 82 -15.41 1.16 -39.36
CA ARG D 82 -15.45 2.58 -39.03
C ARG D 82 -16.87 3.12 -39.05
N LEU D 83 -17.78 2.48 -39.78
CA LEU D 83 -19.13 2.99 -39.99
C LEU D 83 -20.13 2.20 -39.14
N ARG D 84 -20.98 2.93 -38.42
CA ARG D 84 -22.02 2.29 -37.64
C ARG D 84 -23.07 1.69 -38.57
N PRO D 85 -23.82 0.69 -38.10
CA PRO D 85 -24.87 0.08 -38.93
C PRO D 85 -25.96 1.08 -39.28
N GLY D 86 -26.07 1.42 -40.56
CA GLY D 86 -27.09 2.34 -41.02
C GLY D 86 -26.67 3.79 -40.97
N LEU D 87 -25.41 4.06 -41.31
CA LEU D 87 -24.93 5.44 -41.32
C LEU D 87 -25.62 6.24 -42.41
N GLY D 88 -26.20 7.37 -42.02
CA GLY D 88 -26.92 8.19 -42.97
C GLY D 88 -28.26 7.64 -43.40
N GLU D 89 -28.75 6.61 -42.73
CA GLU D 89 -30.02 5.99 -43.11
C GLU D 89 -31.02 5.90 -41.98
N ARG D 90 -30.56 5.64 -40.76
CA ARG D 90 -31.45 5.46 -39.62
C ARG D 90 -30.64 5.64 -38.34
N VAL D 91 -31.26 5.37 -37.19
CA VAL D 91 -30.64 5.49 -35.89
C VAL D 91 -30.45 4.09 -35.31
N THR D 92 -29.22 3.77 -34.95
CA THR D 92 -28.93 2.45 -34.39
C THR D 92 -29.51 2.35 -32.98
N GLU D 93 -30.18 1.23 -32.71
CA GLU D 93 -30.84 1.01 -31.42
C GLU D 93 -30.06 -0.04 -30.64
N VAL D 94 -29.57 0.35 -29.46
CA VAL D 94 -28.77 -0.52 -28.62
C VAL D 94 -29.58 -0.82 -27.37
N LYS D 95 -29.97 -2.09 -27.20
CA LYS D 95 -30.66 -2.53 -26.00
C LYS D 95 -29.64 -3.00 -24.98
N THR D 96 -29.69 -2.44 -23.78
CA THR D 96 -28.67 -2.67 -22.76
C THR D 96 -29.30 -3.34 -21.54
N ASP D 97 -28.51 -4.17 -20.87
CA ASP D 97 -28.90 -4.68 -19.56
C ASP D 97 -27.66 -4.95 -18.73
N ILE D 98 -27.85 -5.01 -17.42
CA ILE D 98 -26.77 -5.08 -16.45
C ILE D 98 -27.08 -6.19 -15.44
N PHE D 99 -26.10 -7.05 -15.18
CA PHE D 99 -26.19 -8.05 -14.13
C PHE D 99 -25.07 -7.78 -13.13
N VAL D 100 -25.41 -7.21 -11.98
CA VAL D 100 -24.43 -6.87 -10.96
C VAL D 100 -24.05 -8.15 -10.22
N THR D 101 -22.82 -8.63 -10.45
CA THR D 101 -22.39 -9.85 -9.78
C THR D 101 -22.05 -9.62 -8.32
N SER D 102 -21.57 -8.42 -7.99
CA SER D 102 -21.25 -8.10 -6.60
C SER D 102 -21.14 -6.59 -6.47
N PHE D 103 -21.95 -6.00 -5.59
CA PHE D 103 -21.87 -4.57 -5.32
C PHE D 103 -20.73 -4.33 -4.34
N GLY D 104 -19.64 -3.74 -4.84
CA GLY D 104 -18.42 -3.63 -4.08
C GLY D 104 -18.51 -2.62 -2.96
N PRO D 105 -17.38 -2.38 -2.30
CA PRO D 105 -17.38 -1.49 -1.13
C PRO D 105 -17.69 -0.05 -1.51
N VAL D 106 -17.97 0.74 -0.47
CA VAL D 106 -18.23 2.16 -0.61
C VAL D 106 -17.20 2.91 0.22
N SER D 107 -16.53 3.88 -0.40
CA SER D 107 -15.50 4.67 0.26
C SER D 107 -16.04 6.10 0.43
N ASP D 108 -16.53 6.39 1.63
CA ASP D 108 -17.03 7.73 1.91
C ASP D 108 -15.91 8.75 2.04
N HIS D 109 -14.69 8.31 2.35
CA HIS D 109 -13.56 9.23 2.40
C HIS D 109 -13.25 9.80 1.02
N ASP D 110 -13.27 8.96 -0.01
CA ASP D 110 -13.06 9.40 -1.38
C ASP D 110 -14.36 9.68 -2.12
N MET D 111 -15.51 9.41 -1.51
CA MET D 111 -16.81 9.62 -2.12
C MET D 111 -16.92 8.88 -3.45
N GLU D 112 -16.82 7.55 -3.37
CA GLU D 112 -16.91 6.70 -4.53
C GLU D 112 -17.38 5.32 -4.10
N TYR D 113 -17.79 4.53 -5.09
CA TYR D 113 -18.16 3.14 -4.84
C TYR D 113 -17.65 2.28 -5.99
N THR D 114 -17.64 0.97 -5.76
CA THR D 114 -17.16 0.00 -6.72
C THR D 114 -18.29 -0.98 -7.06
N ILE D 115 -18.33 -1.41 -8.32
CA ILE D 115 -19.38 -2.35 -8.73
C ILE D 115 -18.81 -3.26 -9.82
N ASP D 116 -19.09 -4.55 -9.70
CA ASP D 116 -18.68 -5.56 -10.68
C ASP D 116 -19.91 -6.03 -11.44
N VAL D 117 -19.88 -5.89 -12.77
CA VAL D 117 -21.07 -6.13 -13.58
C VAL D 117 -20.75 -6.98 -14.79
N PHE D 118 -21.77 -7.69 -15.25
CA PHE D 118 -21.85 -8.20 -16.61
C PHE D 118 -22.69 -7.21 -17.42
N PHE D 119 -22.07 -6.61 -18.42
CA PHE D 119 -22.68 -5.56 -19.22
C PHE D 119 -23.05 -6.14 -20.58
N ARG D 120 -24.35 -6.19 -20.89
CA ARG D 120 -24.84 -6.80 -22.11
C ARG D 120 -25.43 -5.73 -23.01
N GLN D 121 -25.07 -5.77 -24.29
CA GLN D 121 -25.62 -4.91 -25.32
C GLN D 121 -26.10 -5.77 -26.48
N SER D 122 -27.14 -5.29 -27.16
CA SER D 122 -27.68 -5.99 -28.32
C SER D 122 -28.10 -4.97 -29.35
N TRP D 123 -27.82 -5.26 -30.62
CA TRP D 123 -28.21 -4.34 -31.68
C TRP D 123 -28.40 -5.13 -32.98
N LYS D 124 -28.65 -4.41 -34.06
CA LYS D 124 -28.92 -5.01 -35.36
C LYS D 124 -27.95 -4.45 -36.39
N ASP D 125 -27.33 -5.33 -37.16
CA ASP D 125 -26.41 -4.93 -38.23
C ASP D 125 -26.72 -5.78 -39.46
N GLU D 126 -27.31 -5.15 -40.47
CA GLU D 126 -27.71 -5.89 -41.67
C GLU D 126 -26.53 -6.43 -42.46
N ARG D 127 -25.33 -5.89 -42.25
CA ARG D 127 -24.15 -6.35 -42.97
C ARG D 127 -23.72 -7.74 -42.57
N LEU D 128 -24.27 -8.29 -41.49
CA LEU D 128 -23.85 -9.60 -40.97
C LEU D 128 -24.96 -10.64 -41.09
N LYS D 129 -25.83 -10.50 -42.08
CA LYS D 129 -26.80 -11.54 -42.36
C LYS D 129 -26.13 -12.75 -42.98
N PHE D 130 -26.53 -13.94 -42.55
CA PHE D 130 -25.98 -15.16 -43.09
C PHE D 130 -27.02 -16.27 -42.99
N LYS D 131 -26.83 -17.31 -43.81
CA LYS D 131 -27.66 -18.50 -43.79
C LYS D 131 -26.75 -19.71 -43.72
N GLY D 132 -27.01 -20.61 -42.78
CA GLY D 132 -26.18 -21.77 -42.59
C GLY D 132 -26.87 -22.89 -41.85
N PRO D 133 -26.13 -23.97 -41.59
CA PRO D 133 -26.71 -25.11 -40.86
C PRO D 133 -27.18 -24.76 -39.46
N MET D 134 -26.50 -23.84 -38.78
CA MET D 134 -26.88 -23.44 -37.43
C MET D 134 -27.77 -22.20 -37.49
N THR D 135 -28.05 -21.61 -36.33
CA THR D 135 -28.89 -20.42 -36.26
C THR D 135 -28.13 -19.27 -35.60
N VAL D 136 -27.37 -19.58 -34.55
CA VAL D 136 -26.61 -18.58 -33.82
C VAL D 136 -25.14 -19.00 -33.82
N LEU D 137 -24.26 -18.10 -34.21
CA LEU D 137 -22.82 -18.32 -34.11
C LEU D 137 -22.32 -17.66 -32.84
N ARG D 138 -21.87 -18.47 -31.89
CA ARG D 138 -21.29 -17.98 -30.64
C ARG D 138 -19.78 -17.89 -30.84
N LEU D 139 -19.33 -16.75 -31.35
CA LEU D 139 -17.96 -16.65 -31.82
C LEU D 139 -17.03 -16.22 -30.70
N ASN D 140 -15.73 -16.39 -30.95
CA ASN D 140 -14.71 -15.90 -30.03
C ASN D 140 -14.71 -14.38 -30.00
N ASN D 141 -14.30 -13.82 -28.86
CA ASN D 141 -14.32 -12.37 -28.70
C ASN D 141 -13.37 -11.66 -29.64
N LEU D 142 -12.41 -12.37 -30.24
CA LEU D 142 -11.52 -11.75 -31.22
C LEU D 142 -12.31 -11.17 -32.39
N MET D 143 -13.34 -11.89 -32.84
CA MET D 143 -14.20 -11.38 -33.90
C MET D 143 -14.79 -10.02 -33.55
N ALA D 144 -15.01 -9.77 -32.25
CA ALA D 144 -15.60 -8.50 -31.83
C ALA D 144 -14.70 -7.32 -32.16
N SER D 145 -13.42 -7.54 -32.44
CA SER D 145 -12.53 -6.46 -32.81
C SER D 145 -12.53 -6.18 -34.31
N LYS D 146 -13.27 -6.95 -35.09
CA LYS D 146 -13.32 -6.77 -36.54
C LYS D 146 -14.67 -6.27 -37.04
N ILE D 147 -15.56 -5.87 -36.13
CA ILE D 147 -16.86 -5.34 -36.48
C ILE D 147 -17.07 -4.04 -35.69
N TRP D 148 -18.24 -3.43 -35.89
CA TRP D 148 -18.59 -2.21 -35.20
C TRP D 148 -19.21 -2.53 -33.85
N THR D 149 -18.69 -1.90 -32.79
CA THR D 149 -19.24 -2.00 -31.46
C THR D 149 -19.48 -0.61 -30.89
N PRO D 150 -20.50 -0.44 -30.07
CA PRO D 150 -20.77 0.88 -29.49
C PRO D 150 -19.65 1.31 -28.56
N ASP D 151 -19.41 2.63 -28.53
CA ASP D 151 -18.41 3.22 -27.64
C ASP D 151 -19.04 3.70 -26.34
N THR D 152 -19.71 2.78 -25.67
CA THR D 152 -20.37 3.09 -24.41
C THR D 152 -19.34 3.42 -23.33
N PHE D 153 -19.61 4.45 -22.55
CA PHE D 153 -18.75 4.83 -21.44
C PHE D 153 -19.61 5.34 -20.29
N PHE D 154 -19.06 5.27 -19.09
CA PHE D 154 -19.74 5.66 -17.87
C PHE D 154 -19.36 7.09 -17.52
N HIS D 155 -20.36 7.97 -17.44
CA HIS D 155 -20.09 9.39 -17.27
C HIS D 155 -19.42 9.68 -15.93
N ASN D 156 -19.87 9.03 -14.86
CA ASN D 156 -19.37 9.29 -13.52
C ASN D 156 -18.27 8.33 -13.10
N GLY D 157 -17.80 7.48 -14.00
CA GLY D 157 -16.73 6.55 -13.66
C GLY D 157 -15.43 7.26 -13.38
N LYS D 158 -14.60 6.64 -12.55
CA LYS D 158 -13.30 7.17 -12.19
C LYS D 158 -12.15 6.37 -12.80
N LYS D 159 -12.12 5.06 -12.59
CA LYS D 159 -11.14 4.21 -13.25
C LYS D 159 -11.70 2.80 -13.26
N SER D 160 -12.14 2.34 -14.43
CA SER D 160 -12.73 1.02 -14.58
C SER D 160 -11.71 0.05 -15.17
N VAL D 161 -12.01 -1.23 -15.00
CA VAL D 161 -11.12 -2.30 -15.44
C VAL D 161 -11.91 -3.26 -16.32
N ALA D 162 -11.35 -3.60 -17.47
CA ALA D 162 -11.84 -4.68 -18.31
C ALA D 162 -10.94 -5.89 -18.08
N HIS D 163 -11.50 -6.96 -17.54
CA HIS D 163 -10.71 -8.08 -17.06
C HIS D 163 -10.20 -8.93 -18.21
N ASN D 164 -8.90 -9.27 -18.17
CA ASN D 164 -8.23 -9.97 -19.25
C ASN D 164 -7.71 -11.35 -18.83
N MET D 165 -8.07 -11.83 -17.65
CA MET D 165 -7.61 -13.12 -17.16
C MET D 165 -8.74 -14.12 -17.26
N THR D 166 -8.52 -15.23 -17.98
CA THR D 166 -7.26 -15.51 -18.64
C THR D 166 -7.23 -14.93 -20.05
N MET D 167 -8.41 -14.77 -20.63
CA MET D 167 -8.59 -14.12 -21.92
C MET D 167 -9.41 -12.85 -21.71
N PRO D 168 -9.51 -11.97 -22.69
CA PRO D 168 -10.44 -10.83 -22.55
C PRO D 168 -11.86 -11.32 -22.34
N ASN D 169 -12.44 -10.96 -21.19
CA ASN D 169 -13.74 -11.48 -20.78
C ASN D 169 -14.83 -10.78 -21.60
N LYS D 170 -14.95 -11.21 -22.85
CA LYS D 170 -15.98 -10.71 -23.75
C LYS D 170 -16.57 -11.88 -24.52
N LEU D 171 -17.85 -11.75 -24.87
CA LEU D 171 -18.51 -12.74 -25.70
C LEU D 171 -19.29 -12.02 -26.79
N LEU D 172 -19.29 -12.63 -27.98
CA LEU D 172 -19.99 -12.11 -29.14
C LEU D 172 -20.81 -13.22 -29.77
N ARG D 173 -22.08 -12.94 -30.05
CA ARG D 173 -22.97 -13.90 -30.68
C ARG D 173 -23.71 -13.22 -31.82
N ILE D 174 -23.76 -13.89 -32.98
CA ILE D 174 -24.39 -13.36 -34.18
C ILE D 174 -25.55 -14.27 -34.55
N THR D 175 -26.75 -13.71 -34.64
CA THR D 175 -27.90 -14.49 -35.06
C THR D 175 -28.04 -14.42 -36.58
N GLU D 176 -28.87 -15.31 -37.13
CA GLU D 176 -28.99 -15.41 -38.57
C GLU D 176 -29.76 -14.23 -39.16
N ASP D 177 -30.50 -13.50 -38.32
CA ASP D 177 -31.24 -12.34 -38.81
C ASP D 177 -30.40 -11.06 -38.79
N GLY D 178 -29.16 -11.13 -38.34
CA GLY D 178 -28.30 -9.97 -38.23
C GLY D 178 -28.15 -9.42 -36.82
N THR D 179 -28.89 -9.96 -35.85
CA THR D 179 -28.80 -9.47 -34.49
C THR D 179 -27.43 -9.79 -33.90
N LEU D 180 -26.88 -8.85 -33.14
CA LEU D 180 -25.58 -8.99 -32.49
C LEU D 180 -25.76 -8.83 -30.99
N LEU D 181 -25.24 -9.79 -30.23
CA LEU D 181 -25.19 -9.72 -28.77
C LEU D 181 -23.74 -9.64 -28.35
N TYR D 182 -23.41 -8.62 -27.55
CA TYR D 182 -22.05 -8.33 -27.15
C TYR D 182 -22.04 -8.12 -25.65
N THR D 183 -21.32 -8.97 -24.92
CA THR D 183 -21.33 -8.94 -23.46
C THR D 183 -19.91 -8.86 -22.94
N MET D 184 -19.70 -8.10 -21.87
CA MET D 184 -18.39 -8.00 -21.25
C MET D 184 -18.54 -7.99 -19.73
N ARG D 185 -17.39 -8.07 -19.04
CA ARG D 185 -17.34 -8.10 -17.59
C ARG D 185 -16.46 -6.96 -17.12
N LEU D 186 -17.00 -6.10 -16.25
CA LEU D 186 -16.35 -4.85 -15.89
C LEU D 186 -16.34 -4.65 -14.39
N THR D 187 -15.35 -3.89 -13.92
CA THR D 187 -15.27 -3.40 -12.56
C THR D 187 -15.20 -1.88 -12.63
N VAL D 188 -16.27 -1.21 -12.21
CA VAL D 188 -16.42 0.23 -12.37
C VAL D 188 -16.29 0.90 -11.01
N ARG D 189 -15.40 1.88 -10.92
CA ARG D 189 -15.30 2.78 -9.78
C ARG D 189 -16.01 4.07 -10.14
N ALA D 190 -17.14 4.34 -9.48
CA ALA D 190 -17.99 5.45 -9.83
C ALA D 190 -18.04 6.47 -8.69
N GLU D 191 -18.33 7.72 -9.06
CA GLU D 191 -18.45 8.80 -8.09
C GLU D 191 -19.84 8.80 -7.47
N CYS D 192 -19.90 8.90 -6.15
CA CYS D 192 -21.15 8.96 -5.40
C CYS D 192 -21.07 10.14 -4.44
N PRO D 193 -21.50 11.33 -4.87
CA PRO D 193 -21.49 12.48 -3.95
C PRO D 193 -22.37 12.22 -2.74
N MET D 194 -21.90 12.67 -1.58
CA MET D 194 -22.54 12.36 -0.32
C MET D 194 -22.78 13.63 0.49
N HIS D 195 -23.93 13.70 1.12
CA HIS D 195 -24.26 14.77 2.07
C HIS D 195 -24.23 14.17 3.46
N LEU D 196 -23.21 14.52 4.24
CA LEU D 196 -22.98 13.92 5.54
C LEU D 196 -23.54 14.75 6.69
N GLU D 197 -24.61 15.50 6.45
CA GLU D 197 -25.25 16.24 7.53
C GLU D 197 -25.87 15.30 8.56
N ASP D 198 -26.51 14.22 8.10
CA ASP D 198 -27.17 13.27 8.98
C ASP D 198 -26.26 12.12 9.39
N PHE D 199 -24.96 12.28 9.23
CA PHE D 199 -24.01 11.25 9.63
C PHE D 199 -24.10 11.02 11.14
N PRO D 200 -24.04 9.76 11.61
CA PRO D 200 -23.91 8.51 10.87
C PRO D 200 -25.24 7.82 10.62
N MET D 201 -26.31 8.57 10.40
CA MET D 201 -27.63 8.02 10.15
C MET D 201 -28.17 8.54 8.83
N ASP D 202 -27.33 8.52 7.80
CA ASP D 202 -27.64 9.12 6.51
C ASP D 202 -27.96 8.05 5.48
N ALA D 203 -28.70 8.46 4.46
CA ALA D 203 -29.02 7.63 3.31
C ALA D 203 -28.45 8.29 2.05
N HIS D 204 -28.05 7.46 1.10
CA HIS D 204 -27.43 7.95 -0.13
C HIS D 204 -28.05 7.26 -1.33
N ALA D 205 -27.94 7.92 -2.49
CA ALA D 205 -28.38 7.37 -3.76
C ALA D 205 -27.19 7.47 -4.73
N CYS D 206 -26.43 6.40 -4.83
CA CYS D 206 -25.26 6.40 -5.68
C CYS D 206 -25.66 6.20 -7.14
N PRO D 207 -25.26 7.09 -8.04
CA PRO D 207 -25.67 6.97 -9.45
C PRO D 207 -24.66 6.22 -10.31
N LEU D 208 -25.17 5.64 -11.39
CA LEU D 208 -24.36 5.03 -12.43
C LEU D 208 -24.98 5.43 -13.76
N LYS D 209 -24.30 6.29 -14.51
CA LYS D 209 -24.80 6.81 -15.77
C LYS D 209 -23.87 6.37 -16.89
N PHE D 210 -24.45 5.84 -17.96
CA PHE D 210 -23.65 5.43 -19.10
C PHE D 210 -24.32 5.84 -20.40
N GLY D 211 -23.50 6.03 -21.43
CA GLY D 211 -24.03 6.42 -22.72
C GLY D 211 -22.93 6.43 -23.76
N SER D 212 -23.32 6.74 -25.00
CA SER D 212 -22.36 6.81 -26.09
C SER D 212 -21.46 8.02 -25.93
N TYR D 213 -20.23 7.89 -26.42
CA TYR D 213 -19.25 8.97 -26.28
C TYR D 213 -19.22 9.88 -27.50
N ALA D 214 -19.19 9.30 -28.70
CA ALA D 214 -19.04 10.09 -29.91
C ALA D 214 -20.32 10.23 -30.72
N TYR D 215 -21.23 9.27 -30.65
CA TYR D 215 -22.45 9.29 -31.43
C TYR D 215 -23.54 10.02 -30.66
N THR D 216 -24.17 11.00 -31.31
CA THR D 216 -25.21 11.79 -30.67
C THR D 216 -26.56 11.06 -30.75
N ARG D 217 -27.59 11.69 -30.21
CA ARG D 217 -28.91 11.07 -30.14
C ARG D 217 -29.53 10.85 -31.51
N ALA D 218 -29.03 11.53 -32.54
CA ALA D 218 -29.52 11.36 -33.89
C ALA D 218 -28.85 10.20 -34.62
N GLU D 219 -27.88 9.55 -33.99
CA GLU D 219 -27.18 8.42 -34.59
C GLU D 219 -27.34 7.13 -33.80
N VAL D 220 -27.12 7.17 -32.49
CA VAL D 220 -27.19 5.99 -31.64
C VAL D 220 -28.04 6.32 -30.42
N VAL D 221 -29.02 5.47 -30.14
CA VAL D 221 -29.87 5.60 -28.96
C VAL D 221 -29.77 4.33 -28.14
N TYR D 222 -30.07 4.46 -26.86
CA TYR D 222 -29.99 3.36 -25.91
C TYR D 222 -31.36 3.09 -25.32
N GLU D 223 -31.68 1.80 -25.16
CA GLU D 223 -32.91 1.37 -24.52
C GLU D 223 -32.60 0.18 -23.61
N TRP D 224 -33.51 -0.10 -22.69
CA TRP D 224 -33.37 -1.25 -21.82
C TRP D 224 -33.98 -2.48 -22.47
N THR D 225 -33.36 -3.64 -22.24
CA THR D 225 -33.80 -4.86 -22.91
C THR D 225 -35.23 -5.21 -22.53
N ARG D 226 -35.57 -5.09 -21.25
CA ARG D 226 -36.93 -5.31 -20.77
C ARG D 226 -37.36 -4.09 -19.96
N GLU D 227 -38.44 -4.22 -19.20
CA GLU D 227 -38.90 -3.11 -18.39
C GLU D 227 -37.75 -2.61 -17.51
N PRO D 228 -37.60 -1.30 -17.34
CA PRO D 228 -36.40 -0.78 -16.66
C PRO D 228 -36.23 -1.30 -15.24
N ALA D 229 -37.31 -1.70 -14.58
CA ALA D 229 -37.19 -2.27 -13.24
C ALA D 229 -36.41 -3.58 -13.26
N ARG D 230 -36.61 -4.39 -14.30
CA ARG D 230 -36.03 -5.73 -14.37
C ARG D 230 -34.87 -5.82 -15.36
N SER D 231 -34.37 -4.67 -15.83
CA SER D 231 -33.22 -4.65 -16.73
C SER D 231 -31.89 -4.50 -16.00
N VAL D 232 -31.92 -4.32 -14.69
CA VAL D 232 -30.71 -4.27 -13.86
C VAL D 232 -30.92 -5.26 -12.72
N VAL D 233 -30.28 -6.41 -12.82
CA VAL D 233 -30.52 -7.51 -11.89
C VAL D 233 -29.30 -7.67 -11.00
N VAL D 234 -29.52 -7.72 -9.69
CA VAL D 234 -28.46 -7.85 -8.70
C VAL D 234 -28.48 -9.27 -8.15
N ALA D 235 -27.30 -9.89 -8.09
CA ALA D 235 -27.19 -11.25 -7.58
C ALA D 235 -27.49 -11.29 -6.08
N GLU D 236 -28.01 -12.43 -5.63
CA GLU D 236 -28.44 -12.56 -4.24
C GLU D 236 -27.26 -12.45 -3.28
N ASP D 237 -26.19 -13.21 -3.51
CA ASP D 237 -25.03 -13.21 -2.63
C ASP D 237 -23.98 -12.19 -3.04
N GLY D 238 -24.23 -11.39 -4.07
CA GLY D 238 -23.29 -10.38 -4.51
C GLY D 238 -23.38 -9.09 -3.73
N SER D 239 -22.87 -9.09 -2.50
CA SER D 239 -22.89 -7.91 -1.65
C SER D 239 -21.60 -7.87 -0.85
N ARG D 240 -20.71 -6.95 -1.21
CA ARG D 240 -19.45 -6.75 -0.51
C ARG D 240 -19.50 -5.57 0.44
N LEU D 241 -20.69 -5.02 0.70
CA LEU D 241 -20.82 -3.88 1.59
C LEU D 241 -20.57 -4.28 3.04
N ASN D 242 -19.85 -3.43 3.76
CA ASN D 242 -19.56 -3.64 5.17
C ASN D 242 -20.50 -2.84 6.08
N GLN D 243 -20.69 -1.56 5.78
CA GLN D 243 -21.48 -0.67 6.64
C GLN D 243 -22.57 0.04 5.84
N TYR D 244 -23.25 -0.71 4.96
CA TYR D 244 -24.35 -0.15 4.19
C TYR D 244 -25.35 -1.25 3.89
N ASP D 245 -26.55 -0.83 3.52
CA ASP D 245 -27.62 -1.74 3.11
C ASP D 245 -28.10 -1.37 1.72
N LEU D 246 -28.23 -2.37 0.85
CA LEU D 246 -28.70 -2.17 -0.51
C LEU D 246 -30.22 -2.39 -0.52
N LEU D 247 -30.95 -1.28 -0.41
CA LEU D 247 -32.41 -1.37 -0.37
C LEU D 247 -32.98 -1.67 -1.75
N GLY D 248 -32.46 -1.03 -2.78
CA GLY D 248 -32.95 -1.26 -4.13
C GLY D 248 -32.31 -0.28 -5.10
N GLN D 249 -32.82 -0.30 -6.33
CA GLN D 249 -32.34 0.57 -7.38
C GLN D 249 -33.51 1.11 -8.20
N THR D 250 -33.31 2.30 -8.75
CA THR D 250 -34.27 2.94 -9.65
C THR D 250 -33.59 3.21 -10.98
N VAL D 251 -34.28 2.90 -12.06
CA VAL D 251 -33.70 2.90 -13.41
C VAL D 251 -34.45 3.88 -14.29
N ASP D 252 -33.70 4.76 -14.96
CA ASP D 252 -34.29 5.79 -15.80
C ASP D 252 -33.42 6.00 -17.03
N SER D 253 -33.99 6.69 -18.02
CA SER D 253 -33.28 6.99 -19.26
C SER D 253 -33.61 8.41 -19.69
N GLY D 254 -32.59 9.23 -19.88
CA GLY D 254 -32.81 10.62 -20.25
C GLY D 254 -31.83 11.11 -21.31
N ILE D 255 -31.77 12.43 -21.50
CA ILE D 255 -30.94 13.05 -22.52
C ILE D 255 -30.07 14.11 -21.87
N VAL D 256 -28.77 14.07 -22.16
CA VAL D 256 -27.84 15.10 -21.71
C VAL D 256 -27.40 15.89 -22.93
N GLN D 257 -26.87 17.09 -22.68
CA GLN D 257 -26.48 18.01 -23.75
C GLN D 257 -25.12 18.59 -23.41
N SER D 258 -24.12 18.27 -24.22
CA SER D 258 -22.78 18.81 -24.08
C SER D 258 -22.45 19.68 -25.28
N SER D 259 -21.26 20.28 -25.26
CA SER D 259 -20.85 21.19 -26.31
C SER D 259 -20.82 20.53 -27.68
N THR D 260 -20.73 19.21 -27.74
CA THR D 260 -20.70 18.48 -29.00
C THR D 260 -22.05 17.94 -29.44
N GLY D 261 -23.12 18.20 -28.68
CA GLY D 261 -24.44 17.80 -29.09
C GLY D 261 -25.19 17.12 -27.97
N GLU D 262 -26.30 16.48 -28.33
CA GLU D 262 -27.18 15.82 -27.37
C GLU D 262 -26.99 14.31 -27.43
N TYR D 263 -26.89 13.68 -26.26
CA TYR D 263 -26.65 12.25 -26.16
C TYR D 263 -27.71 11.63 -25.25
N VAL D 264 -27.93 10.34 -25.42
CA VAL D 264 -28.85 9.58 -24.58
C VAL D 264 -28.05 8.93 -23.46
N VAL D 265 -28.52 9.08 -22.23
CA VAL D 265 -27.81 8.57 -21.06
C VAL D 265 -28.77 7.72 -20.24
N MET D 266 -28.35 6.51 -19.90
CA MET D 266 -29.11 5.61 -19.04
C MET D 266 -28.55 5.69 -17.62
N THR D 267 -29.44 5.83 -16.64
CA THR D 267 -29.06 6.08 -15.27
C THR D 267 -29.66 5.02 -14.35
N THR D 268 -28.87 4.57 -13.38
CA THR D 268 -29.34 3.64 -12.35
C THR D 268 -28.88 4.17 -10.99
N HIS D 269 -29.82 4.38 -10.08
CA HIS D 269 -29.53 4.85 -8.74
C HIS D 269 -29.67 3.70 -7.76
N PHE D 270 -28.63 3.48 -6.96
CA PHE D 270 -28.66 2.47 -5.90
C PHE D 270 -28.84 3.17 -4.56
N HIS D 271 -29.85 2.75 -3.80
CA HIS D 271 -30.18 3.40 -2.54
C HIS D 271 -29.51 2.65 -1.39
N LEU D 272 -28.72 3.37 -0.60
CA LEU D 272 -27.94 2.80 0.48
C LEU D 272 -28.28 3.49 1.79
N LYS D 273 -28.29 2.73 2.88
CA LYS D 273 -28.49 3.26 4.22
C LYS D 273 -27.36 2.77 5.11
N ARG D 274 -26.72 3.69 5.82
CA ARG D 274 -25.53 3.35 6.60
C ARG D 274 -25.92 2.63 7.89
N LYS D 275 -25.26 1.51 8.14
CA LYS D 275 -25.44 0.81 9.41
C LYS D 275 -24.81 1.59 10.55
N ILE D 276 -25.47 1.61 11.69
CA ILE D 276 -25.07 2.45 12.81
C ILE D 276 -24.31 1.69 13.89
N GLY D 277 -24.20 0.36 13.76
CA GLY D 277 -23.58 -0.42 14.82
C GLY D 277 -22.14 -0.04 15.08
N TYR D 278 -21.38 0.21 14.01
CA TYR D 278 -19.97 0.53 14.17
C TYR D 278 -19.79 1.81 14.98
N PHE D 279 -20.57 2.84 14.67
CA PHE D 279 -20.45 4.10 15.40
C PHE D 279 -21.14 4.05 16.76
N VAL D 280 -22.08 3.14 16.95
CA VAL D 280 -22.62 2.92 18.29
C VAL D 280 -21.57 2.33 19.20
N ILE D 281 -20.81 1.34 18.71
CA ILE D 281 -19.81 0.67 19.54
C ILE D 281 -18.44 1.33 19.45
N GLN D 282 -18.29 2.39 18.67
CA GLN D 282 -17.00 3.07 18.53
C GLN D 282 -16.98 4.47 19.14
N THR D 283 -18.08 5.20 19.09
CA THR D 283 -18.11 6.57 19.61
C THR D 283 -19.17 6.80 20.67
N TYR D 284 -20.39 6.28 20.49
CA TYR D 284 -21.46 6.61 21.42
C TYR D 284 -21.23 5.99 22.79
N LEU D 285 -20.90 4.70 22.84
CA LEU D 285 -20.65 4.04 24.11
C LEU D 285 -19.48 4.66 24.88
N PRO D 286 -18.32 4.92 24.26
CA PRO D 286 -17.26 5.60 25.02
C PRO D 286 -17.66 6.96 25.55
N CYS D 287 -18.44 7.74 24.79
CA CYS D 287 -18.89 9.04 25.29
C CYS D 287 -19.83 8.88 26.48
N ILE D 288 -20.76 7.93 26.41
CA ILE D 288 -21.67 7.70 27.51
C ILE D 288 -20.91 7.24 28.75
N MET D 289 -19.94 6.34 28.58
CA MET D 289 -19.16 5.88 29.72
C MET D 289 -18.32 7.01 30.31
N THR D 290 -17.77 7.88 29.48
CA THR D 290 -17.00 9.02 29.99
C THR D 290 -17.89 9.96 30.78
N VAL D 291 -19.11 10.22 30.30
CA VAL D 291 -20.03 11.10 31.02
C VAL D 291 -20.41 10.47 32.36
N ILE D 292 -20.71 9.17 32.36
CA ILE D 292 -21.07 8.49 33.61
C ILE D 292 -19.91 8.53 34.59
N LEU D 293 -18.69 8.28 34.11
CA LEU D 293 -17.52 8.32 34.99
C LEU D 293 -17.31 9.72 35.57
N SER D 294 -17.50 10.75 34.75
CA SER D 294 -17.37 12.12 35.24
C SER D 294 -18.41 12.43 36.31
N GLN D 295 -19.65 11.96 36.11
CA GLN D 295 -20.70 12.23 37.08
C GLN D 295 -20.56 11.38 38.34
N VAL D 296 -19.78 10.29 38.29
CA VAL D 296 -19.51 9.52 39.50
C VAL D 296 -18.81 10.38 40.55
N SER D 297 -18.06 11.39 40.11
CA SER D 297 -17.28 12.21 41.03
C SER D 297 -18.15 12.99 42.02
N PHE D 298 -19.45 13.13 41.74
CA PHE D 298 -20.31 13.88 42.63
C PHE D 298 -20.53 13.18 43.96
N TRP D 299 -20.26 11.87 44.04
CA TRP D 299 -20.51 11.08 45.24
C TRP D 299 -19.28 10.96 46.13
N LEU D 300 -18.16 11.56 45.76
CA LEU D 300 -16.98 11.55 46.61
C LEU D 300 -17.03 12.71 47.59
N ASN D 301 -16.45 12.50 48.76
CA ASN D 301 -16.45 13.52 49.79
C ASN D 301 -15.65 14.74 49.34
N ARG D 302 -16.09 15.91 49.78
CA ARG D 302 -15.51 17.18 49.32
C ARG D 302 -14.06 17.36 49.73
N GLU D 303 -13.57 16.59 50.70
CA GLU D 303 -12.20 16.74 51.16
C GLU D 303 -11.17 16.06 50.27
N SER D 304 -11.62 15.26 49.29
CA SER D 304 -10.71 14.55 48.39
C SER D 304 -10.52 15.36 47.11
N VAL D 305 -9.78 16.48 47.27
CA VAL D 305 -9.55 17.37 46.12
C VAL D 305 -8.76 16.68 45.01
N PRO D 306 -7.63 16.01 45.27
CA PRO D 306 -6.90 15.38 44.16
C PRO D 306 -7.70 14.33 43.41
N ALA D 307 -8.54 13.57 44.12
CA ALA D 307 -9.31 12.52 43.44
C ALA D 307 -10.30 13.12 42.45
N ARG D 308 -11.07 14.11 42.88
CA ARG D 308 -12.06 14.72 41.99
C ARG D 308 -11.38 15.51 40.88
N THR D 309 -10.25 16.15 41.18
CA THR D 309 -9.50 16.84 40.13
C THR D 309 -9.01 15.87 39.07
N VAL D 310 -8.49 14.72 39.49
CA VAL D 310 -8.06 13.70 38.53
C VAL D 310 -9.23 13.19 37.72
N PHE D 311 -10.37 12.94 38.37
CA PHE D 311 -11.57 12.53 37.65
C PHE D 311 -11.91 13.53 36.55
N GLY D 312 -12.00 14.81 36.90
CA GLY D 312 -12.40 15.81 35.93
C GLY D 312 -11.40 15.93 34.79
N VAL D 313 -10.11 16.00 35.12
CA VAL D 313 -9.10 16.17 34.08
C VAL D 313 -9.05 14.97 33.14
N THR D 314 -9.10 13.76 33.70
CA THR D 314 -9.07 12.57 32.85
C THR D 314 -10.30 12.49 31.96
N THR D 315 -11.47 12.83 32.48
CA THR D 315 -12.67 12.80 31.65
C THR D 315 -12.61 13.85 30.54
N VAL D 316 -12.10 15.04 30.84
CA VAL D 316 -11.97 16.07 29.80
C VAL D 316 -10.99 15.63 28.73
N LEU D 317 -9.85 15.06 29.13
CA LEU D 317 -8.89 14.59 28.13
C LEU D 317 -9.46 13.47 27.28
N THR D 318 -10.18 12.53 27.91
CA THR D 318 -10.81 11.47 27.13
C THR D 318 -11.83 12.03 26.16
N MET D 319 -12.58 13.06 26.57
CA MET D 319 -13.53 13.69 25.67
C MET D 319 -12.82 14.33 24.48
N THR D 320 -11.70 15.03 24.73
CA THR D 320 -10.95 15.64 23.64
C THR D 320 -10.42 14.58 22.68
N THR D 321 -9.87 13.50 23.22
CA THR D 321 -9.34 12.43 22.38
C THR D 321 -10.44 11.80 21.55
N LEU D 322 -11.60 11.55 22.15
CA LEU D 322 -12.73 10.97 21.41
C LEU D 322 -13.20 11.90 20.30
N SER D 323 -13.28 13.21 20.58
CA SER D 323 -13.70 14.16 19.57
C SER D 323 -12.74 14.14 18.38
N ILE D 324 -11.43 14.23 18.67
CA ILE D 324 -10.44 14.24 17.59
C ILE D 324 -10.48 12.95 16.80
N SER D 325 -10.57 11.81 17.49
CA SER D 325 -10.58 10.53 16.80
C SER D 325 -11.83 10.36 15.93
N ALA D 326 -12.99 10.80 16.43
CA ALA D 326 -14.22 10.61 15.68
C ALA D 326 -14.29 11.53 14.47
N ARG D 327 -13.79 12.76 14.60
CA ARG D 327 -13.81 13.66 13.46
C ARG D 327 -12.73 13.33 12.42
N ASN D 328 -11.84 12.40 12.73
CA ASN D 328 -10.77 11.99 11.82
C ASN D 328 -11.11 10.71 11.07
N SER D 329 -12.38 10.51 10.71
CA SER D 329 -12.79 9.32 9.97
C SER D 329 -13.71 9.66 8.82
N LEU D 330 -13.75 10.91 8.40
CA LEU D 330 -14.67 11.38 7.38
C LEU D 330 -13.94 12.32 6.43
N PRO D 331 -14.47 12.52 5.23
CA PRO D 331 -13.94 13.60 4.37
C PRO D 331 -14.11 14.95 5.05
N LYS D 332 -13.16 15.85 4.79
CA LYS D 332 -13.09 17.09 5.54
C LYS D 332 -14.20 18.05 5.14
N VAL D 333 -15.44 17.70 5.50
CA VAL D 333 -16.57 18.58 5.20
C VAL D 333 -16.56 19.79 6.13
N ALA D 334 -17.21 20.86 5.68
CA ALA D 334 -17.17 22.14 6.37
C ALA D 334 -18.40 22.38 7.24
N TYR D 335 -19.23 21.37 7.45
CA TYR D 335 -20.45 21.52 8.24
C TYR D 335 -20.49 20.48 9.34
N ALA D 336 -21.18 20.82 10.42
CA ALA D 336 -21.27 19.93 11.57
C ALA D 336 -22.25 18.79 11.31
N THR D 337 -21.95 17.62 11.84
CA THR D 337 -22.77 16.43 11.69
C THR D 337 -23.46 16.12 13.01
N ALA D 338 -24.33 15.11 12.98
CA ALA D 338 -25.04 14.71 14.19
C ALA D 338 -24.07 14.20 15.25
N MET D 339 -23.07 13.42 14.83
CA MET D 339 -22.06 12.94 15.77
C MET D 339 -21.28 14.10 16.37
N ASP D 340 -21.05 15.16 15.58
CA ASP D 340 -20.38 16.33 16.11
C ASP D 340 -21.20 16.99 17.22
N TRP D 341 -22.52 17.10 17.01
CA TRP D 341 -23.38 17.67 18.05
C TRP D 341 -23.38 16.79 19.30
N PHE D 342 -23.44 15.47 19.11
CA PHE D 342 -23.43 14.58 20.27
C PHE D 342 -22.15 14.73 21.08
N ILE D 343 -21.01 14.78 20.39
CA ILE D 343 -19.74 14.94 21.08
C ILE D 343 -19.65 16.29 21.75
N ALA D 344 -20.19 17.33 21.11
CA ALA D 344 -20.17 18.67 21.71
C ALA D 344 -20.97 18.70 23.00
N VAL D 345 -22.14 18.06 23.00
CA VAL D 345 -22.97 18.06 24.20
C VAL D 345 -22.32 17.23 25.31
N CYS D 346 -21.72 16.09 24.96
CA CYS D 346 -21.01 15.30 25.97
C CYS D 346 -19.85 16.08 26.57
N TYR D 347 -19.11 16.80 25.73
CA TYR D 347 -18.02 17.65 26.22
C TYR D 347 -18.55 18.75 27.14
N ALA D 348 -19.69 19.34 26.77
CA ALA D 348 -20.30 20.34 27.63
C ALA D 348 -20.67 19.76 28.99
N PHE D 349 -21.23 18.54 29.00
CA PHE D 349 -21.58 17.90 30.26
C PHE D 349 -20.35 17.66 31.13
N VAL D 350 -19.28 17.15 30.53
CA VAL D 350 -18.07 16.86 31.31
C VAL D 350 -17.46 18.14 31.87
N PHE D 351 -17.37 19.18 31.04
CA PHE D 351 -16.84 20.45 31.51
C PHE D 351 -17.74 21.06 32.59
N SER D 352 -19.05 20.86 32.46
CA SER D 352 -19.97 21.35 33.49
C SER D 352 -19.74 20.65 34.80
N ALA D 353 -19.50 19.34 34.77
CA ALA D 353 -19.19 18.61 35.99
C ALA D 353 -17.91 19.13 36.64
N LEU D 354 -16.89 19.38 35.83
CA LEU D 354 -15.65 19.92 36.39
C LEU D 354 -15.85 21.31 36.98
N ILE D 355 -16.63 22.16 36.31
CA ILE D 355 -16.91 23.49 36.84
C ILE D 355 -17.71 23.40 38.13
N GLU D 356 -18.62 22.42 38.22
CA GLU D 356 -19.36 22.21 39.44
C GLU D 356 -18.45 21.81 40.59
N PHE D 357 -17.48 20.93 40.32
CA PHE D 357 -16.52 20.58 41.37
C PHE D 357 -15.71 21.79 41.80
N ALA D 358 -15.29 22.62 40.84
CA ALA D 358 -14.52 23.82 41.19
C ALA D 358 -15.35 24.76 42.05
N THR D 359 -16.63 24.93 41.71
CA THR D 359 -17.51 25.78 42.51
C THR D 359 -17.67 25.22 43.93
N VAL D 360 -17.84 23.90 44.05
CA VAL D 360 -17.96 23.29 45.37
C VAL D 360 -16.70 23.53 46.18
N ASN D 361 -15.54 23.33 45.56
CA ASN D 361 -14.27 23.55 46.26
C ASN D 361 -14.09 25.01 46.64
N TYR D 362 -14.69 25.92 45.88
CA TYR D 362 -14.59 27.34 46.22
C TYR D 362 -15.32 27.66 47.52
N PHE D 363 -16.47 27.03 47.76
CA PHE D 363 -17.30 27.31 48.92
C PHE D 363 -17.09 26.34 50.08
N THR D 364 -16.17 25.39 49.95
CA THR D 364 -16.03 24.36 50.97
C THR D 364 -15.44 24.87 52.28
N LYS D 365 -14.88 26.07 52.29
CA LYS D 365 -14.23 26.59 53.50
C LYS D 365 -15.06 27.62 54.24
N SER D 366 -15.88 28.39 53.54
CA SER D 366 -16.69 29.44 54.16
C SER D 366 -18.16 29.10 54.26
N GLN D 367 -18.73 28.44 53.26
CA GLN D 367 -20.15 28.11 53.23
C GLN D 367 -20.32 26.62 52.95
N PRO D 368 -20.05 25.76 53.93
CA PRO D 368 -20.19 24.31 53.70
C PRO D 368 -21.60 23.90 53.33
N ALA D 369 -22.61 24.58 53.87
CA ALA D 369 -23.99 24.23 53.54
C ALA D 369 -24.26 24.43 52.06
N ARG D 370 -23.77 25.53 51.49
CA ARG D 370 -23.95 25.75 50.06
C ARG D 370 -23.24 24.68 49.23
N ALA D 371 -22.04 24.28 49.65
CA ALA D 371 -21.32 23.25 48.93
C ALA D 371 -22.07 21.92 48.97
N ALA D 372 -22.58 21.53 50.14
CA ALA D 372 -23.34 20.29 50.24
C ALA D 372 -24.61 20.35 49.41
N LYS D 373 -25.29 21.51 49.43
CA LYS D 373 -26.50 21.66 48.62
C LYS D 373 -26.18 21.54 47.13
N ILE D 374 -25.08 22.14 46.69
CA ILE D 374 -24.68 22.05 45.29
C ILE D 374 -24.38 20.60 44.92
N ASP D 375 -23.67 19.88 45.79
CA ASP D 375 -23.37 18.48 45.51
C ASP D 375 -24.63 17.65 45.38
N ARG D 376 -25.58 17.82 46.31
CA ARG D 376 -26.81 17.06 46.26
C ARG D 376 -27.63 17.40 45.02
N LEU D 377 -27.74 18.69 44.69
CA LEU D 377 -28.49 19.10 43.51
C LEU D 377 -27.85 18.57 42.24
N SER D 378 -26.52 18.58 42.16
CA SER D 378 -25.85 18.05 40.99
C SER D 378 -26.08 16.55 40.85
N ARG D 379 -25.99 15.81 41.96
CA ARG D 379 -26.28 14.38 41.93
C ARG D 379 -27.69 14.12 41.40
N ILE D 380 -28.65 14.94 41.83
CA ILE D 380 -30.02 14.74 41.36
C ILE D 380 -30.16 15.12 39.88
N ALA D 381 -29.51 16.20 39.45
CA ALA D 381 -29.84 16.83 38.18
C ALA D 381 -29.04 16.31 36.99
N PHE D 382 -27.72 16.08 37.14
CA PHE D 382 -26.91 15.71 35.99
C PHE D 382 -27.38 14.43 35.31
N PRO D 383 -27.63 13.32 36.00
CA PRO D 383 -28.13 12.12 35.30
C PRO D 383 -29.44 12.38 34.58
N LEU D 384 -30.34 13.16 35.17
CA LEU D 384 -31.64 13.42 34.55
C LEU D 384 -31.47 14.19 33.25
N LEU D 385 -30.63 15.24 33.28
CA LEU D 385 -30.41 16.03 32.07
C LEU D 385 -29.75 15.18 30.99
N PHE D 386 -28.75 14.38 31.35
CA PHE D 386 -28.11 13.53 30.34
C PHE D 386 -29.09 12.52 29.75
N GLY D 387 -29.93 11.93 30.60
CA GLY D 387 -30.89 10.95 30.10
C GLY D 387 -31.91 11.57 29.16
N ILE D 388 -32.46 12.72 29.54
CA ILE D 388 -33.44 13.36 28.68
C ILE D 388 -32.80 13.82 27.37
N PHE D 389 -31.54 14.28 27.44
CA PHE D 389 -30.85 14.66 26.21
C PHE D 389 -30.68 13.45 25.30
N ASN D 390 -30.26 12.31 25.84
CA ASN D 390 -30.10 11.12 25.02
C ASN D 390 -31.43 10.71 24.39
N LEU D 391 -32.50 10.72 25.18
CA LEU D 391 -33.80 10.33 24.63
C LEU D 391 -34.23 11.28 23.52
N VAL D 392 -34.08 12.58 23.72
CA VAL D 392 -34.49 13.56 22.72
C VAL D 392 -33.65 13.41 21.45
N TYR D 393 -32.34 13.25 21.60
CA TYR D 393 -31.46 13.11 20.44
C TYR D 393 -31.82 11.87 19.63
N TRP D 394 -32.01 10.73 20.32
CA TRP D 394 -32.31 9.51 19.59
C TRP D 394 -33.68 9.57 18.93
N ALA D 395 -34.67 10.15 19.62
CA ALA D 395 -35.99 10.29 19.01
C ALA D 395 -35.94 11.20 17.79
N THR D 396 -35.17 12.29 17.87
CA THR D 396 -35.07 13.22 16.74
C THR D 396 -34.39 12.57 15.55
N TYR D 397 -33.30 11.85 15.77
CA TYR D 397 -32.49 11.40 14.63
C TYR D 397 -32.88 10.02 14.11
N LEU D 398 -33.48 9.16 14.92
CA LEU D 398 -33.92 7.86 14.40
C LEU D 398 -35.15 7.98 13.52
N ASN D 399 -35.98 9.01 13.73
CA ASN D 399 -37.12 9.30 12.88
C ASN D 399 -36.82 10.43 11.89
N ARG D 400 -35.57 10.52 11.43
CA ARG D 400 -35.15 11.60 10.54
C ARG D 400 -35.84 11.52 9.19
N ASN E 62 31.64 -1.17 -44.68
CA ASN E 62 30.49 -1.22 -45.57
C ASN E 62 29.28 -1.84 -44.88
N MET E 63 28.35 -1.00 -44.42
CA MET E 63 27.19 -1.49 -43.70
C MET E 63 26.26 -2.32 -44.59
N SER E 64 26.36 -2.18 -45.91
CA SER E 64 25.52 -2.99 -46.79
C SER E 64 25.84 -4.47 -46.64
N PHE E 65 27.13 -4.81 -46.57
CA PHE E 65 27.52 -6.21 -46.41
C PHE E 65 27.05 -6.76 -45.08
N VAL E 66 27.17 -5.97 -44.01
CA VAL E 66 26.71 -6.42 -42.69
C VAL E 66 25.20 -6.60 -42.69
N LYS E 67 24.47 -5.70 -43.35
CA LYS E 67 23.02 -5.85 -43.45
C LYS E 67 22.65 -7.12 -44.21
N GLU E 68 23.35 -7.39 -45.31
CA GLU E 68 23.10 -8.61 -46.06
C GLU E 68 23.37 -9.85 -45.20
N THR E 69 24.47 -9.82 -44.44
CA THR E 69 24.79 -10.94 -43.55
C THR E 69 23.69 -11.15 -42.51
N VAL E 70 23.25 -10.07 -41.88
CA VAL E 70 22.22 -10.18 -40.84
C VAL E 70 20.91 -10.71 -41.42
N ASP E 71 20.51 -10.18 -42.58
CA ASP E 71 19.29 -10.65 -43.22
C ASP E 71 19.40 -12.11 -43.64
N LYS E 72 20.58 -12.54 -44.10
CA LYS E 72 20.77 -13.94 -44.42
C LYS E 72 20.66 -14.82 -43.18
N LEU E 73 21.21 -14.37 -42.06
CA LEU E 73 21.11 -15.14 -40.82
C LEU E 73 19.65 -15.32 -40.40
N LEU E 74 18.87 -14.24 -40.45
CA LEU E 74 17.48 -14.28 -40.02
C LEU E 74 16.55 -14.89 -41.05
N LYS E 75 17.02 -15.13 -42.27
CA LYS E 75 16.18 -15.71 -43.30
C LYS E 75 15.87 -17.16 -42.97
N GLY E 76 14.59 -17.52 -42.99
CA GLY E 76 14.19 -18.88 -42.65
C GLY E 76 14.53 -19.27 -41.23
N TYR E 77 14.48 -18.32 -40.31
CA TYR E 77 14.77 -18.57 -38.90
C TYR E 77 13.46 -18.86 -38.18
N ASP E 78 13.34 -20.07 -37.64
CA ASP E 78 12.13 -20.49 -36.95
C ASP E 78 12.34 -20.30 -35.44
N ILE E 79 11.65 -19.31 -34.87
CA ILE E 79 11.79 -19.02 -33.45
C ILE E 79 11.08 -20.03 -32.57
N ARG E 80 10.26 -20.91 -33.17
CA ARG E 80 9.51 -21.90 -32.42
C ARG E 80 10.33 -23.15 -32.11
N LEU E 81 11.57 -23.23 -32.59
CA LEU E 81 12.44 -24.37 -32.35
C LEU E 81 13.70 -23.91 -31.63
N ARG E 82 14.03 -24.58 -30.53
CA ARG E 82 15.25 -24.29 -29.81
C ARG E 82 16.46 -24.69 -30.64
N PRO E 83 17.63 -24.13 -30.35
CA PRO E 83 18.85 -24.57 -31.03
C PRO E 83 19.09 -26.06 -30.79
N ASP E 84 19.55 -26.74 -31.84
CA ASP E 84 19.76 -28.19 -31.81
C ASP E 84 18.50 -28.93 -31.42
N PHE E 85 17.36 -28.47 -31.95
CA PHE E 85 16.09 -29.12 -31.66
C PHE E 85 16.10 -30.57 -32.12
N GLY E 86 15.62 -31.46 -31.28
CA GLY E 86 15.69 -32.88 -31.56
C GLY E 86 17.03 -33.51 -31.28
N GLY E 87 17.98 -32.76 -30.72
CA GLY E 87 19.29 -33.28 -30.41
C GLY E 87 19.68 -33.07 -28.97
N PRO E 88 20.97 -32.82 -28.74
CA PRO E 88 21.45 -32.63 -27.36
C PRO E 88 20.91 -31.35 -26.76
N PRO E 89 20.83 -31.26 -25.44
CA PRO E 89 20.37 -30.03 -24.80
C PRO E 89 21.32 -28.87 -25.04
N VAL E 90 20.77 -27.66 -24.98
CA VAL E 90 21.54 -26.43 -25.13
C VAL E 90 21.95 -25.93 -23.75
N CYS E 91 23.23 -25.69 -23.57
CA CYS E 91 23.75 -25.22 -22.29
C CYS E 91 23.68 -23.70 -22.24
N VAL E 92 23.04 -23.17 -21.20
CA VAL E 92 22.89 -21.73 -21.02
C VAL E 92 23.67 -21.33 -19.78
N GLY E 93 24.62 -20.42 -19.95
CA GLY E 93 25.41 -19.90 -18.84
C GLY E 93 24.81 -18.59 -18.35
N MET E 94 24.88 -18.36 -17.05
CA MET E 94 24.22 -17.21 -16.45
C MET E 94 25.19 -16.42 -15.57
N ASN E 95 25.13 -15.10 -15.70
CA ASN E 95 25.82 -14.18 -14.81
C ASN E 95 24.82 -13.18 -14.26
N ILE E 96 25.05 -12.77 -13.02
CA ILE E 96 24.21 -11.78 -12.35
C ILE E 96 25.13 -10.72 -11.75
N ASP E 97 24.84 -9.46 -12.03
CA ASP E 97 25.51 -8.33 -11.41
C ASP E 97 24.51 -7.61 -10.53
N ILE E 98 24.64 -7.78 -9.21
CA ILE E 98 23.71 -7.16 -8.28
C ILE E 98 24.00 -5.67 -8.20
N ALA E 99 22.96 -4.85 -8.37
CA ALA E 99 23.11 -3.41 -8.27
C ALA E 99 22.69 -2.86 -6.92
N SER E 100 21.57 -3.33 -6.38
CA SER E 100 21.11 -2.89 -5.07
C SER E 100 20.09 -3.87 -4.52
N ILE E 101 19.93 -3.84 -3.21
CA ILE E 101 18.83 -4.50 -2.52
C ILE E 101 18.14 -3.44 -1.69
N ASP E 102 16.94 -3.03 -2.10
CA ASP E 102 16.34 -1.81 -1.57
C ASP E 102 15.69 -2.03 -0.21
N MET E 103 14.65 -2.87 -0.17
CA MET E 103 13.86 -3.04 1.04
C MET E 103 13.69 -4.51 1.34
N VAL E 104 13.95 -4.89 2.59
CA VAL E 104 13.71 -6.25 3.06
C VAL E 104 12.56 -6.19 4.04
N SER E 105 11.34 -6.39 3.55
CA SER E 105 10.13 -6.14 4.32
C SER E 105 9.82 -7.34 5.19
N GLU E 106 9.76 -7.12 6.51
CA GLU E 106 9.32 -8.17 7.42
C GLU E 106 7.81 -8.38 7.37
N VAL E 107 7.05 -7.31 7.15
CA VAL E 107 5.59 -7.42 7.11
C VAL E 107 5.15 -8.22 5.89
N ASN E 108 5.72 -7.93 4.73
CA ASN E 108 5.33 -8.59 3.50
C ASN E 108 6.14 -9.86 3.21
N MET E 109 7.20 -10.12 3.96
CA MET E 109 8.05 -11.29 3.79
C MET E 109 8.60 -11.37 2.37
N ASP E 110 9.32 -10.33 1.98
CA ASP E 110 9.93 -10.27 0.65
C ASP E 110 11.06 -9.26 0.66
N TYR E 111 11.78 -9.17 -0.46
CA TYR E 111 12.88 -8.24 -0.60
C TYR E 111 13.00 -7.83 -2.06
N THR E 112 13.40 -6.59 -2.28
CA THR E 112 13.55 -6.03 -3.62
C THR E 112 15.00 -6.12 -4.07
N LEU E 113 15.20 -6.53 -5.32
CA LEU E 113 16.53 -6.79 -5.85
C LEU E 113 16.61 -6.30 -7.29
N THR E 114 17.64 -5.52 -7.59
CA THR E 114 17.90 -5.02 -8.95
C THR E 114 19.18 -5.66 -9.47
N MET E 115 19.13 -6.17 -10.70
CA MET E 115 20.25 -6.96 -11.19
C MET E 115 20.41 -6.77 -12.69
N TYR E 116 21.64 -6.99 -13.15
CA TYR E 116 21.95 -7.19 -14.56
C TYR E 116 22.05 -8.70 -14.77
N PHE E 117 21.09 -9.25 -15.50
CA PHE E 117 20.97 -10.70 -15.71
C PHE E 117 21.38 -11.02 -17.13
N GLN E 118 22.47 -11.75 -17.29
CA GLN E 118 23.04 -12.05 -18.60
C GLN E 118 23.09 -13.55 -18.82
N GLN E 119 22.73 -13.96 -20.04
CA GLN E 119 22.73 -15.37 -20.43
C GLN E 119 23.55 -15.55 -21.70
N TYR E 120 24.23 -16.69 -21.78
CA TYR E 120 25.06 -17.04 -22.93
CA TYR E 120 25.06 -17.04 -22.93
C TYR E 120 24.64 -18.40 -23.45
N TRP E 121 24.56 -18.51 -24.78
CA TRP E 121 24.27 -19.82 -25.37
C TRP E 121 24.73 -19.83 -26.81
N ARG E 122 25.17 -21.00 -27.26
CA ARG E 122 25.64 -21.17 -28.63
C ARG E 122 24.49 -21.58 -29.54
N ASP E 123 24.35 -20.87 -30.66
CA ASP E 123 23.37 -21.21 -31.69
C ASP E 123 24.10 -21.30 -33.02
N LYS E 124 24.01 -22.46 -33.67
CA LYS E 124 24.69 -22.65 -34.95
C LYS E 124 23.98 -21.93 -36.09
N ARG E 125 22.68 -21.65 -35.95
CA ARG E 125 21.94 -20.95 -36.99
C ARG E 125 22.37 -19.49 -37.12
N LEU E 126 23.08 -18.94 -36.13
CA LEU E 126 23.50 -17.54 -36.14
C LEU E 126 25.01 -17.40 -36.33
N ALA E 127 25.62 -18.34 -37.03
CA ALA E 127 27.06 -18.31 -37.27
C ALA E 127 27.33 -17.56 -38.57
N TYR E 128 28.07 -16.47 -38.48
CA TYR E 128 28.39 -15.63 -39.63
C TYR E 128 29.90 -15.59 -39.84
N SER E 129 30.30 -15.46 -41.09
CA SER E 129 31.71 -15.40 -41.46
C SER E 129 31.97 -14.19 -42.35
N GLY E 130 33.20 -13.69 -42.28
CA GLY E 130 33.61 -12.54 -43.06
C GLY E 130 33.65 -11.24 -42.28
N ILE E 131 33.04 -11.19 -41.11
CA ILE E 131 32.98 -9.99 -40.29
C ILE E 131 33.78 -10.26 -39.01
N PRO E 132 35.00 -9.74 -38.88
CA PRO E 132 35.82 -10.01 -37.69
C PRO E 132 35.56 -9.02 -36.56
N LEU E 133 34.30 -8.94 -36.13
CA LEU E 133 33.92 -8.08 -35.02
C LEU E 133 32.74 -8.69 -34.28
N ASN E 134 32.61 -8.32 -33.01
CA ASN E 134 31.38 -8.63 -32.28
C ASN E 134 30.25 -7.78 -32.85
N LEU E 135 29.08 -8.38 -32.98
CA LEU E 135 27.92 -7.69 -33.55
C LEU E 135 26.93 -7.39 -32.42
N THR E 136 26.93 -6.15 -31.96
CA THR E 136 25.97 -5.69 -30.96
C THR E 136 24.75 -5.15 -31.70
N LEU E 137 23.65 -5.90 -31.65
CA LEU E 137 22.47 -5.55 -32.42
C LEU E 137 21.48 -4.77 -31.57
N ASP E 138 20.54 -4.12 -32.25
CA ASP E 138 19.47 -3.42 -31.56
C ASP E 138 18.64 -4.43 -30.78
N ASN E 139 18.13 -3.99 -29.61
CA ASN E 139 17.44 -4.94 -28.73
C ASN E 139 16.18 -5.50 -29.35
N ARG E 140 15.59 -4.80 -30.33
CA ARG E 140 14.39 -5.32 -30.99
C ARG E 140 14.67 -6.61 -31.74
N VAL E 141 15.94 -6.86 -32.13
CA VAL E 141 16.29 -8.12 -32.76
C VAL E 141 16.01 -9.29 -31.84
N ALA E 142 15.98 -9.07 -30.52
CA ALA E 142 15.64 -10.14 -29.60
C ALA E 142 14.23 -10.67 -29.83
N ASP E 143 13.36 -9.90 -30.49
CA ASP E 143 12.03 -10.37 -30.83
C ASP E 143 12.00 -11.30 -32.03
N GLN E 144 13.13 -11.46 -32.72
CA GLN E 144 13.22 -12.34 -33.88
C GLN E 144 14.11 -13.55 -33.63
N LEU E 145 14.72 -13.65 -32.46
CA LEU E 145 15.61 -14.76 -32.12
C LEU E 145 14.97 -15.64 -31.04
N TRP E 146 15.51 -16.84 -30.90
CA TRP E 146 15.10 -17.73 -29.82
C TRP E 146 15.84 -17.34 -28.55
N VAL E 147 15.10 -17.19 -27.46
CA VAL E 147 15.68 -16.87 -26.16
C VAL E 147 15.19 -17.89 -25.14
N PRO E 148 15.97 -18.20 -24.10
CA PRO E 148 15.49 -19.13 -23.08
C PRO E 148 14.30 -18.56 -22.32
N ASP E 149 13.43 -19.46 -21.88
CA ASP E 149 12.27 -19.09 -21.07
C ASP E 149 12.58 -19.09 -19.59
N THR E 150 13.65 -18.38 -19.22
CA THR E 150 14.09 -18.30 -17.84
C THR E 150 13.08 -17.52 -17.01
N TYR E 151 12.82 -18.00 -15.79
CA TYR E 151 11.93 -17.29 -14.88
C TYR E 151 12.35 -17.54 -13.45
N PHE E 152 11.80 -16.74 -12.54
CA PHE E 152 12.07 -16.85 -11.11
C PHE E 152 10.85 -17.42 -10.42
N LEU E 153 11.06 -18.42 -9.56
CA LEU E 153 9.93 -19.10 -8.94
C LEU E 153 9.43 -18.40 -7.69
N ASN E 154 10.27 -17.64 -7.00
CA ASN E 154 9.91 -17.05 -5.72
C ASN E 154 9.75 -15.53 -5.82
N ASP E 155 9.42 -15.02 -6.99
CA ASP E 155 9.17 -13.60 -7.16
C ASP E 155 7.68 -13.33 -7.18
N LYS E 156 7.27 -12.18 -6.66
CA LYS E 156 5.87 -11.79 -6.60
C LYS E 156 5.49 -10.78 -7.67
N LYS E 157 6.41 -9.91 -8.05
CA LYS E 157 6.18 -8.96 -9.13
C LYS E 157 7.53 -8.46 -9.61
N SER E 158 7.80 -8.62 -10.90
CA SER E 158 9.07 -8.21 -11.48
C SER E 158 8.81 -7.46 -12.78
N PHE E 159 9.77 -6.60 -13.14
CA PHE E 159 9.65 -5.87 -14.39
C PHE E 159 11.04 -5.60 -14.95
N VAL E 160 11.13 -5.46 -16.26
CA VAL E 160 12.34 -5.07 -16.96
C VAL E 160 12.25 -3.58 -17.25
N HIS E 161 13.29 -2.83 -16.91
CA HIS E 161 13.27 -1.38 -17.09
C HIS E 161 13.16 -1.04 -18.56
N GLY E 162 12.47 0.07 -18.85
CA GLY E 162 12.20 0.45 -20.22
C GLY E 162 12.37 1.93 -20.53
N VAL E 163 13.27 2.60 -19.82
CA VAL E 163 13.59 4.00 -20.07
C VAL E 163 15.10 4.12 -20.21
N THR E 164 15.57 4.75 -21.29
CA THR E 164 14.72 5.39 -22.31
C THR E 164 14.10 4.39 -23.27
N VAL E 165 14.81 3.30 -23.54
CA VAL E 165 14.25 2.17 -24.29
C VAL E 165 14.29 0.96 -23.38
N LYS E 166 13.79 -0.17 -23.85
CA LYS E 166 13.83 -1.38 -23.05
C LYS E 166 15.27 -1.80 -22.81
N ASN E 167 15.63 -1.98 -21.55
CA ASN E 167 17.01 -2.31 -21.20
C ASN E 167 17.30 -3.76 -21.57
N ARG E 168 17.70 -3.97 -22.82
CA ARG E 168 17.94 -5.30 -23.36
C ARG E 168 19.13 -5.24 -24.29
N MET E 169 19.97 -6.28 -24.25
CA MET E 169 21.19 -6.32 -25.03
C MET E 169 21.30 -7.65 -25.76
N ILE E 170 21.55 -7.57 -27.07
CA ILE E 170 21.79 -8.75 -27.91
C ILE E 170 23.17 -8.59 -28.54
N ARG E 171 24.05 -9.54 -28.28
CA ARG E 171 25.41 -9.53 -28.83
C ARG E 171 25.68 -10.87 -29.47
N LEU E 172 25.91 -10.86 -30.79
CA LEU E 172 26.26 -12.05 -31.54
C LEU E 172 27.77 -12.08 -31.77
N HIS E 173 28.32 -13.29 -31.75
CA HIS E 173 29.73 -13.55 -31.96
C HIS E 173 29.92 -14.39 -33.22
N PRO E 174 31.10 -14.35 -33.84
CA PRO E 174 31.30 -15.09 -35.09
C PRO E 174 31.05 -16.60 -34.96
N ASP E 175 31.33 -17.19 -33.79
CA ASP E 175 31.14 -18.61 -33.59
C ASP E 175 29.71 -18.97 -33.18
N GLY E 176 28.75 -18.09 -33.43
CA GLY E 176 27.37 -18.36 -33.13
C GLY E 176 26.96 -18.12 -31.69
N THR E 177 27.88 -17.68 -30.84
CA THR E 177 27.53 -17.41 -29.45
C THR E 177 26.63 -16.19 -29.35
N VAL E 178 25.61 -16.30 -28.50
CA VAL E 178 24.65 -15.22 -28.27
C VAL E 178 24.72 -14.85 -26.80
N LEU E 179 24.90 -13.55 -26.54
CA LEU E 179 24.81 -12.98 -25.20
C LEU E 179 23.55 -12.12 -25.14
N TYR E 180 22.70 -12.42 -24.17
CA TYR E 180 21.40 -11.77 -24.00
C TYR E 180 21.34 -11.20 -22.59
N GLY E 181 21.28 -9.90 -22.48
CA GLY E 181 21.33 -9.22 -21.19
C GLY E 181 20.08 -8.41 -20.91
N LEU E 182 19.68 -8.37 -19.65
CA LEU E 182 18.51 -7.61 -19.22
C LEU E 182 18.83 -6.92 -17.90
N ARG E 183 18.10 -5.85 -17.61
CA ARG E 183 18.18 -5.18 -16.32
C ARG E 183 16.82 -5.35 -15.64
N ILE E 184 16.79 -6.14 -14.57
CA ILE E 184 15.55 -6.61 -13.98
C ILE E 184 15.49 -6.17 -12.52
N THR E 185 14.35 -5.59 -12.14
CA THR E 185 14.03 -5.32 -10.75
C THR E 185 12.91 -6.28 -10.34
N THR E 186 13.15 -7.04 -9.28
CA THR E 186 12.22 -8.06 -8.84
C THR E 186 11.95 -7.90 -7.34
N THR E 187 10.81 -8.43 -6.92
CA THR E 187 10.40 -8.46 -5.51
C THR E 187 10.26 -9.94 -5.14
N ALA E 188 11.35 -10.53 -4.66
CA ALA E 188 11.38 -11.95 -4.39
C ALA E 188 10.88 -12.25 -2.99
N ALA E 189 10.07 -13.31 -2.87
CA ALA E 189 9.55 -13.73 -1.58
C ALA E 189 10.65 -14.36 -0.74
N CYS E 190 10.68 -14.00 0.55
CA CYS E 190 11.65 -14.55 1.49
C CYS E 190 10.95 -14.74 2.83
N MET E 191 10.57 -15.99 3.12
CA MET E 191 9.96 -16.29 4.41
C MET E 191 10.97 -16.08 5.54
N MET E 192 10.49 -15.50 6.64
CA MET E 192 11.36 -15.13 7.74
C MET E 192 10.88 -15.76 9.05
N ASP E 193 11.82 -16.17 9.88
CA ASP E 193 11.54 -16.73 11.20
C ASP E 193 11.84 -15.64 12.22
N LEU E 194 10.85 -14.79 12.49
CA LEU E 194 11.00 -13.65 13.36
C LEU E 194 10.75 -13.98 14.83
N ARG E 195 10.76 -15.27 15.20
CA ARG E 195 10.57 -15.65 16.58
C ARG E 195 11.73 -15.23 17.48
N ARG E 196 12.86 -14.83 16.90
CA ARG E 196 13.99 -14.33 17.66
C ARG E 196 14.20 -12.82 17.48
N TYR E 197 13.14 -12.11 17.11
CA TYR E 197 13.25 -10.69 16.85
C TYR E 197 13.68 -9.95 18.12
N PRO E 198 14.58 -8.97 18.01
CA PRO E 198 15.28 -8.51 16.81
C PRO E 198 16.63 -9.19 16.59
N LEU E 199 16.96 -10.22 17.35
CA LEU E 199 18.23 -10.94 17.18
C LEU E 199 18.03 -12.15 16.28
N ASP E 200 17.67 -11.88 15.02
CA ASP E 200 17.29 -12.91 14.08
C ASP E 200 18.25 -12.94 12.90
N GLU E 201 18.32 -14.11 12.27
CA GLU E 201 19.12 -14.33 11.08
C GLU E 201 18.24 -14.93 9.99
N GLN E 202 18.40 -14.45 8.76
CA GLN E 202 17.52 -14.85 7.67
C GLN E 202 18.36 -15.39 6.51
N ASN E 203 17.72 -16.21 5.68
CA ASN E 203 18.34 -16.80 4.50
C ASN E 203 17.38 -16.58 3.33
N CYS E 204 17.67 -15.58 2.50
CA CYS E 204 16.81 -15.21 1.39
C CYS E 204 17.40 -15.71 0.08
N THR E 205 16.60 -16.44 -0.68
CA THR E 205 17.06 -17.06 -1.92
C THR E 205 16.36 -16.46 -3.13
N LEU E 206 17.03 -16.60 -4.28
CA LEU E 206 16.47 -16.30 -5.58
C LEU E 206 16.63 -17.53 -6.45
N GLU E 207 15.52 -18.01 -7.01
CA GLU E 207 15.48 -19.25 -7.77
C GLU E 207 15.31 -18.95 -9.25
N ILE E 208 16.03 -19.68 -10.10
CA ILE E 208 16.03 -19.49 -11.54
C ILE E 208 15.76 -20.83 -12.20
N GLU E 209 14.79 -20.87 -13.11
CA GLU E 209 14.39 -22.13 -13.72
C GLU E 209 13.83 -21.89 -15.11
N SER E 210 13.96 -22.89 -15.97
CA SER E 210 13.30 -22.88 -17.27
C SER E 210 11.83 -23.24 -17.11
N TYR E 211 10.95 -22.45 -17.70
CA TYR E 211 9.52 -22.67 -17.52
C TYR E 211 9.00 -23.84 -18.34
N GLY E 212 9.52 -24.02 -19.56
CA GLY E 212 8.95 -25.01 -20.44
C GLY E 212 9.85 -26.16 -20.85
N TYR E 213 11.16 -25.93 -20.87
CA TYR E 213 12.12 -26.91 -21.33
C TYR E 213 12.71 -27.67 -20.15
N THR E 214 12.71 -29.00 -20.23
CA THR E 214 13.28 -29.85 -19.20
C THR E 214 14.77 -30.06 -19.46
N THR E 215 15.39 -30.92 -18.65
CA THR E 215 16.81 -31.20 -18.79
C THR E 215 17.14 -31.97 -20.06
N ASP E 216 16.13 -32.52 -20.75
CA ASP E 216 16.37 -33.14 -22.05
C ASP E 216 16.55 -32.11 -23.15
N ASP E 217 16.21 -30.85 -22.88
CA ASP E 217 16.28 -29.79 -23.89
C ASP E 217 17.19 -28.63 -23.52
N ILE E 218 17.33 -28.31 -22.23
CA ILE E 218 18.10 -27.16 -21.80
C ILE E 218 18.78 -27.48 -20.48
N GLU E 219 19.97 -26.93 -20.29
CA GLU E 219 20.74 -27.13 -19.06
C GLU E 219 21.30 -25.80 -18.60
N PHE E 220 21.13 -25.48 -17.33
CA PHE E 220 21.65 -24.25 -16.76
C PHE E 220 22.95 -24.52 -16.02
N TYR E 221 23.79 -23.49 -15.95
CA TYR E 221 24.99 -23.53 -15.13
C TYR E 221 25.43 -22.11 -14.85
N TRP E 222 26.23 -21.96 -13.80
CA TRP E 222 26.81 -20.67 -13.46
C TRP E 222 28.08 -20.47 -14.26
N ARG E 223 28.17 -19.36 -14.99
CA ARG E 223 29.30 -19.08 -15.85
C ARG E 223 30.36 -18.35 -15.05
N GLY E 224 31.37 -19.08 -14.58
CA GLY E 224 32.42 -18.50 -13.77
C GLY E 224 32.51 -19.10 -12.39
N GLY E 225 31.80 -20.20 -12.17
CA GLY E 225 31.82 -20.88 -10.89
C GLY E 225 31.28 -20.04 -9.76
N ASP E 226 32.09 -19.83 -8.73
CA ASP E 226 31.68 -19.03 -7.58
C ASP E 226 31.85 -17.54 -7.79
N LYS E 227 32.41 -17.13 -8.93
CA LYS E 227 32.59 -15.72 -9.25
C LYS E 227 31.61 -15.25 -10.33
N ALA E 228 30.45 -15.90 -10.41
CA ALA E 228 29.43 -15.48 -11.37
C ALA E 228 28.67 -14.26 -10.86
N VAL E 229 28.09 -14.36 -9.67
CA VAL E 229 27.37 -13.24 -9.07
C VAL E 229 28.38 -12.28 -8.45
N THR E 230 28.34 -11.03 -8.87
CA THR E 230 29.27 -10.00 -8.40
C THR E 230 28.49 -8.83 -7.80
N GLY E 231 29.22 -8.00 -7.08
CA GLY E 231 28.66 -6.80 -6.50
C GLY E 231 27.94 -6.97 -5.19
N VAL E 232 27.94 -8.18 -4.61
CA VAL E 232 27.26 -8.39 -3.34
C VAL E 232 27.98 -7.68 -2.20
N GLU E 233 29.30 -7.52 -2.30
CA GLU E 233 30.05 -6.88 -1.22
C GLU E 233 29.65 -5.42 -1.06
N ARG E 234 29.41 -4.72 -2.16
CA ARG E 234 29.05 -3.31 -2.10
C ARG E 234 27.60 -3.08 -1.65
N ILE E 235 26.80 -4.13 -1.54
CA ILE E 235 25.41 -3.97 -1.13
C ILE E 235 25.35 -3.60 0.35
N GLU E 236 24.61 -2.54 0.67
CA GLU E 236 24.45 -2.08 2.04
C GLU E 236 22.98 -1.91 2.37
N LEU E 237 22.61 -2.29 3.58
CA LEU E 237 21.24 -2.22 4.06
C LEU E 237 21.18 -1.44 5.35
N PRO E 238 20.07 -0.73 5.60
CA PRO E 238 19.96 -0.02 6.88
C PRO E 238 19.89 -0.95 8.08
N GLN E 239 19.13 -2.03 7.99
CA GLN E 239 18.95 -2.95 9.11
C GLN E 239 19.93 -4.11 9.06
N PHE E 240 19.88 -4.90 8.00
CA PHE E 240 20.65 -6.13 7.92
C PHE E 240 22.05 -5.87 7.37
N SER E 241 22.92 -6.86 7.55
CA SER E 241 24.25 -6.87 6.95
C SER E 241 24.48 -8.24 6.33
N ILE E 242 24.95 -8.25 5.09
CA ILE E 242 25.15 -9.50 4.35
C ILE E 242 26.43 -10.16 4.83
N VAL E 243 26.33 -11.42 5.23
CA VAL E 243 27.46 -12.17 5.77
C VAL E 243 28.00 -13.18 4.77
N GLU E 244 27.12 -13.78 3.97
CA GLU E 244 27.54 -14.82 3.04
C GLU E 244 26.54 -14.91 1.91
N HIS E 245 27.03 -15.28 0.72
CA HIS E 245 26.19 -15.58 -0.42
C HIS E 245 26.70 -16.86 -1.07
N ARG E 246 25.76 -17.64 -1.61
CA ARG E 246 26.06 -18.98 -2.08
C ARG E 246 25.31 -19.26 -3.38
N LEU E 247 25.94 -20.05 -4.25
CA LEU E 247 25.40 -20.41 -5.55
C LEU E 247 25.23 -21.92 -5.62
N VAL E 248 24.05 -22.37 -6.05
CA VAL E 248 23.73 -23.78 -6.11
C VAL E 248 23.12 -24.10 -7.47
N SER E 249 23.50 -25.25 -8.04
CA SER E 249 22.94 -25.74 -9.28
C SER E 249 22.40 -27.14 -9.05
N ARG E 250 21.16 -27.40 -9.46
CA ARG E 250 20.56 -28.70 -9.20
C ARG E 250 19.43 -28.95 -10.20
N ASN E 251 18.74 -30.06 -10.02
CA ASN E 251 17.59 -30.45 -10.84
C ASN E 251 16.37 -30.61 -9.94
N VAL E 252 15.24 -30.11 -10.41
CA VAL E 252 13.99 -30.15 -9.66
C VAL E 252 12.96 -30.89 -10.49
N VAL E 253 12.32 -31.89 -9.89
CA VAL E 253 11.42 -32.78 -10.60
C VAL E 253 9.98 -32.41 -10.23
N PHE E 254 9.27 -31.81 -11.17
CA PHE E 254 7.84 -31.57 -11.04
C PHE E 254 7.07 -32.70 -11.74
N ALA E 255 5.75 -32.68 -11.57
CA ALA E 255 4.90 -33.72 -12.14
C ALA E 255 4.99 -33.77 -13.66
N THR E 256 5.46 -32.69 -14.30
CA THR E 256 5.64 -32.68 -15.75
C THR E 256 7.01 -33.14 -16.20
N GLY E 257 8.02 -33.09 -15.33
CA GLY E 257 9.35 -33.52 -15.72
C GLY E 257 10.41 -32.87 -14.84
N ALA E 258 11.65 -33.13 -15.22
CA ALA E 258 12.82 -32.68 -14.46
C ALA E 258 13.42 -31.45 -15.15
N TYR E 259 13.41 -30.32 -14.44
CA TYR E 259 13.88 -29.03 -14.94
C TYR E 259 15.18 -28.63 -14.24
N PRO E 260 16.03 -27.86 -14.90
CA PRO E 260 17.22 -27.32 -14.23
C PRO E 260 16.86 -26.21 -13.27
N ARG E 261 17.75 -25.96 -12.31
CA ARG E 261 17.50 -24.95 -11.29
C ARG E 261 18.82 -24.34 -10.84
N LEU E 262 18.84 -23.01 -10.74
CA LEU E 262 19.94 -22.28 -10.14
C LEU E 262 19.41 -21.50 -8.95
N SER E 263 20.25 -21.36 -7.92
CA SER E 263 19.83 -20.69 -6.69
C SER E 263 20.94 -19.78 -6.21
N LEU E 264 20.58 -18.53 -5.93
CA LEU E 264 21.49 -17.54 -5.35
C LEU E 264 20.93 -17.15 -3.99
N SER E 265 21.62 -17.52 -2.92
CA SER E 265 21.10 -17.36 -1.57
C SER E 265 22.00 -16.48 -0.74
N PHE E 266 21.43 -15.46 -0.10
CA PHE E 266 22.14 -14.58 0.81
C PHE E 266 21.72 -14.89 2.24
N ARG E 267 22.66 -14.70 3.18
CA ARG E 267 22.36 -14.81 4.60
C ARG E 267 22.50 -13.42 5.23
N LEU E 268 21.43 -12.96 5.87
CA LEU E 268 21.36 -11.64 6.45
C LEU E 268 21.30 -11.73 7.97
N LYS E 269 22.00 -10.82 8.63
CA LYS E 269 22.00 -10.74 10.09
C LYS E 269 21.61 -9.32 10.49
N ARG E 270 20.56 -9.19 11.28
CA ARG E 270 20.10 -7.87 11.69
C ARG E 270 21.12 -7.21 12.60
N ASN E 271 21.26 -5.89 12.46
CA ASN E 271 22.24 -5.15 13.23
C ASN E 271 21.76 -4.99 14.68
N ILE E 272 22.60 -4.34 15.49
CA ILE E 272 22.31 -4.08 16.89
C ILE E 272 22.78 -2.65 17.19
N GLY E 273 21.95 -1.89 17.90
CA GLY E 273 22.24 -0.48 18.10
C GLY E 273 21.32 0.21 19.08
N TYR E 274 20.83 1.40 18.72
CA TYR E 274 19.97 2.17 19.60
C TYR E 274 18.69 1.40 19.94
N PHE E 275 18.12 0.72 18.96
CA PHE E 275 16.83 0.07 19.16
C PHE E 275 16.91 -1.08 20.15
N ILE E 276 18.07 -1.76 20.23
CA ILE E 276 18.18 -2.88 21.17
C ILE E 276 18.15 -2.37 22.61
N LEU E 277 18.73 -1.19 22.86
CA LEU E 277 18.69 -0.62 24.20
C LEU E 277 17.33 0.01 24.49
N GLN E 278 16.73 0.68 23.50
CA GLN E 278 15.49 1.39 23.77
C GLN E 278 14.29 0.47 23.98
N THR E 279 14.44 -0.82 23.71
CA THR E 279 13.32 -1.76 23.86
C THR E 279 13.45 -2.68 25.06
N TYR E 280 14.61 -2.73 25.72
CA TYR E 280 14.81 -3.56 26.90
C TYR E 280 15.15 -2.75 28.15
N MET E 281 16.01 -1.75 28.02
CA MET E 281 16.50 -1.02 29.19
C MET E 281 15.40 -0.32 29.97
N PRO E 282 14.46 0.40 29.36
CA PRO E 282 13.38 1.00 30.18
C PRO E 282 12.58 -0.03 30.96
N SER E 283 12.21 -1.15 30.34
CA SER E 283 11.41 -2.15 31.02
C SER E 283 12.18 -2.78 32.18
N ILE E 284 13.45 -3.14 31.95
CA ILE E 284 14.21 -3.77 33.03
C ILE E 284 14.49 -2.76 34.14
N LEU E 285 14.70 -1.48 33.80
CA LEU E 285 14.90 -0.48 34.83
C LEU E 285 13.65 -0.29 35.67
N ILE E 286 12.47 -0.28 35.04
CA ILE E 286 11.23 -0.15 35.80
C ILE E 286 11.03 -1.37 36.70
N THR E 287 11.31 -2.57 36.18
CA THR E 287 11.16 -3.77 37.01
C THR E 287 12.12 -3.73 38.20
N ILE E 288 13.35 -3.27 37.99
CA ILE E 288 14.30 -3.16 39.09
C ILE E 288 13.82 -2.16 40.12
N LEU E 289 13.35 -0.99 39.64
CA LEU E 289 12.86 0.04 40.56
C LEU E 289 11.66 -0.44 41.34
N SER E 290 10.88 -1.36 40.78
CA SER E 290 9.71 -1.89 41.48
C SER E 290 10.06 -2.66 42.75
N TRP E 291 11.33 -3.02 42.94
CA TRP E 291 11.75 -3.79 44.10
C TRP E 291 12.08 -2.93 45.32
N VAL E 292 12.10 -1.60 45.18
CA VAL E 292 12.31 -0.74 46.33
C VAL E 292 11.12 -0.83 47.28
N SER E 293 9.98 -1.34 46.81
CA SER E 293 8.80 -1.45 47.66
C SER E 293 9.05 -2.30 48.89
N PHE E 294 9.90 -3.33 48.78
CA PHE E 294 10.10 -4.24 49.90
C PHE E 294 10.93 -3.61 51.02
N TRP E 295 11.79 -2.64 50.68
CA TRP E 295 12.67 -2.02 51.66
C TRP E 295 12.03 -0.84 52.37
N ILE E 296 10.76 -0.54 52.09
CA ILE E 296 10.07 0.57 52.73
C ILE E 296 9.31 0.05 53.94
N ASN E 297 9.48 0.71 55.08
CA ASN E 297 8.81 0.29 56.31
C ASN E 297 7.32 0.57 56.22
N TYR E 298 6.60 0.20 57.29
CA TYR E 298 5.17 0.51 57.33
C TYR E 298 4.92 2.01 57.30
N ASP E 299 5.77 2.78 57.99
CA ASP E 299 5.73 4.22 57.84
C ASP E 299 6.11 4.59 56.42
N ALA E 300 5.59 5.73 55.95
CA ALA E 300 5.78 6.17 54.58
C ALA E 300 5.29 5.12 53.58
N SER E 301 4.15 4.50 53.90
CA SER E 301 3.54 3.55 52.99
C SER E 301 2.89 4.24 51.78
N ALA E 302 2.58 5.53 51.91
CA ALA E 302 2.09 6.29 50.76
C ALA E 302 3.12 6.30 49.65
N ALA E 303 4.41 6.41 50.01
CA ALA E 303 5.47 6.32 49.01
C ALA E 303 5.46 4.97 48.33
N ARG E 304 5.22 3.89 49.08
CA ARG E 304 5.18 2.55 48.50
C ARG E 304 4.03 2.42 47.51
N VAL E 305 2.84 2.91 47.89
CA VAL E 305 1.69 2.85 46.99
C VAL E 305 1.94 3.67 45.73
N ALA E 306 2.49 4.88 45.90
CA ALA E 306 2.79 5.72 44.76
C ALA E 306 3.81 5.05 43.84
N LEU E 307 4.83 4.40 44.41
CA LEU E 307 5.82 3.71 43.62
C LEU E 307 5.21 2.57 42.81
N GLY E 308 4.34 1.78 43.46
CA GLY E 308 3.70 0.69 42.73
C GLY E 308 2.84 1.18 41.58
N ILE E 309 2.01 2.20 41.85
CA ILE E 309 1.15 2.74 40.81
C ILE E 309 1.98 3.33 39.67
N THR E 310 3.05 4.05 40.02
CA THR E 310 3.91 4.64 39.00
C THR E 310 4.57 3.57 38.15
N THR E 311 5.04 2.49 38.77
CA THR E 311 5.65 1.40 37.99
C THR E 311 4.64 0.83 37.00
N VAL E 312 3.42 0.54 37.47
CA VAL E 312 2.42 -0.04 36.57
C VAL E 312 2.13 0.90 35.41
N LEU E 313 1.84 2.17 35.72
CA LEU E 313 1.44 3.12 34.68
C LEU E 313 2.58 3.36 33.69
N THR E 314 3.79 3.58 34.19
CA THR E 314 4.92 3.88 33.32
C THR E 314 5.26 2.68 32.44
N MET E 315 5.24 1.48 33.00
CA MET E 315 5.52 0.30 32.18
C MET E 315 4.48 0.13 31.09
N THR E 316 3.20 0.32 31.41
CA THR E 316 2.17 0.19 30.38
C THR E 316 2.34 1.24 29.29
N THR E 317 2.62 2.48 29.68
CA THR E 317 2.80 3.55 28.70
C THR E 317 3.96 3.27 27.76
N ILE E 318 5.12 2.92 28.32
CA ILE E 318 6.28 2.69 27.47
C ILE E 318 6.10 1.42 26.64
N ASN E 319 5.41 0.41 27.16
CA ASN E 319 5.14 -0.79 26.38
C ASN E 319 4.30 -0.46 25.16
N THR E 320 3.26 0.36 25.33
CA THR E 320 2.46 0.75 24.17
C THR E 320 3.27 1.59 23.18
N HIS E 321 4.05 2.54 23.69
CA HIS E 321 4.84 3.38 22.79
C HIS E 321 5.98 2.62 22.13
N LEU E 322 6.36 1.46 22.65
CA LEU E 322 7.33 0.59 21.98
C LEU E 322 6.66 -0.32 20.96
N ARG E 323 5.53 -0.92 21.32
CA ARG E 323 4.80 -1.76 20.39
C ARG E 323 4.28 -0.97 19.20
N GLU E 324 4.14 0.35 19.34
CA GLU E 324 3.75 1.16 18.19
C GLU E 324 4.79 1.16 17.08
N THR E 325 6.04 0.79 17.39
CA THR E 325 7.10 0.79 16.39
C THR E 325 7.48 -0.60 15.90
N LEU E 326 7.14 -1.64 16.64
CA LEU E 326 7.49 -3.00 16.23
C LEU E 326 6.71 -3.39 14.97
N PRO E 327 7.26 -4.30 14.16
CA PRO E 327 6.54 -4.74 12.95
C PRO E 327 5.20 -5.37 13.31
N LYS E 328 4.20 -5.10 12.48
CA LYS E 328 2.83 -5.53 12.76
C LYS E 328 2.60 -6.89 12.12
N ILE E 329 3.11 -7.92 12.80
CA ILE E 329 2.92 -9.31 12.44
C ILE E 329 2.18 -10.00 13.57
N PRO E 330 1.14 -10.77 13.31
CA PRO E 330 0.35 -11.37 14.40
C PRO E 330 0.80 -12.78 14.80
N TYR E 331 2.00 -12.88 15.35
CA TYR E 331 2.43 -14.10 16.03
C TYR E 331 3.47 -13.74 17.08
N VAL E 332 3.73 -14.69 17.98
CA VAL E 332 4.48 -14.43 19.20
C VAL E 332 5.97 -14.31 18.88
N LYS E 333 6.52 -13.13 19.11
CA LYS E 333 7.97 -12.90 19.02
C LYS E 333 8.58 -13.10 20.41
N ALA E 334 9.84 -12.70 20.57
CA ALA E 334 10.53 -12.84 21.85
C ALA E 334 10.39 -11.61 22.73
N ILE E 335 10.47 -10.41 22.13
CA ILE E 335 10.37 -9.18 22.89
C ILE E 335 8.99 -9.06 23.54
N ASP E 336 7.95 -9.56 22.86
CA ASP E 336 6.61 -9.56 23.45
C ASP E 336 6.58 -10.40 24.73
N MET E 337 7.20 -11.58 24.71
CA MET E 337 7.23 -12.41 25.90
C MET E 337 8.06 -11.75 27.00
N TYR E 338 9.14 -11.06 26.63
CA TYR E 338 9.93 -10.36 27.64
C TYR E 338 9.11 -9.26 28.34
N LEU E 339 8.38 -8.48 27.55
CA LEU E 339 7.55 -7.42 28.12
C LEU E 339 6.42 -8.01 28.98
N MET E 340 5.83 -9.11 28.53
CA MET E 340 4.82 -9.78 29.34
C MET E 340 5.38 -10.27 30.67
N GLY E 341 6.60 -10.81 30.64
CA GLY E 341 7.24 -11.23 31.88
C GLY E 341 7.48 -10.08 32.84
N CYS E 342 7.94 -8.95 32.30
CA CYS E 342 8.16 -7.77 33.16
C CYS E 342 6.84 -7.29 33.78
N PHE E 343 5.78 -7.26 32.97
CA PHE E 343 4.48 -6.85 33.50
C PHE E 343 3.97 -7.81 34.56
N VAL E 344 4.17 -9.12 34.34
CA VAL E 344 3.76 -10.10 35.35
C VAL E 344 4.56 -9.88 36.63
N PHE E 345 5.83 -9.51 36.51
CA PHE E 345 6.64 -9.27 37.70
C PHE E 345 6.13 -8.07 38.49
N VAL E 346 5.80 -6.97 37.81
CA VAL E 346 5.30 -5.80 38.57
C VAL E 346 3.93 -6.11 39.17
N PHE E 347 3.10 -6.88 38.45
CA PHE E 347 1.82 -7.29 39.00
C PHE E 347 1.99 -8.14 40.26
N LEU E 348 2.94 -9.08 40.23
CA LEU E 348 3.19 -9.90 41.40
C LEU E 348 3.73 -9.07 42.56
N ALA E 349 4.54 -8.07 42.27
CA ALA E 349 5.02 -7.18 43.33
C ALA E 349 3.86 -6.46 44.00
N LEU E 350 2.93 -5.92 43.20
CA LEU E 350 1.77 -5.25 43.78
C LEU E 350 0.91 -6.22 44.59
N LEU E 351 0.73 -7.44 44.09
CA LEU E 351 -0.06 -8.44 44.82
C LEU E 351 0.59 -8.78 46.16
N GLU E 352 1.91 -8.93 46.16
CA GLU E 352 2.63 -9.21 47.41
C GLU E 352 2.47 -8.07 48.39
N TYR E 353 2.58 -6.83 47.91
CA TYR E 353 2.36 -5.68 48.79
C TYR E 353 0.96 -5.71 49.39
N ALA E 354 -0.04 -6.04 48.57
CA ALA E 354 -1.42 -6.11 49.07
C ALA E 354 -1.54 -7.16 50.17
N PHE E 355 -0.97 -8.34 49.94
CA PHE E 355 -1.08 -9.40 50.94
C PHE E 355 -0.37 -9.02 52.24
N VAL E 356 0.83 -8.45 52.13
CA VAL E 356 1.58 -8.04 53.32
C VAL E 356 0.81 -6.98 54.10
N ASN E 357 0.25 -6.00 53.39
CA ASN E 357 -0.53 -4.96 54.06
C ASN E 357 -1.76 -5.54 54.75
N TYR E 358 -2.41 -6.52 54.11
CA TYR E 358 -3.61 -7.10 54.73
C TYR E 358 -3.26 -7.87 55.99
N ILE E 359 -2.22 -8.69 55.96
CA ILE E 359 -1.92 -9.54 57.11
C ILE E 359 -1.05 -8.78 58.11
N PHE E 360 -0.87 -7.48 57.88
CA PHE E 360 0.03 -6.71 58.73
C PHE E 360 -0.50 -6.58 60.16
N PHE E 361 -1.80 -6.35 60.31
CA PHE E 361 -2.34 -6.05 61.63
C PHE E 361 -2.40 -7.30 62.52
N SER E 362 -2.86 -8.43 61.95
CA SER E 362 -2.98 -9.64 62.76
C SER E 362 -1.63 -10.24 63.07
N GLN E 363 -0.74 -10.33 62.09
CA GLN E 363 0.55 -11.00 62.21
C GLN E 363 1.65 -10.11 61.67
N PRO E 364 2.02 -9.06 62.42
CA PRO E 364 3.07 -8.14 61.92
C PRO E 364 4.41 -8.83 61.69
N ALA E 365 4.78 -9.77 62.56
CA ALA E 365 6.05 -10.47 62.39
C ALA E 365 6.05 -11.29 61.10
N ARG E 366 4.93 -11.95 60.80
CA ARG E 366 4.84 -12.71 59.56
C ARG E 366 4.93 -11.80 58.34
N ALA E 367 4.30 -10.63 58.40
CA ALA E 367 4.38 -9.69 57.29
C ALA E 367 5.81 -9.20 57.07
N ALA E 368 6.51 -8.88 58.17
CA ALA E 368 7.90 -8.47 58.04
C ALA E 368 8.76 -9.60 57.48
N ALA E 369 8.51 -10.83 57.91
CA ALA E 369 9.26 -11.97 57.38
C ALA E 369 8.98 -12.17 55.90
N ILE E 370 7.73 -11.95 55.47
CA ILE E 370 7.40 -12.09 54.05
C ILE E 370 8.10 -11.00 53.23
N ASP E 371 8.16 -9.79 53.76
CA ASP E 371 8.91 -8.73 53.08
C ASP E 371 10.39 -9.10 52.95
N ARG E 372 10.97 -9.63 54.04
CA ARG E 372 12.37 -10.04 53.99
C ARG E 372 12.58 -11.14 52.96
N TRP E 373 11.66 -12.10 52.90
CA TRP E 373 11.74 -13.15 51.90
C TRP E 373 11.68 -12.58 50.49
N SER E 374 10.76 -11.64 50.26
CA SER E 374 10.60 -11.07 48.93
C SER E 374 11.86 -10.32 48.50
N ARG E 375 12.52 -9.65 49.45
CA ARG E 375 13.74 -8.90 49.13
C ARG E 375 14.74 -9.75 48.37
N ILE E 376 14.85 -11.03 48.73
CA ILE E 376 15.77 -11.94 48.04
C ILE E 376 15.09 -12.65 46.88
N VAL E 377 13.82 -13.03 47.06
CA VAL E 377 13.16 -13.88 46.08
C VAL E 377 13.00 -13.16 44.75
N PHE E 378 12.54 -11.91 44.78
CA PHE E 378 12.22 -11.23 43.53
C PHE E 378 13.44 -11.03 42.62
N PRO E 379 14.56 -10.46 43.09
CA PRO E 379 15.73 -10.34 42.18
C PRO E 379 16.24 -11.67 41.70
N PHE E 380 16.24 -12.70 42.55
CA PHE E 380 16.74 -14.01 42.14
C PHE E 380 15.87 -14.62 41.05
N THR E 381 14.54 -14.55 41.21
CA THR E 381 13.65 -15.09 40.20
C THR E 381 13.74 -14.30 38.89
N PHE E 382 13.86 -12.97 38.99
CA PHE E 382 14.02 -12.17 37.78
C PHE E 382 15.31 -12.52 37.05
N SER E 383 16.41 -12.72 37.79
CA SER E 383 17.66 -13.11 37.17
C SER E 383 17.55 -14.50 36.54
N LEU E 384 16.86 -15.42 37.22
CA LEU E 384 16.68 -16.76 36.66
C LEU E 384 15.90 -16.72 35.36
N PHE E 385 14.82 -15.94 35.33
CA PHE E 385 14.02 -15.80 34.10
CA PHE E 385 14.05 -15.86 34.09
C PHE E 385 14.81 -15.12 33.00
N ASN E 386 15.62 -14.12 33.35
CA ASN E 386 16.47 -13.49 32.36
C ASN E 386 17.46 -14.49 31.78
N LEU E 387 18.02 -15.35 32.62
CA LEU E 387 18.93 -16.39 32.15
C LEU E 387 18.22 -17.36 31.21
N VAL E 388 17.01 -17.77 31.57
CA VAL E 388 16.25 -18.69 30.72
C VAL E 388 15.96 -18.04 29.36
N TYR E 389 15.55 -16.77 29.38
CA TYR E 389 15.29 -16.05 28.14
C TYR E 389 16.55 -15.92 27.30
N TRP E 390 17.68 -15.63 27.94
CA TRP E 390 18.95 -15.50 27.22
C TRP E 390 19.36 -16.82 26.59
N LEU E 391 19.15 -17.93 27.29
CA LEU E 391 19.49 -19.23 26.73
C LEU E 391 18.57 -19.58 25.56
N TYR E 392 17.26 -19.38 25.72
CA TYR E 392 16.31 -19.84 24.72
C TYR E 392 16.26 -18.94 23.49
N TYR E 393 16.39 -17.62 23.67
CA TYR E 393 16.16 -16.68 22.58
C TYR E 393 17.36 -15.80 22.27
N VAL E 394 18.55 -16.13 22.76
CA VAL E 394 19.76 -15.39 22.40
C VAL E 394 20.88 -16.36 22.09
N GLN F 1 21.90 -26.99 7.64
CA GLN F 1 22.11 -28.42 7.85
C GLN F 1 21.10 -28.95 8.85
N VAL F 2 20.47 -30.08 8.51
CA VAL F 2 19.44 -30.69 9.34
C VAL F 2 19.84 -32.14 9.60
N GLN F 3 19.70 -32.56 10.86
CA GLN F 3 19.96 -33.93 11.26
C GLN F 3 18.65 -34.59 11.68
N LEU F 4 18.35 -35.74 11.09
CA LEU F 4 17.10 -36.46 11.33
C LEU F 4 17.39 -37.72 12.13
N VAL F 5 16.62 -37.92 13.20
CA VAL F 5 16.76 -39.08 14.08
C VAL F 5 15.43 -39.82 14.09
N GLU F 6 15.48 -41.13 13.88
CA GLU F 6 14.29 -41.96 13.81
C GLU F 6 14.20 -42.82 15.07
N SER F 7 13.00 -42.89 15.65
CA SER F 7 12.77 -43.71 16.83
C SER F 7 11.45 -44.46 16.66
N GLY F 8 11.33 -45.56 17.39
CA GLY F 8 10.13 -46.37 17.32
C GLY F 8 10.30 -47.65 16.53
N LEU F 405 1.96 -49.64 15.24
CA LEU F 405 3.18 -49.01 15.74
C LEU F 405 3.09 -47.50 15.67
N ARG F 406 4.18 -46.83 16.02
CA ARG F 406 4.24 -45.37 15.95
C ARG F 406 5.70 -44.96 15.83
N LEU F 407 6.09 -44.50 14.64
CA LEU F 407 7.44 -44.01 14.41
C LEU F 407 7.51 -42.51 14.66
N SER F 408 8.68 -42.05 15.04
CA SER F 408 8.91 -40.64 15.31
C SER F 408 10.17 -40.17 14.58
N CYS F 409 10.05 -39.05 13.89
CA CYS F 409 11.18 -38.40 13.22
C CYS F 409 11.42 -37.07 13.92
N ALA F 410 12.64 -36.87 14.42
CA ALA F 410 13.02 -35.67 15.14
C ALA F 410 14.11 -34.95 14.37
N ALA F 411 13.93 -33.66 14.16
CA ALA F 411 14.86 -32.85 13.37
C ALA F 411 15.63 -31.91 14.28
N SER F 412 16.91 -31.74 13.98
CA SER F 412 17.77 -30.81 14.72
C SER F 412 18.55 -29.97 13.73
N GLY F 413 18.59 -28.65 13.97
CA GLY F 413 19.34 -27.74 13.15
C GLY F 413 18.43 -26.71 12.48
N HIS F 414 18.82 -26.31 11.27
CA HIS F 414 18.07 -25.29 10.51
C HIS F 414 16.81 -25.92 9.94
N THR F 415 15.84 -26.15 10.84
CA THR F 415 14.58 -26.77 10.46
C THR F 415 13.64 -25.80 9.76
N PHE F 416 13.89 -24.50 9.85
CA PHE F 416 13.00 -23.54 9.21
C PHE F 416 13.18 -23.52 7.69
N ASN F 417 14.41 -23.76 7.22
CA ASN F 417 14.67 -23.79 5.78
C ASN F 417 14.15 -25.04 5.12
N TYR F 418 13.78 -26.07 5.87
CA TYR F 418 13.28 -27.33 5.34
C TYR F 418 11.97 -27.66 6.04
N PRO F 419 10.89 -26.94 5.72
CA PRO F 419 9.66 -27.04 6.50
C PRO F 419 8.77 -28.23 6.14
N ILE F 420 9.22 -29.15 5.30
CA ILE F 420 8.42 -30.29 4.90
C ILE F 420 9.20 -31.57 5.21
N MET F 421 8.55 -32.50 5.90
CA MET F 421 9.13 -33.80 6.22
C MET F 421 8.33 -34.88 5.50
N GLY F 422 9.05 -35.82 4.90
CA GLY F 422 8.41 -36.88 4.13
C GLY F 422 8.92 -38.25 4.54
N TRP F 423 8.03 -39.22 4.40
CA TRP F 423 8.33 -40.61 4.72
C TRP F 423 8.43 -41.42 3.44
N PHE F 424 9.43 -42.30 3.38
CA PHE F 424 9.63 -43.19 2.26
C PHE F 424 9.82 -44.61 2.75
N ARG F 425 9.42 -45.57 1.93
CA ARG F 425 9.62 -46.98 2.25
C ARG F 425 10.32 -47.66 1.09
N GLN F 426 11.25 -48.55 1.40
CA GLN F 426 12.05 -49.23 0.39
C GLN F 426 11.95 -50.73 0.59
N ALA F 427 11.55 -51.44 -0.45
CA ALA F 427 11.50 -52.88 -0.50
C ALA F 427 12.84 -53.45 -0.97
N PRO F 428 13.15 -54.70 -0.64
CA PRO F 428 14.42 -55.28 -1.09
C PRO F 428 14.57 -55.30 -2.61
N GLY F 429 13.48 -55.46 -3.35
CA GLY F 429 13.55 -55.54 -4.79
C GLY F 429 13.18 -54.26 -5.52
N LYS F 430 12.69 -53.26 -4.80
CA LYS F 430 12.19 -52.04 -5.40
C LYS F 430 12.86 -50.83 -4.77
N GLU F 431 12.89 -49.73 -5.51
CA GLU F 431 13.46 -48.48 -5.03
C GLU F 431 12.53 -47.83 -4.02
N ARG F 432 13.06 -46.83 -3.32
CA ARG F 432 12.29 -46.12 -2.30
C ARG F 432 11.10 -45.41 -2.93
N GLU F 433 9.97 -45.47 -2.23
CA GLU F 433 8.73 -44.88 -2.71
C GLU F 433 8.10 -44.02 -1.61
N PHE F 434 7.40 -42.98 -2.05
CA PHE F 434 6.80 -42.02 -1.13
C PHE F 434 5.63 -42.65 -0.39
N VAL F 435 5.44 -42.24 0.87
CA VAL F 435 4.34 -42.71 1.71
C VAL F 435 3.53 -41.55 2.27
N GLY F 436 4.20 -40.59 2.90
CA GLY F 436 3.49 -39.47 3.50
C GLY F 436 4.38 -38.26 3.65
N ALA F 437 3.73 -37.11 3.82
CA ALA F 437 4.42 -35.83 3.93
C ALA F 437 3.57 -34.87 4.76
N ILE F 438 4.24 -34.03 5.54
CA ILE F 438 3.57 -33.14 6.49
C ILE F 438 4.24 -31.77 6.45
N SER F 439 3.44 -30.72 6.43
CA SER F 439 3.91 -29.35 6.53
C SER F 439 3.57 -28.79 7.90
N TRP F 440 4.48 -28.00 8.47
CA TRP F 440 4.28 -27.48 9.82
C TRP F 440 3.08 -26.55 9.88
N SER F 441 2.93 -25.67 8.88
CA SER F 441 1.80 -24.75 8.82
C SER F 441 0.92 -24.95 7.60
N GLY F 442 1.29 -25.86 6.69
CA GLY F 442 0.46 -26.11 5.52
C GLY F 442 -0.81 -26.89 5.82
N GLY F 443 -0.81 -27.67 6.90
CA GLY F 443 -2.00 -28.38 7.32
C GLY F 443 -2.48 -29.42 6.34
N SER F 444 -1.63 -29.87 5.43
CA SER F 444 -2.01 -30.82 4.39
C SER F 444 -1.16 -32.08 4.55
N THR F 445 -1.66 -33.01 5.36
CA THR F 445 -1.01 -34.32 5.52
C THR F 445 -1.26 -35.13 4.24
N SER F 446 -0.26 -35.18 3.37
CA SER F 446 -0.40 -35.90 2.11
C SER F 446 0.03 -37.35 2.30
N TYR F 447 -0.72 -38.26 1.69
CA TYR F 447 -0.47 -39.69 1.83
C TYR F 447 -0.48 -40.36 0.46
N ALA F 448 0.22 -41.48 0.37
CA ALA F 448 0.16 -42.32 -0.81
C ALA F 448 -1.18 -43.06 -0.86
N ASP F 449 -1.57 -43.46 -2.07
CA ASP F 449 -2.86 -44.14 -2.24
C ASP F 449 -2.87 -45.50 -1.55
N SER F 450 -1.74 -46.21 -1.55
CA SER F 450 -1.69 -47.51 -0.91
C SER F 450 -1.79 -47.43 0.61
N VAL F 451 -1.48 -46.28 1.19
CA VAL F 451 -1.47 -46.13 2.64
C VAL F 451 -2.58 -45.18 3.11
N LYS F 452 -3.55 -44.89 2.25
CA LYS F 452 -4.67 -44.05 2.65
C LYS F 452 -5.55 -44.79 3.65
N ASP F 453 -6.01 -44.06 4.66
CA ASP F 453 -6.91 -44.51 5.72
C ASP F 453 -6.27 -45.55 6.64
N ARG F 454 -5.00 -45.92 6.41
CA ARG F 454 -4.31 -46.85 7.28
C ARG F 454 -3.17 -46.21 8.06
N PHE F 455 -2.47 -45.25 7.47
CA PHE F 455 -1.41 -44.51 8.14
C PHE F 455 -1.86 -43.08 8.39
N THR F 456 -1.35 -42.51 9.49
CA THR F 456 -1.62 -41.12 9.83
C THR F 456 -0.31 -40.43 10.19
N ILE F 457 -0.23 -39.14 9.88
CA ILE F 457 0.96 -38.35 10.17
C ILE F 457 0.55 -37.11 10.95
N SER F 458 1.22 -36.88 12.08
CA SER F 458 0.97 -35.74 12.94
C SER F 458 2.26 -34.96 13.15
N ARG F 459 2.11 -33.71 13.58
CA ARG F 459 3.22 -32.79 13.72
C ARG F 459 3.16 -32.13 15.09
N ASP F 460 4.33 -31.80 15.64
CA ASP F 460 4.36 -30.92 16.80
C ASP F 460 5.69 -30.18 16.85
N ASN F 461 5.62 -28.86 16.99
CA ASN F 461 6.79 -28.01 17.05
C ASN F 461 7.29 -27.80 18.48
N ALA F 462 6.66 -28.43 19.47
CA ALA F 462 7.15 -28.31 20.84
C ALA F 462 8.55 -28.87 20.97
N LYS F 463 8.80 -30.04 20.37
CA LYS F 463 10.15 -30.60 20.26
C LYS F 463 10.50 -30.91 18.82
N ASN F 464 9.75 -30.37 17.86
CA ASN F 464 10.03 -30.54 16.44
C ASN F 464 10.05 -32.01 16.04
N THR F 465 8.89 -32.66 16.17
CA THR F 465 8.77 -34.07 15.87
C THR F 465 7.59 -34.32 14.94
N VAL F 466 7.73 -35.39 14.15
CA VAL F 466 6.70 -35.88 13.24
C VAL F 466 6.39 -37.32 13.61
N TYR F 467 5.11 -37.61 13.84
CA TYR F 467 4.66 -38.92 14.27
C TYR F 467 3.96 -39.62 13.12
N LEU F 468 4.37 -40.86 12.84
CA LEU F 468 3.74 -41.72 11.84
C LEU F 468 3.08 -42.88 12.56
N GLU F 469 1.75 -42.86 12.62
CA GLU F 469 0.98 -43.93 13.25
C GLU F 469 0.53 -44.91 12.17
N MET F 470 0.79 -46.20 12.41
CA MET F 470 0.48 -47.25 11.46
C MET F 470 -0.67 -48.10 11.99
N ASN F 471 -1.67 -48.35 11.14
CA ASN F 471 -2.80 -49.19 11.47
C ASN F 471 -3.07 -50.16 10.33
N ASN F 472 -3.57 -51.35 10.69
CA ASN F 472 -3.95 -52.38 9.72
C ASN F 472 -2.76 -52.77 8.83
N LEU F 473 -1.75 -53.34 9.49
CA LEU F 473 -0.55 -53.78 8.79
C LEU F 473 -0.86 -54.90 7.82
N LYS F 474 -0.10 -54.94 6.73
CA LYS F 474 -0.24 -55.95 5.68
C LYS F 474 1.11 -56.59 5.44
N PRO F 475 1.13 -57.80 4.86
CA PRO F 475 2.43 -58.43 4.57
C PRO F 475 3.33 -57.60 3.68
N GLU F 476 2.77 -56.81 2.76
CA GLU F 476 3.58 -55.94 1.92
C GLU F 476 4.21 -54.78 2.67
N ASP F 477 3.80 -54.53 3.91
CA ASP F 477 4.33 -53.42 4.69
C ASP F 477 5.78 -53.65 5.12
N THR F 478 6.32 -54.85 4.92
CA THR F 478 7.69 -55.14 5.34
C THR F 478 8.69 -54.42 4.44
N ALA F 479 9.11 -53.23 4.84
CA ALA F 479 10.06 -52.43 4.08
C ALA F 479 10.81 -51.53 5.04
N VAL F 480 11.98 -51.06 4.62
CA VAL F 480 12.79 -50.19 5.45
C VAL F 480 12.34 -48.75 5.24
N TYR F 481 12.07 -48.05 6.34
CA TYR F 481 11.50 -46.71 6.30
C TYR F 481 12.58 -45.65 6.49
N TYR F 482 12.37 -44.50 5.84
CA TYR F 482 13.28 -43.38 5.90
C TYR F 482 12.47 -42.09 6.07
N CYS F 483 13.08 -41.13 6.75
CA CYS F 483 12.50 -39.80 6.94
C CYS F 483 13.42 -38.79 6.27
N ALA F 484 12.85 -37.88 5.48
CA ALA F 484 13.63 -36.94 4.70
C ALA F 484 13.07 -35.54 4.83
N ALA F 485 13.95 -34.55 4.62
CA ALA F 485 13.59 -33.14 4.70
C ALA F 485 13.62 -32.52 3.30
N LYS F 486 12.66 -31.66 3.02
CA LYS F 486 12.50 -31.05 1.71
C LYS F 486 12.53 -29.54 1.84
N GLY F 487 13.17 -28.88 0.88
CA GLY F 487 13.29 -27.44 0.90
C GLY F 487 11.97 -26.75 0.59
N ARG F 488 12.00 -25.43 0.71
CA ARG F 488 10.79 -24.64 0.48
C ARG F 488 10.43 -24.55 -0.99
N TYR F 489 11.41 -24.50 -1.89
CA TYR F 489 11.15 -24.42 -3.32
C TYR F 489 11.75 -25.62 -4.04
N SER F 490 11.56 -26.81 -3.49
CA SER F 490 12.18 -28.02 -4.01
C SER F 490 11.32 -28.78 -5.00
N GLY F 491 10.14 -28.27 -5.34
CA GLY F 491 9.34 -28.89 -6.38
C GLY F 491 8.35 -29.92 -5.90
N GLY F 492 8.31 -31.06 -6.58
CA GLY F 492 7.30 -32.07 -6.31
C GLY F 492 7.49 -32.75 -4.96
N LEU F 493 6.43 -33.43 -4.53
CA LEU F 493 6.37 -34.05 -3.22
C LEU F 493 6.58 -35.57 -3.25
N TYR F 494 6.25 -36.22 -4.36
CA TYR F 494 6.30 -37.67 -4.48
C TYR F 494 7.65 -38.17 -4.97
N TYR F 495 8.62 -37.29 -5.19
CA TYR F 495 9.86 -37.65 -5.84
C TYR F 495 11.01 -37.62 -4.86
N PRO F 496 11.69 -38.75 -4.62
CA PRO F 496 12.76 -38.77 -3.61
C PRO F 496 13.94 -37.89 -3.93
N THR F 497 14.15 -37.54 -5.21
CA THR F 497 15.29 -36.73 -5.59
C THR F 497 15.25 -35.33 -4.99
N ASN F 498 14.05 -34.81 -4.70
CA ASN F 498 13.91 -33.44 -4.22
C ASN F 498 14.27 -33.28 -2.75
N TYR F 499 14.43 -34.36 -2.00
CA TYR F 499 14.70 -34.30 -0.57
C TYR F 499 16.19 -34.30 -0.33
N ASP F 500 16.65 -33.34 0.49
CA ASP F 500 18.08 -33.18 0.71
C ASP F 500 18.61 -34.16 1.76
N TYR F 501 18.11 -34.06 2.99
CA TYR F 501 18.62 -34.83 4.11
C TYR F 501 17.73 -36.01 4.40
N TRP F 502 18.34 -37.15 4.69
CA TRP F 502 17.64 -38.40 4.94
C TRP F 502 17.97 -38.93 6.32
N GLY F 503 17.04 -39.69 6.88
CA GLY F 503 17.25 -40.33 8.17
C GLY F 503 17.67 -41.78 8.04
N GLN F 504 18.19 -42.31 9.14
CA GLN F 504 18.65 -43.70 9.15
C GLN F 504 17.48 -44.66 8.96
N GLY F 505 17.74 -45.75 8.25
CA GLY F 505 16.69 -46.70 7.95
C GLY F 505 16.18 -47.42 9.19
N THR F 506 14.92 -47.85 9.11
CA THR F 506 14.27 -48.57 10.20
C THR F 506 13.40 -49.67 9.62
N GLN F 507 13.45 -50.85 10.23
CA GLN F 507 12.74 -52.02 9.74
C GLN F 507 11.43 -52.21 10.49
N VAL F 508 10.38 -52.55 9.74
CA VAL F 508 9.07 -52.86 10.30
C VAL F 508 8.62 -54.20 9.77
N THR F 509 8.24 -55.10 10.67
CA THR F 509 7.80 -56.44 10.30
C THR F 509 6.29 -56.50 10.10
C1 NAG G . 1.47 5.72 -26.14
C2 NAG G . 1.30 4.20 -26.16
C3 NAG G . 1.41 3.67 -27.58
C4 NAG G . 0.40 4.40 -28.47
C5 NAG G . 0.57 5.92 -28.35
C6 NAG G . -0.50 6.68 -29.10
C7 NAG G . 1.99 2.56 -24.47
C8 NAG G . 3.13 2.01 -23.65
N2 NAG G . 2.29 3.56 -25.30
O3 NAG G . 1.15 2.27 -27.59
O4 NAG G . 0.61 4.03 -29.83
O5 NAG G . 0.48 6.31 -26.98
O6 NAG G . -0.40 8.07 -28.85
O7 NAG G . 0.85 2.09 -24.39
C1 NAG G . -0.46 3.18 -30.27
C2 NAG G . -0.43 3.10 -31.80
C3 NAG G . -1.51 2.16 -32.31
C4 NAG G . -1.37 0.81 -31.64
C5 NAG G . -1.38 0.97 -30.12
C6 NAG G . -1.15 -0.32 -29.37
C7 NAG G . 0.45 5.25 -32.61
C8 NAG G . 0.11 6.57 -33.23
N2 NAG G . -0.58 4.43 -32.39
O3 NAG G . -1.39 2.03 -33.72
O4 NAG G . -2.44 -0.06 -32.02
O5 NAG G . -0.33 1.87 -29.72
O6 NAG G . -1.16 -0.11 -27.96
O7 NAG G . 1.59 4.95 -32.32
C1 BMA G . -1.89 -1.06 -32.90
C2 BMA G . -2.78 -2.30 -32.83
C3 BMA G . -2.25 -3.36 -33.78
C4 BMA G . -2.08 -2.80 -35.19
C5 BMA G . -1.24 -1.52 -35.15
C6 BMA G . -1.17 -0.83 -36.50
O2 BMA G . -4.11 -1.94 -33.18
O3 BMA G . -3.17 -4.45 -33.84
O4 BMA G . -1.42 -3.76 -36.02
O5 BMA G . -1.84 -0.59 -34.24
O6 BMA G . -2.46 -0.81 -37.11
C1 MAN G . -2.81 -5.44 -32.84
C2 MAN G . -2.13 -6.60 -33.55
C3 MAN G . -3.12 -7.30 -34.48
C4 MAN G . -4.38 -7.69 -33.73
C5 MAN G . -4.96 -6.47 -33.03
C6 MAN G . -6.16 -6.80 -32.16
O2 MAN G . -1.65 -7.53 -32.59
O3 MAN G . -2.51 -8.45 -35.07
O4 MAN G . -5.35 -8.20 -34.64
O5 MAN G . -3.97 -5.90 -32.15
O6 MAN G . -6.65 -5.65 -31.50
C1 MAN G . -2.35 -0.44 -38.51
C2 MAN G . -3.76 -0.34 -39.08
C3 MAN G . -4.43 -1.71 -39.10
C4 MAN G . -3.55 -2.70 -39.86
C5 MAN G . -2.15 -2.74 -39.26
C6 MAN G . -1.19 -3.61 -40.02
O2 MAN G . -3.71 0.20 -40.39
O3 MAN G . -5.71 -1.62 -39.71
O4 MAN G . -4.12 -4.00 -39.80
O5 MAN G . -1.60 -1.41 -39.26
O6 MAN G . -1.07 -3.18 -41.37
C1 NAG H . -1.78 31.94 -11.07
C2 NAG H . -2.82 32.90 -11.64
C3 NAG H . -2.57 33.13 -13.12
C4 NAG H . -1.12 33.56 -13.36
C5 NAG H . -0.16 32.58 -12.70
C6 NAG H . 1.28 33.04 -12.77
C7 NAG H . -5.22 33.19 -11.18
C8 NAG H . -6.53 32.49 -10.98
N2 NAG H . -4.17 32.40 -11.43
O3 NAG H . -3.46 34.13 -13.61
O4 NAG H . -0.85 33.56 -14.76
O5 NAG H . -0.48 32.45 -11.31
O6 NAG H . 2.15 32.10 -12.15
O7 NAG H . -5.11 34.41 -11.12
C1 NAG H . -0.66 34.89 -15.27
C2 NAG H . 0.28 34.81 -16.47
C3 NAG H . 0.48 36.19 -17.08
C4 NAG H . -0.87 36.79 -17.43
C5 NAG H . -1.76 36.81 -16.19
C6 NAG H . -3.16 37.31 -16.47
C7 NAG H . 1.89 32.96 -16.37
C8 NAG H . 3.25 32.52 -15.89
N2 NAG H . 1.56 34.22 -16.09
O3 NAG H . 1.29 36.08 -18.25
O4 NAG H . -0.70 38.13 -17.91
O5 NAG H . -1.89 35.48 -15.67
O6 NAG H . -3.96 37.29 -15.30
O7 NAG H . 1.13 32.20 -16.96
C1 BMA H . -1.17 38.21 -19.27
C2 BMA H . -1.38 39.68 -19.62
C3 BMA H . -1.86 39.82 -21.05
C4 BMA H . -0.91 39.10 -22.00
C5 BMA H . -0.69 37.66 -21.56
C6 BMA H . 0.36 36.95 -22.37
O2 BMA H . -0.16 40.38 -19.44
O3 BMA H . -1.94 41.19 -21.40
O4 BMA H . -1.44 39.11 -23.32
O5 BMA H . -0.24 37.64 -20.19
O6 BMA H . 1.59 37.68 -22.37
C1 MAN H . -3.27 41.69 -21.15
C2 MAN H . -3.78 42.39 -22.40
C3 MAN H . -2.94 43.63 -22.68
C4 MAN H . -2.89 44.53 -21.45
C5 MAN H . -2.40 43.73 -20.24
C6 MAN H . -2.41 44.52 -18.96
O2 MAN H . -5.15 42.75 -22.22
O3 MAN H . -3.50 44.35 -23.78
O4 MAN H . -1.99 45.62 -21.68
O5 MAN H . -3.26 42.60 -20.04
O6 MAN H . -1.92 43.75 -17.87
C1 MAN H . 2.43 37.18 -23.42
C2 MAN H . 3.87 37.60 -23.10
C3 MAN H . 4.01 39.12 -23.16
C4 MAN H . 3.50 39.64 -24.50
C5 MAN H . 2.08 39.15 -24.74
C6 MAN H . 1.55 39.56 -26.10
O2 MAN H . 4.76 36.98 -24.03
O3 MAN H . 5.37 39.49 -22.97
O4 MAN H . 3.53 41.07 -24.51
O5 MAN H . 2.05 37.73 -24.69
O6 MAN H . 0.21 39.11 -26.28
C1 NAG I . -21.64 19.68 -39.16
C2 NAG I . -23.12 20.05 -39.27
C3 NAG I . -23.29 21.55 -39.46
C4 NAG I . -22.58 22.30 -38.34
C5 NAG I . -21.12 21.87 -38.28
C6 NAG I . -20.36 22.48 -37.12
C7 NAG I . -24.89 18.62 -40.21
C8 NAG I . -25.41 17.94 -41.44
N2 NAG I . -23.76 19.31 -40.36
O3 NAG I . -24.67 21.88 -39.47
O4 NAG I . -22.66 23.70 -38.55
O5 NAG I . -21.05 20.44 -38.10
O6 NAG I . -21.00 22.20 -35.89
O7 NAG I . -25.46 18.55 -39.13
C1 NAG I . -23.35 24.28 -37.42
C2 NAG I . -22.89 25.73 -37.28
C3 NAG I . -23.62 26.40 -36.11
C4 NAG I . -25.13 26.25 -36.29
C5 NAG I . -25.50 24.78 -36.48
C6 NAG I . -26.96 24.57 -36.78
C7 NAG I . -20.58 25.88 -38.10
C8 NAG I . -19.14 25.94 -37.72
N2 NAG I . -21.45 25.80 -37.09
O3 NAG I . -23.27 27.78 -36.06
O4 NAG I . -25.80 26.75 -35.14
O5 NAG I . -24.77 24.25 -37.60
O6 NAG I . -27.78 25.03 -35.72
O7 NAG I . -20.95 25.90 -39.27
C1 NAG J . -17.01 -23.03 1.28
C2 NAG J . -16.82 -24.54 1.42
C3 NAG J . -17.25 -25.24 0.14
C4 NAG J . -18.67 -24.84 -0.23
C5 NAG J . -18.79 -23.32 -0.29
C6 NAG J . -20.20 -22.85 -0.52
C7 NAG J . -15.08 -25.89 2.50
C8 NAG J . -13.60 -26.07 2.73
N2 NAG J . -15.43 -24.85 1.74
O3 NAG J . -17.19 -26.66 0.34
O4 NAG J . -18.97 -25.35 -1.54
O5 NAG J . -18.38 -22.76 0.96
O6 NAG J . -20.29 -21.43 -0.48
O7 NAG J . -15.90 -26.67 2.97
C1 NAG J . -19.99 -26.36 -1.47
C2 NAG J . -20.79 -26.27 -2.76
C3 NAG J . -21.85 -27.37 -2.81
C4 NAG J . -21.20 -28.72 -2.60
C5 NAG J . -20.39 -28.72 -1.30
C6 NAG J . -19.63 -30.00 -1.07
C7 NAG J . -21.20 -24.15 -3.93
C8 NAG J . -21.91 -22.84 -3.90
N2 NAG J . -21.41 -24.96 -2.89
O3 NAG J . -22.53 -27.34 -4.06
O4 NAG J . -22.19 -29.74 -2.52
O5 NAG J . -19.41 -27.67 -1.35
O6 NAG J . -18.90 -29.95 0.15
O7 NAG J . -20.45 -24.47 -4.86
C1 BMA J . -22.00 -30.67 -3.61
C2 BMA J . -22.81 -31.93 -3.28
C3 BMA J . -22.70 -32.94 -4.40
C4 BMA J . -23.09 -32.31 -5.73
C5 BMA J . -22.27 -31.04 -5.97
C6 BMA J . -22.71 -30.28 -7.20
O2 BMA J . -24.18 -31.57 -3.07
O3 BMA J . -23.53 -34.06 -4.13
O4 BMA J . -22.86 -33.22 -6.80
O5 BMA J . -22.45 -30.13 -4.85
O6 BMA J . -24.06 -29.84 -7.07
C1 MAN J . -22.85 -34.98 -3.26
C2 MAN J . -23.23 -36.39 -3.66
C3 MAN J . -24.71 -36.63 -3.42
C4 MAN J . -25.07 -36.29 -1.97
C5 MAN J . -24.60 -34.88 -1.64
C6 MAN J . -24.83 -34.50 -0.19
O2 MAN J . -22.46 -37.34 -2.93
O3 MAN J . -25.06 -37.99 -3.70
O4 MAN J . -26.48 -36.38 -1.78
O5 MAN J . -23.20 -34.76 -1.90
O6 MAN J . -24.44 -33.15 0.05
C1 MAN J . -24.56 -29.44 -8.36
C2 MAN J . -25.51 -28.26 -8.14
C3 MAN J . -26.73 -28.72 -7.34
C4 MAN J . -27.38 -29.92 -8.01
C5 MAN J . -26.35 -31.02 -8.25
C6 MAN J . -26.89 -32.20 -9.02
O2 MAN J . -25.91 -27.74 -9.40
O3 MAN J . -27.66 -27.66 -7.22
O4 MAN J . -28.43 -30.43 -7.20
O5 MAN J . -25.24 -30.50 -9.01
O6 MAN J . -25.89 -33.18 -9.25
C1 NAG K . 4.25 -37.85 -25.12
C2 NAG K . 5.13 -38.93 -24.47
C3 NAG K . 4.32 -40.20 -24.26
C4 NAG K . 3.07 -39.89 -23.45
C5 NAG K . 2.28 -38.78 -24.12
C6 NAG K . 1.07 -38.34 -23.32
C7 NAG K . 7.47 -38.59 -25.13
C8 NAG K . 8.57 -38.98 -26.07
N2 NAG K . 6.29 -39.19 -25.31
O3 NAG K . 5.13 -41.15 -23.57
O4 NAG K . 2.26 -41.06 -23.36
O5 NAG K . 3.11 -37.62 -24.28
O6 NAG K . 1.45 -37.90 -22.02
O7 NAG K . 7.65 -37.76 -24.23
C1 NAG K . 2.08 -41.46 -21.99
C2 NAG K . 1.72 -42.94 -21.96
C3 NAG K . 1.56 -43.42 -20.52
C4 NAG K . 2.80 -43.07 -19.71
C5 NAG K . 3.10 -41.58 -19.84
C6 NAG K . 4.38 -41.17 -19.14
C7 NAG K . 0.54 -43.40 -24.06
C8 NAG K . -0.80 -43.67 -24.69
N2 NAG K . 0.52 -43.21 -22.73
O3 NAG K . 1.35 -44.83 -20.50
O4 NAG K . 2.60 -43.39 -18.34
O5 NAG K . 3.26 -41.23 -21.22
O6 NAG K . 4.30 -41.40 -17.73
O7 NAG K . 1.57 -43.36 -24.71
C1 NAG L . -5.14 -7.52 -21.20
C2 NAG L . -4.33 -8.39 -22.15
C3 NAG L . -2.84 -8.18 -21.93
C4 NAG L . -2.50 -6.71 -22.06
C5 NAG L . -3.32 -5.93 -21.04
C6 NAG L . -3.11 -4.43 -21.12
C7 NAG L . -4.93 -10.59 -23.05
C8 NAG L . -5.27 -12.02 -22.71
N2 NAG L . -4.69 -9.79 -22.01
O3 NAG L . -2.10 -8.94 -22.88
O4 NAG L . -1.12 -6.46 -21.88
O5 NAG L . -4.72 -6.16 -21.30
O6 NAG L . -3.88 -3.75 -20.13
O7 NAG L . -4.90 -10.19 -24.21
C1 NAG L . -0.62 -5.99 -23.16
C2 NAG L . 0.59 -5.08 -22.96
C3 NAG L . 1.12 -4.60 -24.31
C4 NAG L . 1.38 -5.78 -25.23
C5 NAG L . 0.14 -6.68 -25.32
C6 NAG L . 0.38 -7.94 -26.11
C7 NAG L . 0.40 -3.95 -20.79
C8 NAG L . 0.01 -2.68 -20.07
N2 NAG L . 0.25 -3.95 -22.12
O3 NAG L . 2.31 -3.85 -24.11
O4 NAG L . 1.69 -5.31 -26.54
O5 NAG L . -0.26 -7.08 -24.00
O6 NAG L . 1.42 -8.73 -25.55
O7 NAG L . 0.85 -4.93 -20.18
C1 BMA L . 3.06 -5.57 -26.88
C2 BMA L . 3.23 -5.21 -28.35
C3 BMA L . 4.68 -5.38 -28.79
C4 BMA L . 5.62 -4.64 -27.85
C5 BMA L . 5.34 -5.04 -26.41
C6 BMA L . 6.17 -4.24 -25.42
O2 BMA L . 2.82 -3.85 -28.56
O3 BMA L . 4.85 -4.89 -30.11
O4 BMA L . 6.98 -4.95 -28.18
O5 BMA L . 3.97 -4.80 -26.09
O6 BMA L . 5.78 -4.50 -24.08
C1 MAN L . 4.20 -5.76 -31.06
C2 MAN L . 5.22 -6.09 -32.15
C3 MAN L . 5.61 -4.82 -32.91
C4 MAN L . 4.36 -4.11 -33.44
C5 MAN L . 3.38 -3.88 -32.30
C6 MAN L . 2.07 -3.29 -32.76
O2 MAN L . 4.66 -7.04 -33.06
O3 MAN L . 6.48 -5.15 -33.99
O4 MAN L . 4.73 -2.86 -34.00
O5 MAN L . 3.07 -5.13 -31.66
O6 MAN L . 2.25 -2.02 -33.37
C1 MAN L . 6.82 -4.00 -23.20
C2 MAN L . 6.56 -4.53 -21.80
C3 MAN L . 5.28 -3.94 -21.23
C4 MAN L . 5.32 -2.42 -21.29
C5 MAN L . 5.61 -1.98 -22.72
C6 MAN L . 5.77 -0.48 -22.86
O2 MAN L . 7.65 -4.21 -20.95
O3 MAN L . 5.08 -4.37 -19.88
O4 MAN L . 4.08 -1.87 -20.86
O5 MAN L . 6.83 -2.57 -23.18
O6 MAN L . 6.00 -0.11 -24.20
C1 NAG M . 19.60 -21.15 2.43
C2 NAG M . 21.10 -21.41 2.39
C3 NAG M . 21.45 -22.30 1.19
C4 NAG M . 20.59 -23.57 1.19
C5 NAG M . 19.12 -23.20 1.31
C6 NAG M . 18.23 -24.42 1.45
C7 NAG M . 22.97 -19.94 2.99
C8 NAG M . 23.59 -18.58 2.81
N2 NAG M . 21.84 -20.16 2.32
O3 NAG M . 22.83 -22.65 1.26
O4 NAG M . 20.77 -24.23 -0.06
O5 NAG M . 18.90 -22.40 2.47
O6 NAG M . 16.86 -24.05 1.50
O7 NAG M . 23.46 -20.78 3.73
C1 NAG M . 21.50 -25.47 0.06
C2 NAG M . 21.04 -26.38 -1.08
C3 NAG M . 21.82 -27.69 -1.06
C4 NAG M . 23.32 -27.39 -1.10
C5 NAG M . 23.69 -26.46 0.04
C6 NAG M . 25.14 -26.03 0.02
C7 NAG M . 18.70 -25.99 -1.71
C8 NAG M . 17.28 -26.40 -1.50
N2 NAG M . 19.62 -26.65 -0.98
O3 NAG M . 21.45 -28.49 -2.17
O4 NAG M . 24.05 -28.60 -0.97
O5 NAG M . 22.91 -25.25 -0.04
O6 NAG M . 25.46 -25.21 1.13
O7 NAG M . 19.01 -25.09 -2.49
C1 BMA M . 24.75 -28.90 -2.19
C2 BMA M . 25.75 -30.02 -1.89
C3 BMA M . 26.51 -30.40 -3.15
C4 BMA M . 25.54 -30.74 -4.27
C5 BMA M . 24.53 -29.61 -4.47
C6 BMA M . 23.46 -29.96 -5.47
O2 BMA M . 25.05 -31.14 -1.38
O3 BMA M . 27.34 -31.52 -2.88
O4 BMA M . 26.26 -30.94 -5.49
O5 BMA M . 23.87 -29.33 -3.24
O6 BMA M . 22.82 -31.19 -5.14
C1 MAN M . 28.71 -31.10 -2.73
C2 MAN M . 29.61 -32.16 -3.34
C3 MAN M . 29.49 -33.45 -2.55
C4 MAN M . 29.78 -33.20 -1.08
C5 MAN M . 28.88 -32.08 -0.56
C6 MAN M . 29.19 -31.69 0.86
O2 MAN M . 30.95 -31.71 -3.36
O3 MAN M . 30.40 -34.43 -3.07
O4 MAN M . 29.54 -34.39 -0.32
O5 MAN M . 29.06 -30.91 -1.36
O6 MAN M . 28.36 -30.62 1.30
C1 MAN M . 22.20 -31.72 -6.33
C2 MAN M . 20.88 -32.40 -5.94
C3 MAN M . 21.16 -33.62 -5.07
C4 MAN M . 22.13 -34.56 -5.77
C5 MAN M . 23.39 -33.80 -6.14
C6 MAN M . 24.38 -34.62 -6.93
O2 MAN M . 20.18 -32.79 -7.11
O3 MAN M . 19.93 -34.30 -4.79
O4 MAN M . 22.48 -35.65 -4.92
O5 MAN M . 23.06 -32.67 -6.98
O6 MAN M . 25.56 -33.88 -7.25
C1 NAG N . 34.26 -10.90 -30.23
C2 NAG N . 35.58 -10.14 -30.14
C3 NAG N . 36.66 -11.02 -29.53
C4 NAG N . 36.19 -11.54 -28.17
C5 NAG N . 34.87 -12.28 -28.35
C6 NAG N . 34.28 -12.75 -27.04
C7 NAG N . 36.80 -8.59 -31.60
C8 NAG N . 37.12 -8.21 -33.01
N2 NAG N . 35.99 -9.65 -31.44
O3 NAG N . 37.86 -10.26 -29.37
O4 NAG N . 37.16 -12.42 -27.62
O5 NAG N . 33.90 -11.40 -28.93
O6 NAG N . 34.03 -11.65 -26.16
O7 NAG N . 37.24 -7.97 -30.64
C1 NAG N . 37.77 -11.76 -26.49
C2 NAG N . 38.28 -12.81 -25.52
C3 NAG N . 38.98 -12.14 -24.34
C4 NAG N . 40.08 -11.23 -24.84
C5 NAG N . 39.49 -10.22 -25.84
C6 NAG N . 40.54 -9.33 -26.47
C7 NAG N . 37.10 -14.96 -25.36
C8 NAG N . 35.91 -15.69 -24.80
N2 NAG N . 37.19 -13.66 -25.05
O3 NAG N . 39.54 -13.15 -23.48
O4 NAG N . 40.67 -10.52 -23.76
O5 NAG N . 38.86 -10.94 -26.91
O6 NAG N . 41.23 -8.56 -25.48
O7 NAG N . 37.93 -15.52 -26.07
N POV O . 20.38 26.55 8.48
P POV O . 15.59 26.96 7.86
C1 POV O . 15.46 28.89 9.66
C2 POV O . 15.65 28.89 11.14
C3 POV O . 16.64 27.84 11.58
C210 POV O . 7.53 29.26 22.12
C310 POV O . 18.19 27.78 24.50
C11 POV O . 18.16 27.26 7.39
O11 POV O . 15.05 27.57 9.24
C211 POV O . 6.51 28.19 21.95
C311 POV O . 17.39 27.27 25.68
C12 POV O . 18.98 27.05 8.66
O12 POV O . 16.89 27.87 7.71
C212 POV O . 7.05 26.80 22.25
C312 POV O . 18.04 27.57 27.02
C13 POV O . 21.24 26.99 9.62
O13 POV O . 15.97 25.54 8.05
C213 POV O . 6.22 25.67 21.68
C313 POV O . 17.25 27.06 28.22
C14 POV O . 20.38 25.05 8.43
O14 POV O . 14.64 27.32 6.79
C214 POV O . 6.77 24.28 21.97
C314 POV O . 17.97 27.23 29.54
C15 POV O . 20.96 27.08 7.21
C215 POV O . 6.07 23.14 21.23
C315 POV O . 17.19 26.73 30.75
C216 POV O . 4.70 22.76 21.77
C316 POV O . 15.90 27.48 30.97
C217 POV O . 3.53 23.60 21.27
C218 POV O . 2.19 23.09 21.76
C21 POV O . 14.11 29.20 12.94
O21 POV O . 14.37 28.58 11.78
C22 POV O . 12.78 28.79 13.49
O22 POV O . 14.86 29.99 13.47
C23 POV O . 12.46 29.51 14.80
C24 POV O . 11.17 29.04 15.46
C25 POV O . 10.91 29.72 16.81
C26 POV O . 9.74 29.16 17.58
C27 POV O . 9.59 29.75 18.97
C28 POV O . 8.48 29.11 19.80
C29 POV O . 8.37 29.66 21.18
C31 POV O . 18.00 27.70 13.52
O31 POV O . 16.78 27.93 13.02
C32 POV O . 18.01 27.83 15.02
O32 POV O . 18.96 27.43 12.85
C33 POV O . 19.22 27.18 15.66
C34 POV O . 19.54 27.72 17.04
C35 POV O . 18.49 27.41 18.10
C36 POV O . 18.90 27.89 19.48
C37 POV O . 17.98 27.44 20.62
C38 POV O . 18.48 27.87 21.98
C39 POV O . 17.62 27.40 23.15
N ABU P . 7.96 21.99 -25.55
CD ABU P . 8.90 20.84 -25.59
CB ABU P . 10.32 21.28 -25.73
CG ABU P . 11.28 20.11 -25.70
C ABU P . 12.75 20.49 -25.83
O ABU P . 13.22 21.31 -25.02
OXT ABU P . 13.39 19.95 -26.76
C1 D10 Q . -18.86 31.55 41.63
C2 D10 Q . -17.69 30.60 41.82
C3 D10 Q . -17.24 29.96 40.52
C4 D10 Q . -16.09 28.99 40.71
C5 D10 Q . -15.69 28.24 39.44
C6 D10 Q . -15.15 29.12 38.34
C7 D10 Q . -14.70 28.35 37.10
C8 D10 Q . -14.14 29.23 36.01
C9 D10 Q . -13.70 28.47 34.77
C10 D10 Q . -13.15 29.39 33.70
N ABU R . -20.03 -17.05 -17.29
CD ABU R . -20.09 -15.73 -17.97
CB ABU R . -21.51 -15.26 -18.17
CG ABU R . -21.54 -13.88 -18.80
C ABU R . -22.94 -13.35 -19.06
O ABU R . -23.11 -12.11 -19.01
OXT ABU R . -23.85 -14.18 -19.30
C1 D10 S . -5.20 -10.32 47.75
C2 D10 S . -6.31 -10.30 46.73
C3 D10 S . -5.80 -10.43 45.30
C4 D10 S . -6.89 -10.41 44.25
C5 D10 S . -7.91 -11.54 44.39
C6 D10 S . -7.30 -12.92 44.33
C7 D10 S . -8.31 -14.06 44.41
C8 D10 S . -9.13 -14.06 45.70
C9 D10 S . -10.12 -15.21 45.79
C10 D10 S . -10.91 -15.22 47.07
#